data_6L0K
#
_entry.id   6L0K
#
_cell.length_a   85.824
_cell.length_b   88.856
_cell.length_c   103.751
_cell.angle_alpha   90.000
_cell.angle_beta   95.380
_cell.angle_gamma   90.000
#
_symmetry.space_group_name_H-M   'P 1 21 1'
#
loop_
_entity.id
_entity.type
_entity.pdbx_description
1 polymer Dihydroorotase
2 non-polymer 'ZINC ION'
3 non-polymer '(2S)-2-hydroxybutanedioic acid'
#
_entity_poly.entity_id   1
_entity_poly.type   'polypeptide(L)'
_entity_poly.pdbx_seq_one_letter_code
;MVQEIDLGLTCDMHVHVREGAMCELVTPKIRDGGVSIAYIMPNLQPPITTLDRVIEYKKTLQKLAPKTTFLMSFYLSKDL
TPDLIHEAAQQHAIRGV(KCX)CYPAGVTTNSAAGVDPNDFSAFYPIFKAMQEENLVLNLHGEKPSVHDGDKEPIHVLNA
EEAFLPALKKLHNDFPNLKIILEHCTSESAIKTIEDINKNVKKATDVKVAATLTAHHLFLTIDDWAGNPVNFCKPVAKLP
NDKKALVKAAVSGKPYFFFGSDSAPHPVQNKANYEGVCAGVYSQSFAIPYIAQVFEEQNALENLKGFVSDFGISFYEVKD
SEVASSDKAILFKKEQVIPQVISDGKDISIIPFKAGDKLSWSVRWEPRLEHHHHHH
;
_entity_poly.pdbx_strand_id   A,B,C,D
#
loop_
_chem_comp.id
_chem_comp.type
_chem_comp.name
_chem_comp.formula
LMR non-polymer '(2S)-2-hydroxybutanedioic acid' 'C4 H6 O5'
ZN non-polymer 'ZINC ION' 'Zn 2'
#
# COMPACT_ATOMS: atom_id res chain seq x y z
N VAL A 2 -26.52 28.63 -12.95
CA VAL A 2 -26.96 29.73 -13.79
C VAL A 2 -26.00 29.87 -14.97
N GLN A 3 -26.47 30.48 -16.05
CA GLN A 3 -25.61 30.78 -17.18
C GLN A 3 -25.15 32.23 -17.10
N GLU A 4 -23.88 32.46 -17.45
CA GLU A 4 -23.13 33.69 -17.20
C GLU A 4 -22.75 33.81 -15.72
N ILE A 5 -21.45 33.83 -15.44
CA ILE A 5 -20.90 34.02 -14.10
C ILE A 5 -19.77 35.04 -14.18
N ASP A 6 -19.86 36.09 -13.35
CA ASP A 6 -18.84 37.12 -13.32
C ASP A 6 -17.65 36.63 -12.49
N LEU A 7 -16.48 36.51 -13.11
CA LEU A 7 -15.30 36.03 -12.43
C LEU A 7 -14.35 37.14 -12.01
N GLY A 8 -14.44 38.31 -12.64
CA GLY A 8 -13.60 39.43 -12.23
C GLY A 8 -12.21 39.33 -12.82
N LEU A 9 -11.19 39.50 -11.97
CA LEU A 9 -9.80 39.42 -12.38
C LEU A 9 -9.32 38.00 -12.13
N THR A 10 -9.10 37.25 -13.20
CA THR A 10 -8.80 35.82 -13.11
C THR A 10 -7.30 35.58 -12.89
N CYS A 11 -7.00 34.53 -12.14
CA CYS A 11 -5.64 34.25 -11.65
C CYS A 11 -5.15 32.93 -12.22
N ASP A 12 -4.05 32.98 -12.97
CA ASP A 12 -3.33 31.79 -13.41
C ASP A 12 -1.91 31.91 -12.86
N MET A 13 -1.66 31.26 -11.74
CA MET A 13 -0.39 31.41 -11.02
C MET A 13 0.66 30.40 -11.46
N HIS A 14 0.70 30.06 -12.75
CA HIS A 14 1.69 29.15 -13.31
C HIS A 14 1.55 29.12 -14.82
N VAL A 15 2.26 30.00 -15.52
CA VAL A 15 2.12 30.18 -16.96
C VAL A 15 3.47 30.03 -17.63
N HIS A 16 3.52 29.28 -18.72
CA HIS A 16 4.72 29.11 -19.52
C HIS A 16 4.48 29.72 -20.90
N VAL A 17 5.41 30.54 -21.37
CA VAL A 17 5.19 31.33 -22.58
C VAL A 17 6.38 31.26 -23.54
N ARG A 18 7.52 30.75 -23.08
CA ARG A 18 8.72 30.57 -23.91
C ARG A 18 9.19 31.94 -24.42
N GLU A 19 9.80 31.95 -25.60
CA GLU A 19 10.22 33.16 -26.29
C GLU A 19 9.98 32.96 -27.78
N GLY A 20 10.69 33.72 -28.60
CA GLY A 20 10.73 33.60 -30.05
C GLY A 20 9.36 33.61 -30.69
N ALA A 21 9.24 32.93 -31.84
CA ALA A 21 7.97 32.81 -32.52
C ALA A 21 6.92 32.11 -31.67
N MET A 22 7.35 31.37 -30.64
CA MET A 22 6.42 30.69 -29.77
C MET A 22 5.66 31.68 -28.88
N CYS A 23 6.39 32.63 -28.30
CA CYS A 23 5.78 33.59 -27.38
C CYS A 23 4.75 34.46 -28.09
N GLU A 24 4.94 34.71 -29.38
CA GLU A 24 4.01 35.56 -30.12
C GLU A 24 2.71 34.84 -30.45
N LEU A 25 2.69 33.51 -30.40
CA LEU A 25 1.46 32.74 -30.51
C LEU A 25 0.78 32.56 -29.17
N VAL A 26 1.52 32.62 -28.06
CA VAL A 26 1.03 32.14 -26.77
C VAL A 26 0.51 33.27 -25.91
N THR A 27 1.33 34.31 -25.71
CA THR A 27 0.93 35.39 -24.81
C THR A 27 -0.37 36.08 -25.21
N PRO A 28 -0.75 36.19 -26.48
CA PRO A 28 -2.12 36.64 -26.78
C PRO A 28 -3.19 35.69 -26.26
N LYS A 29 -2.87 34.41 -26.08
CA LYS A 29 -3.85 33.42 -25.68
C LYS A 29 -4.06 33.34 -24.17
N ILE A 30 -3.20 33.98 -23.37
CA ILE A 30 -3.52 34.19 -21.96
C ILE A 30 -4.84 34.95 -21.85
N ARG A 31 -4.93 36.08 -22.56
CA ARG A 31 -6.18 36.83 -22.65
C ARG A 31 -7.29 35.97 -23.22
N ASP A 32 -7.00 35.25 -24.31
CA ASP A 32 -8.03 34.44 -24.97
C ASP A 32 -8.61 33.40 -24.03
N GLY A 33 -7.78 32.80 -23.18
CA GLY A 33 -8.25 31.76 -22.29
C GLY A 33 -9.10 32.22 -21.13
N GLY A 34 -9.29 33.52 -20.98
CA GLY A 34 -10.05 34.05 -19.85
C GLY A 34 -9.22 34.47 -18.67
N VAL A 35 -7.92 34.68 -18.86
CA VAL A 35 -6.99 35.00 -17.79
C VAL A 35 -6.52 36.44 -17.94
N SER A 36 -6.65 37.23 -16.88
CA SER A 36 -6.17 38.60 -16.84
C SER A 36 -4.88 38.75 -16.05
N ILE A 37 -4.73 38.00 -14.96
CA ILE A 37 -3.51 38.00 -14.16
C ILE A 37 -2.82 36.66 -14.36
N ALA A 38 -1.56 36.70 -14.81
CA ALA A 38 -0.83 35.48 -15.11
C ALA A 38 0.58 35.57 -14.57
N TYR A 39 0.99 34.56 -13.81
CA TYR A 39 2.35 34.46 -13.27
C TYR A 39 3.24 33.74 -14.28
N ILE A 40 4.36 34.37 -14.63
CA ILE A 40 5.23 33.89 -15.70
C ILE A 40 6.42 33.16 -15.08
N MET A 41 6.68 31.94 -15.55
CA MET A 41 7.74 31.06 -15.06
C MET A 41 9.05 31.34 -15.77
N PRO A 42 10.19 30.96 -15.16
CA PRO A 42 11.47 31.50 -15.65
C PRO A 42 12.42 30.51 -16.32
N ASN A 43 11.92 29.45 -16.96
CA ASN A 43 12.80 28.44 -17.55
C ASN A 43 12.90 28.67 -19.06
N LEU A 44 13.93 29.39 -19.48
CA LEU A 44 14.23 29.64 -20.88
C LEU A 44 15.61 29.12 -21.22
N GLN A 45 16.04 29.39 -22.46
CA GLN A 45 17.40 29.10 -22.91
C GLN A 45 18.11 30.41 -23.19
N PRO A 46 18.91 30.95 -22.26
CA PRO A 46 19.21 30.43 -20.92
C PRO A 46 18.15 30.81 -19.87
N PRO A 47 18.20 30.17 -18.70
CA PRO A 47 17.28 30.54 -17.61
C PRO A 47 17.34 32.02 -17.27
N ILE A 48 16.20 32.56 -16.87
CA ILE A 48 16.08 33.98 -16.54
C ILE A 48 16.62 34.19 -15.13
N THR A 49 17.78 34.85 -15.02
CA THR A 49 18.42 35.05 -13.74
C THR A 49 18.93 36.46 -13.50
N THR A 50 18.89 37.36 -14.48
CA THR A 50 19.40 38.71 -14.32
C THR A 50 18.29 39.73 -14.50
N LEU A 51 18.50 40.91 -13.91
CA LEU A 51 17.50 41.98 -13.96
C LEU A 51 17.29 42.49 -15.37
N ASP A 52 18.33 42.49 -16.21
CA ASP A 52 18.19 42.92 -17.59
C ASP A 52 17.15 42.07 -18.31
N ARG A 53 17.28 40.75 -18.22
CA ARG A 53 16.44 39.88 -19.03
C ARG A 53 15.02 39.82 -18.51
N VAL A 54 14.85 39.74 -17.18
CA VAL A 54 13.51 39.63 -16.61
C VAL A 54 12.68 40.86 -16.93
N ILE A 55 13.32 42.02 -17.07
CA ILE A 55 12.56 43.23 -17.36
C ILE A 55 12.33 43.38 -18.86
N GLU A 56 13.32 43.00 -19.67
CA GLU A 56 13.14 42.99 -21.11
C GLU A 56 12.15 41.91 -21.53
N TYR A 57 12.14 40.79 -20.81
CA TYR A 57 11.10 39.77 -20.98
C TYR A 57 9.74 40.33 -20.60
N LYS A 58 9.67 40.98 -19.44
CA LYS A 58 8.44 41.62 -19.01
C LYS A 58 7.95 42.66 -20.02
N LYS A 59 8.87 43.29 -20.74
CA LYS A 59 8.48 44.35 -21.66
C LYS A 59 8.03 43.79 -23.00
N THR A 60 8.72 42.77 -23.50
CA THR A 60 8.27 42.12 -24.73
C THR A 60 6.91 41.46 -24.54
N LEU A 61 6.65 40.95 -23.34
CA LEU A 61 5.33 40.41 -23.01
C LEU A 61 4.25 41.47 -23.17
N GLN A 62 4.54 42.71 -22.76
CA GLN A 62 3.52 43.75 -22.73
C GLN A 62 3.20 44.29 -24.11
N LYS A 63 4.18 44.28 -25.03
CA LYS A 63 3.90 44.68 -26.40
C LYS A 63 3.03 43.65 -27.12
N LEU A 64 3.07 42.40 -26.69
CA LEU A 64 2.31 41.33 -27.32
C LEU A 64 0.96 41.08 -26.66
N ALA A 65 0.72 41.65 -25.48
CA ALA A 65 -0.56 41.52 -24.78
C ALA A 65 -0.70 42.62 -23.74
N PRO A 66 -1.21 43.80 -24.12
CA PRO A 66 -1.27 44.90 -23.16
C PRO A 66 -2.24 44.67 -22.01
N LYS A 67 -3.43 44.14 -22.29
CA LYS A 67 -4.46 44.00 -21.27
C LYS A 67 -4.13 42.94 -20.23
N THR A 68 -3.13 42.11 -20.48
CA THR A 68 -2.76 41.04 -19.55
C THR A 68 -1.76 41.58 -18.52
N THR A 69 -2.01 41.27 -17.26
CA THR A 69 -1.12 41.65 -16.16
C THR A 69 -0.10 40.55 -15.93
N PHE A 70 1.17 40.92 -15.88
CA PHE A 70 2.27 39.97 -15.81
C PHE A 70 2.99 40.08 -14.48
N LEU A 71 3.17 38.94 -13.81
CA LEU A 71 3.97 38.83 -12.59
C LEU A 71 5.13 37.89 -12.88
N MET A 72 6.35 38.38 -12.68
CA MET A 72 7.54 37.72 -13.21
C MET A 72 8.31 37.02 -12.10
N SER A 73 9.27 36.18 -12.52
CA SER A 73 9.95 35.28 -11.60
C SER A 73 11.40 35.09 -12.00
N PHE A 74 12.23 34.73 -11.02
CA PHE A 74 13.61 34.35 -11.23
C PHE A 74 13.74 32.83 -11.24
N TYR A 75 14.69 32.35 -12.03
CA TYR A 75 15.09 30.95 -11.97
C TYR A 75 15.95 30.72 -10.73
N LEU A 76 15.66 29.65 -9.99
CA LEU A 76 16.51 29.29 -8.85
C LEU A 76 17.75 28.61 -9.40
N SER A 77 18.80 29.39 -9.59
CA SER A 77 20.08 28.90 -10.10
C SER A 77 21.18 29.24 -9.11
N LYS A 78 22.33 28.59 -9.27
CA LYS A 78 23.46 28.91 -8.41
C LYS A 78 24.08 30.26 -8.74
N ASP A 79 23.73 30.85 -9.87
CA ASP A 79 24.19 32.19 -10.26
C ASP A 79 23.31 33.28 -9.68
N LEU A 80 22.96 33.17 -8.40
CA LEU A 80 22.04 34.11 -7.76
C LEU A 80 22.58 34.52 -6.40
N THR A 81 22.35 35.79 -6.05
CA THR A 81 22.83 36.34 -4.79
C THR A 81 21.67 36.94 -4.01
N PRO A 82 21.76 36.97 -2.68
CA PRO A 82 20.80 37.77 -1.90
C PRO A 82 20.86 39.25 -2.22
N ASP A 83 21.95 39.74 -2.81
CA ASP A 83 21.95 41.10 -3.35
C ASP A 83 20.98 41.22 -4.51
N LEU A 84 21.02 40.24 -5.42
CA LEU A 84 20.17 40.30 -6.61
C LEU A 84 18.70 40.24 -6.23
N ILE A 85 18.39 39.65 -5.07
CA ILE A 85 17.01 39.61 -4.61
C ILE A 85 16.53 40.99 -4.23
N HIS A 86 17.30 41.69 -3.40
CA HIS A 86 16.90 43.01 -2.92
C HIS A 86 16.84 44.04 -4.04
N GLU A 87 17.73 43.93 -5.03
CA GLU A 87 17.77 44.90 -6.11
C GLU A 87 16.69 44.66 -7.16
N ALA A 88 16.06 43.49 -7.16
CA ALA A 88 14.91 43.21 -8.01
C ALA A 88 13.59 43.34 -7.27
N ALA A 89 13.58 43.07 -5.97
CA ALA A 89 12.33 43.20 -5.20
C ALA A 89 11.96 44.67 -4.99
N GLN A 90 12.95 45.52 -4.75
CA GLN A 90 12.66 46.94 -4.53
C GLN A 90 12.30 47.64 -5.84
N GLN A 91 12.91 47.23 -6.95
CA GLN A 91 12.61 47.83 -8.25
C GLN A 91 11.43 47.16 -8.94
N HIS A 92 10.60 46.46 -8.18
CA HIS A 92 9.32 45.90 -8.64
C HIS A 92 9.47 45.18 -9.99
N ALA A 93 10.32 44.16 -10.00
CA ALA A 93 10.56 43.35 -11.19
C ALA A 93 10.15 41.90 -11.03
N ILE A 94 10.40 41.30 -9.88
CA ILE A 94 10.10 39.90 -9.64
C ILE A 94 9.05 39.80 -8.53
N ARG A 95 8.15 38.83 -8.67
CA ARG A 95 7.22 38.47 -7.60
C ARG A 95 7.69 37.24 -6.81
N GLY A 96 8.66 36.50 -7.33
CA GLY A 96 9.17 35.35 -6.62
C GLY A 96 10.24 34.64 -7.41
N VAL A 97 10.75 33.57 -6.82
CA VAL A 97 11.76 32.74 -7.48
C VAL A 97 11.27 31.30 -7.51
N KCX A 98 11.44 30.64 -8.65
CA KCX A 98 10.90 29.29 -8.86
CB KCX A 98 10.14 29.24 -10.20
CG KCX A 98 9.89 27.84 -10.75
CD KCX A 98 8.81 27.09 -9.97
CE KCX A 98 8.40 25.82 -10.70
NZ KCX A 98 7.90 26.12 -12.08
C KCX A 98 11.98 28.21 -8.82
O KCX A 98 12.94 28.27 -9.58
CX KCX A 98 7.53 25.12 -12.89
OQ1 KCX A 98 7.11 25.37 -14.02
OQ2 KCX A 98 7.59 23.95 -12.49
N CYS A 99 11.81 27.24 -7.95
CA CYS A 99 12.79 26.16 -7.78
C CYS A 99 12.56 25.01 -8.74
N TYR A 100 13.55 24.75 -9.60
CA TYR A 100 13.52 23.61 -10.50
C TYR A 100 14.50 22.56 -10.03
N PRO A 101 14.07 21.34 -9.74
CA PRO A 101 15.03 20.26 -9.53
C PRO A 101 15.67 19.85 -10.86
N ALA A 102 16.93 19.44 -10.77
CA ALA A 102 17.72 19.19 -11.98
C ALA A 102 17.27 17.91 -12.66
N GLY A 103 16.87 18.03 -13.93
CA GLY A 103 16.64 16.89 -14.79
C GLY A 103 15.20 16.40 -14.86
N VAL A 104 14.34 16.83 -13.92
CA VAL A 104 13.01 16.22 -13.85
C VAL A 104 12.13 16.67 -15.02
N THR A 105 12.36 17.86 -15.56
CA THR A 105 11.40 18.43 -16.49
C THR A 105 12.14 19.27 -17.53
N THR A 106 11.37 20.03 -18.31
CA THR A 106 11.90 20.75 -19.46
C THR A 106 12.72 21.96 -19.01
N ASN A 107 13.93 22.08 -19.59
CA ASN A 107 14.86 23.16 -19.27
C ASN A 107 15.21 23.20 -17.79
N SER A 108 15.09 22.07 -17.12
CA SER A 108 15.46 21.96 -15.71
C SER A 108 16.89 21.49 -15.51
N ALA A 109 17.64 21.29 -16.59
CA ALA A 109 19.03 20.85 -16.47
C ALA A 109 19.89 21.86 -15.72
N ALA A 110 19.46 23.11 -15.63
CA ALA A 110 20.13 24.13 -14.84
C ALA A 110 19.60 24.21 -13.41
N GLY A 111 18.95 23.15 -12.93
CA GLY A 111 18.21 23.18 -11.69
C GLY A 111 19.05 22.93 -10.46
N VAL A 112 18.37 22.55 -9.37
CA VAL A 112 18.97 22.42 -8.05
C VAL A 112 18.83 20.98 -7.57
N ASP A 113 19.60 20.66 -6.52
CA ASP A 113 19.62 19.34 -5.92
C ASP A 113 18.77 19.36 -4.67
N PRO A 114 17.58 18.75 -4.66
CA PRO A 114 16.67 18.91 -3.52
C PRO A 114 17.07 18.11 -2.29
N ASN A 115 18.06 17.22 -2.39
CA ASN A 115 18.57 16.57 -1.20
C ASN A 115 19.39 17.50 -0.32
N ASP A 116 19.79 18.67 -0.84
CA ASP A 116 20.52 19.65 -0.05
C ASP A 116 20.14 21.05 -0.57
N PHE A 117 19.14 21.65 0.09
CA PHE A 117 18.74 23.02 -0.17
C PHE A 117 19.64 24.03 0.52
N SER A 118 20.58 23.57 1.34
CA SER A 118 21.21 24.43 2.34
C SER A 118 21.98 25.59 1.72
N ALA A 119 22.55 25.39 0.52
CA ALA A 119 23.29 26.47 -0.11
C ALA A 119 22.40 27.66 -0.43
N PHE A 120 21.12 27.40 -0.70
CA PHE A 120 20.16 28.45 -1.05
C PHE A 120 19.44 29.03 0.16
N TYR A 121 19.83 28.65 1.37
CA TYR A 121 19.24 29.27 2.56
C TYR A 121 19.50 30.78 2.63
N PRO A 122 20.69 31.30 2.28
CA PRO A 122 20.82 32.76 2.21
C PRO A 122 19.87 33.42 1.22
N ILE A 123 19.42 32.69 0.20
CA ILE A 123 18.50 33.27 -0.78
C ILE A 123 17.09 33.33 -0.21
N PHE A 124 16.64 32.22 0.39
CA PHE A 124 15.31 32.20 1.00
C PHE A 124 15.22 33.14 2.20
N LYS A 125 16.36 33.49 2.79
CA LYS A 125 16.37 34.48 3.87
C LYS A 125 16.05 35.87 3.31
N ALA A 126 16.59 36.21 2.14
CA ALA A 126 16.28 37.48 1.49
C ALA A 126 14.88 37.47 0.89
N MET A 127 14.45 36.34 0.33
CA MET A 127 13.11 36.24 -0.22
C MET A 127 12.06 36.41 0.85
N GLN A 128 12.35 35.96 2.08
CA GLN A 128 11.42 36.16 3.18
C GLN A 128 11.38 37.63 3.60
N GLU A 129 12.54 38.30 3.58
CA GLU A 129 12.59 39.71 3.95
C GLU A 129 11.70 40.56 3.05
N GLU A 130 11.69 40.25 1.75
CA GLU A 130 10.99 41.06 0.76
C GLU A 130 9.59 40.57 0.45
N ASN A 131 9.07 39.63 1.25
CA ASN A 131 7.73 39.08 1.08
C ASN A 131 7.50 38.58 -0.34
N LEU A 132 8.48 37.85 -0.85
CA LEU A 132 8.38 37.23 -2.16
C LEU A 132 7.84 35.81 -2.04
N VAL A 133 7.53 35.20 -3.18
CA VAL A 133 6.84 33.92 -3.25
C VAL A 133 7.82 32.85 -3.70
N LEU A 134 7.88 31.75 -2.96
CA LEU A 134 8.75 30.61 -3.27
C LEU A 134 7.93 29.56 -4.02
N ASN A 135 8.12 29.49 -5.34
CA ASN A 135 7.44 28.50 -6.17
C ASN A 135 8.28 27.23 -6.21
N LEU A 136 7.72 26.13 -5.72
CA LEU A 136 8.43 24.86 -5.60
C LEU A 136 7.84 23.83 -6.54
N HIS A 137 8.67 23.29 -7.43
CA HIS A 137 8.29 22.12 -8.23
C HIS A 137 8.65 20.90 -7.39
N GLY A 138 7.70 20.44 -6.58
CA GLY A 138 7.95 19.37 -5.64
C GLY A 138 8.14 18.00 -6.25
N GLU A 139 9.39 17.66 -6.60
CA GLU A 139 9.68 16.34 -7.16
C GLU A 139 11.17 16.07 -6.98
N LYS A 140 11.49 15.04 -6.20
CA LYS A 140 12.87 14.58 -6.12
C LYS A 140 13.28 13.92 -7.43
N PRO A 141 14.54 14.04 -7.85
CA PRO A 141 14.96 13.37 -9.07
C PRO A 141 15.15 11.88 -8.83
N SER A 142 14.96 11.10 -9.91
CA SER A 142 14.84 9.66 -9.78
C SER A 142 16.12 9.03 -9.25
N VAL A 143 15.95 8.02 -8.39
CA VAL A 143 17.06 7.25 -7.82
C VAL A 143 16.70 5.78 -7.98
N HIS A 144 17.27 5.13 -9.00
CA HIS A 144 17.16 3.68 -9.11
C HIS A 144 17.84 3.02 -7.91
N ASP A 145 19.06 3.45 -7.60
CA ASP A 145 19.81 3.10 -6.40
C ASP A 145 19.87 1.60 -6.13
N GLY A 146 18.90 1.10 -5.36
CA GLY A 146 18.91 -0.25 -4.84
C GLY A 146 19.31 -0.34 -3.38
N ASP A 147 20.09 0.63 -2.89
CA ASP A 147 20.45 0.69 -1.49
C ASP A 147 19.37 1.40 -0.70
N LYS A 148 19.35 2.74 -0.76
CA LYS A 148 18.27 3.50 -0.17
C LYS A 148 17.05 3.47 -1.11
N GLU A 149 15.88 3.69 -0.51
CA GLU A 149 14.55 3.62 -1.14
C GLU A 149 14.54 4.13 -2.58
N PRO A 150 13.78 3.50 -3.47
CA PRO A 150 13.69 3.98 -4.85
C PRO A 150 12.78 5.18 -4.97
N ILE A 151 13.20 6.14 -5.80
CA ILE A 151 12.41 7.32 -6.13
C ILE A 151 12.09 7.26 -7.61
N HIS A 152 10.81 7.24 -7.94
CA HIS A 152 10.36 7.13 -9.32
C HIS A 152 9.31 8.20 -9.60
N VAL A 153 8.92 8.31 -10.88
CA VAL A 153 8.02 9.37 -11.31
C VAL A 153 6.68 9.30 -10.60
N LEU A 154 6.32 8.13 -10.06
CA LEU A 154 5.02 7.98 -9.43
C LEU A 154 5.03 8.42 -7.98
N ASN A 155 6.18 8.35 -7.30
CA ASN A 155 6.28 8.71 -5.89
C ASN A 155 7.24 9.87 -5.64
N ALA A 156 7.68 10.57 -6.69
CA ALA A 156 8.64 11.64 -6.51
C ALA A 156 8.03 12.84 -5.80
N GLU A 157 6.71 13.06 -5.97
CA GLU A 157 6.06 14.18 -5.30
C GLU A 157 5.92 13.93 -3.81
N GLU A 158 5.50 12.71 -3.44
CA GLU A 158 5.43 12.36 -2.02
C GLU A 158 6.80 12.43 -1.36
N ALA A 159 7.86 12.15 -2.12
CA ALA A 159 9.21 12.19 -1.55
C ALA A 159 9.63 13.61 -1.21
N PHE A 160 9.12 14.60 -1.94
CA PHE A 160 9.50 16.00 -1.69
C PHE A 160 8.82 16.58 -0.46
N LEU A 161 7.67 16.01 -0.06
CA LEU A 161 6.90 16.58 1.04
C LEU A 161 7.68 16.73 2.34
N PRO A 162 8.59 15.81 2.73
CA PRO A 162 9.43 16.10 3.90
C PRO A 162 10.26 17.37 3.75
N ALA A 163 10.89 17.56 2.59
CA ALA A 163 11.72 18.74 2.39
C ALA A 163 10.90 20.03 2.48
N LEU A 164 9.62 19.97 2.14
CA LEU A 164 8.78 21.16 2.25
C LEU A 164 8.43 21.47 3.70
N LYS A 165 8.14 20.44 4.50
CA LYS A 165 7.89 20.66 5.92
C LYS A 165 9.15 21.07 6.67
N LYS A 166 10.32 20.87 6.06
CA LYS A 166 11.54 21.50 6.55
C LYS A 166 11.55 22.99 6.22
N LEU A 167 11.34 23.31 4.93
CA LEU A 167 11.39 24.70 4.49
C LEU A 167 10.38 25.58 5.19
N HIS A 168 9.25 25.00 5.60
CA HIS A 168 8.22 25.77 6.29
C HIS A 168 8.54 25.96 7.77
N ASN A 169 9.40 25.11 8.34
CA ASN A 169 9.83 25.29 9.72
C ASN A 169 10.93 26.34 9.83
N ASP A 170 11.82 26.41 8.84
CA ASP A 170 12.96 27.32 8.89
C ASP A 170 12.64 28.71 8.34
N PHE A 171 11.57 28.85 7.56
CA PHE A 171 11.17 30.14 6.98
C PHE A 171 9.67 30.30 7.22
N PRO A 172 9.25 30.48 8.48
CA PRO A 172 7.82 30.38 8.80
C PRO A 172 6.98 31.53 8.29
N ASN A 173 7.57 32.58 7.73
CA ASN A 173 6.82 33.67 7.14
C ASN A 173 7.04 33.81 5.64
N LEU A 174 7.99 33.09 5.06
CA LEU A 174 8.17 33.09 3.62
C LEU A 174 6.97 32.42 2.94
N LYS A 175 6.39 33.12 1.97
CA LYS A 175 5.24 32.58 1.25
C LYS A 175 5.72 31.50 0.28
N ILE A 176 5.21 30.29 0.47
CA ILE A 176 5.60 29.11 -0.30
C ILE A 176 4.36 28.52 -0.95
N ILE A 177 4.51 28.07 -2.20
CA ILE A 177 3.49 27.30 -2.88
C ILE A 177 4.07 25.94 -3.26
N LEU A 178 3.28 24.89 -3.06
CA LEU A 178 3.58 23.59 -3.64
C LEU A 178 2.93 23.57 -5.02
N GLU A 179 3.74 23.78 -6.05
CA GLU A 179 3.21 23.88 -7.41
C GLU A 179 2.60 22.57 -7.86
N HIS A 180 1.71 22.67 -8.86
CA HIS A 180 0.92 21.58 -9.43
C HIS A 180 0.88 20.31 -8.59
N CYS A 181 -0.01 20.25 -7.61
CA CYS A 181 -0.19 19.03 -6.85
C CYS A 181 -0.78 17.93 -7.73
N THR A 182 -0.33 16.69 -7.50
CA THR A 182 -0.75 15.56 -8.30
C THR A 182 -1.16 14.34 -7.48
N SER A 183 -0.96 14.35 -6.17
CA SER A 183 -1.14 13.16 -5.35
C SER A 183 -1.95 13.51 -4.11
N GLU A 184 -2.60 12.48 -3.55
CA GLU A 184 -3.35 12.66 -2.31
C GLU A 184 -2.41 12.91 -1.12
N SER A 185 -1.20 12.34 -1.16
CA SER A 185 -0.22 12.61 -0.13
C SER A 185 0.13 14.09 -0.09
N ALA A 186 0.18 14.75 -1.26
CA ALA A 186 0.47 16.17 -1.30
C ALA A 186 -0.69 16.99 -0.77
N ILE A 187 -1.92 16.55 -1.03
CA ILE A 187 -3.09 17.30 -0.58
C ILE A 187 -3.25 17.17 0.94
N LYS A 188 -3.14 15.94 1.46
CA LYS A 188 -3.25 15.73 2.90
C LYS A 188 -2.23 16.58 3.65
N THR A 189 -1.04 16.76 3.07
CA THR A 189 0.00 17.53 3.75
C THR A 189 -0.37 19.02 3.81
N ILE A 190 -0.90 19.57 2.72
CA ILE A 190 -1.28 20.97 2.72
C ILE A 190 -2.48 21.20 3.64
N GLU A 191 -3.40 20.22 3.71
CA GLU A 191 -4.43 20.28 4.74
C GLU A 191 -3.81 20.26 6.13
N ASP A 192 -2.79 19.43 6.33
CA ASP A 192 -2.18 19.30 7.65
C ASP A 192 -1.36 20.55 8.00
N ILE A 193 -0.77 21.21 7.01
CA ILE A 193 -0.03 22.43 7.28
C ILE A 193 -0.99 23.54 7.69
N ASN A 194 -2.14 23.61 7.04
CA ASN A 194 -3.15 24.61 7.36
C ASN A 194 -4.23 24.01 8.26
N LYS A 195 -3.78 23.50 9.41
CA LYS A 195 -4.69 22.92 10.38
C LYS A 195 -5.75 23.93 10.83
N ASN A 196 -5.32 25.17 11.11
CA ASN A 196 -6.11 26.09 11.92
C ASN A 196 -6.37 27.43 11.23
N VAL A 197 -6.25 27.49 9.90
CA VAL A 197 -6.53 28.71 9.17
C VAL A 197 -7.93 28.64 8.60
N LYS A 198 -8.65 29.77 8.66
CA LYS A 198 -9.88 29.94 7.92
C LYS A 198 -9.97 31.41 7.53
N LYS A 199 -9.95 31.68 6.22
CA LYS A 199 -9.86 33.01 5.65
C LYS A 199 -8.61 33.75 6.12
N ALA A 200 -7.63 33.99 5.25
CA ALA A 200 -7.49 33.53 3.85
C ALA A 200 -6.11 34.03 3.49
N THR A 201 -5.81 35.19 4.09
CA THR A 201 -4.50 35.81 4.06
C THR A 201 -3.55 35.20 5.09
N ASP A 202 -4.03 34.27 5.91
CA ASP A 202 -3.16 33.58 6.86
C ASP A 202 -2.29 32.55 6.17
N VAL A 203 -2.77 31.99 5.06
CA VAL A 203 -2.05 30.93 4.37
C VAL A 203 -0.71 31.47 3.88
N LYS A 204 0.38 30.86 4.34
CA LYS A 204 1.71 31.12 3.80
C LYS A 204 2.26 29.96 3.00
N VAL A 205 1.77 28.74 3.23
CA VAL A 205 2.08 27.58 2.42
C VAL A 205 0.79 27.19 1.71
N ALA A 206 0.71 27.49 0.42
CA ALA A 206 -0.44 27.16 -0.42
C ALA A 206 -0.05 26.09 -1.42
N ALA A 207 -1.02 25.70 -2.25
CA ALA A 207 -0.80 24.70 -3.29
C ALA A 207 -1.65 25.01 -4.52
N THR A 208 -1.00 25.11 -5.67
CA THR A 208 -1.72 25.35 -6.91
C THR A 208 -2.05 24.09 -7.69
N LEU A 209 -3.22 24.08 -8.32
CA LEU A 209 -3.75 22.93 -9.02
C LEU A 209 -3.94 23.29 -10.49
N THR A 210 -3.55 22.38 -11.38
CA THR A 210 -3.64 22.66 -12.80
C THR A 210 -4.97 22.19 -13.38
N ALA A 211 -5.20 22.57 -14.63
CA ALA A 211 -6.40 22.11 -15.34
C ALA A 211 -6.31 20.62 -15.65
N HIS A 212 -5.21 20.19 -16.27
CA HIS A 212 -5.14 18.82 -16.76
C HIS A 212 -5.02 17.82 -15.63
N HIS A 213 -4.48 18.22 -14.48
CA HIS A 213 -4.36 17.27 -13.37
C HIS A 213 -5.70 17.01 -12.68
N LEU A 214 -6.72 17.81 -12.97
CA LEU A 214 -8.09 17.54 -12.52
C LEU A 214 -8.84 16.63 -13.49
N PHE A 215 -8.20 16.23 -14.58
CA PHE A 215 -8.77 15.34 -15.59
C PHE A 215 -8.04 14.02 -15.67
N LEU A 216 -6.72 14.05 -15.72
CA LEU A 216 -5.91 12.94 -16.21
C LEU A 216 -5.60 11.92 -15.12
N THR A 217 -5.55 10.66 -15.53
CA THR A 217 -4.90 9.59 -14.78
C THR A 217 -3.78 9.01 -15.64
N ILE A 218 -3.01 8.11 -15.04
CA ILE A 218 -1.88 7.49 -15.71
C ILE A 218 -2.31 6.83 -17.02
N ASP A 219 -3.56 6.36 -17.08
CA ASP A 219 -4.06 5.73 -18.30
C ASP A 219 -4.16 6.71 -19.46
N ASP A 220 -4.29 8.01 -19.16
CA ASP A 220 -4.50 8.99 -20.22
C ASP A 220 -3.20 9.41 -20.89
N TRP A 221 -2.05 9.29 -20.21
CA TRP A 221 -0.77 9.64 -20.80
C TRP A 221 0.11 8.42 -21.05
N ALA A 222 -0.40 7.20 -20.83
CA ALA A 222 0.40 6.00 -21.01
C ALA A 222 0.95 5.92 -22.43
N GLY A 223 0.08 6.01 -23.43
CA GLY A 223 0.51 5.99 -24.81
C GLY A 223 0.09 7.23 -25.57
N ASN A 224 -0.06 8.34 -24.86
CA ASN A 224 -0.46 9.62 -25.44
C ASN A 224 0.54 10.68 -24.98
N PRO A 225 1.59 10.93 -25.77
CA PRO A 225 2.60 11.92 -25.35
C PRO A 225 2.03 13.31 -25.09
N VAL A 226 0.89 13.66 -25.70
CA VAL A 226 0.32 14.98 -25.48
C VAL A 226 0.00 15.20 -24.01
N ASN A 227 -0.43 14.16 -23.32
CA ASN A 227 -0.84 14.25 -21.93
C ASN A 227 0.29 13.97 -20.95
N PHE A 228 1.52 13.80 -21.44
CA PHE A 228 2.66 13.58 -20.55
C PHE A 228 3.19 14.94 -20.08
N CYS A 229 3.20 15.13 -18.76
CA CYS A 229 3.73 16.33 -18.14
C CYS A 229 4.41 15.94 -16.84
N LYS A 230 5.11 16.90 -16.23
CA LYS A 230 5.74 16.69 -14.95
C LYS A 230 5.16 17.66 -13.93
N PRO A 231 4.74 17.19 -12.74
CA PRO A 231 4.75 15.77 -12.36
C PRO A 231 3.69 14.97 -13.12
N VAL A 232 3.93 13.68 -13.30
CA VAL A 232 3.04 12.86 -14.12
C VAL A 232 1.67 12.75 -13.45
N ALA A 233 0.64 12.54 -14.27
CA ALA A 233 -0.69 12.28 -13.74
C ALA A 233 -0.72 10.90 -13.09
N LYS A 234 -1.17 10.84 -11.85
CA LYS A 234 -1.01 9.63 -11.04
C LYS A 234 -2.31 8.81 -11.10
N LEU A 235 -2.84 8.34 -9.99
CA LEU A 235 -3.85 7.31 -9.90
C LEU A 235 -5.22 7.94 -9.68
N PRO A 236 -6.32 7.18 -9.91
CA PRO A 236 -7.65 7.77 -9.72
C PRO A 236 -7.90 8.23 -8.29
N ASN A 237 -7.33 7.54 -7.30
CA ASN A 237 -7.45 8.03 -5.92
C ASN A 237 -6.74 9.36 -5.74
N ASP A 238 -5.70 9.63 -6.55
CA ASP A 238 -5.03 10.91 -6.48
C ASP A 238 -5.84 12.01 -7.18
N LYS A 239 -6.44 11.68 -8.32
CA LYS A 239 -7.26 12.65 -9.03
C LYS A 239 -8.48 13.06 -8.19
N LYS A 240 -9.11 12.08 -7.54
CA LYS A 240 -10.23 12.36 -6.64
C LYS A 240 -9.82 13.35 -5.56
N ALA A 241 -8.61 13.20 -5.02
CA ALA A 241 -8.14 14.13 -3.99
C ALA A 241 -7.95 15.52 -4.55
N LEU A 242 -7.38 15.63 -5.75
CA LEU A 242 -7.16 16.95 -6.35
C LEU A 242 -8.46 17.63 -6.73
N VAL A 243 -9.46 16.86 -7.14
CA VAL A 243 -10.76 17.44 -7.48
C VAL A 243 -11.48 17.90 -6.23
N LYS A 244 -11.52 17.04 -5.20
CA LYS A 244 -12.10 17.42 -3.92
C LYS A 244 -11.43 18.68 -3.37
N ALA A 245 -10.11 18.80 -3.54
CA ALA A 245 -9.39 19.98 -3.09
C ALA A 245 -9.55 21.16 -4.02
N ALA A 246 -10.03 20.94 -5.25
CA ALA A 246 -10.23 22.05 -6.18
C ALA A 246 -11.56 22.75 -5.91
N VAL A 247 -12.65 21.99 -5.88
CA VAL A 247 -13.95 22.53 -5.54
C VAL A 247 -14.09 22.60 -4.02
N SER A 248 -12.94 22.68 -3.34
CA SER A 248 -12.94 22.68 -1.89
C SER A 248 -13.50 23.99 -1.34
N GLY A 249 -13.12 25.11 -1.94
CA GLY A 249 -13.43 26.42 -1.38
C GLY A 249 -12.49 26.86 -0.30
N LYS A 250 -11.47 26.05 0.04
CA LYS A 250 -10.49 26.44 1.05
C LYS A 250 -9.44 27.36 0.41
N PRO A 251 -8.93 28.34 1.16
CA PRO A 251 -8.09 29.37 0.55
C PRO A 251 -6.72 28.87 0.09
N TYR A 252 -6.25 27.72 0.57
CA TYR A 252 -4.88 27.32 0.25
C TYR A 252 -4.74 26.57 -1.07
N PHE A 253 -5.84 26.34 -1.78
CA PHE A 253 -5.79 25.81 -3.14
C PHE A 253 -6.33 26.84 -4.11
N PHE A 254 -5.60 27.07 -5.20
CA PHE A 254 -6.07 27.95 -6.27
C PHE A 254 -5.44 27.50 -7.59
N PHE A 255 -5.66 28.28 -8.65
CA PHE A 255 -5.42 27.81 -10.00
C PHE A 255 -4.03 28.16 -10.50
N GLY A 256 -3.40 27.18 -11.16
CA GLY A 256 -2.15 27.37 -11.85
C GLY A 256 -2.04 26.39 -13.02
N SER A 257 -2.34 26.88 -14.22
CA SER A 257 -2.60 25.99 -15.35
C SER A 257 -1.39 25.11 -15.69
N ASP A 258 -0.18 25.65 -15.53
CA ASP A 258 1.04 24.98 -15.97
C ASP A 258 1.00 24.71 -17.48
N SER A 259 0.29 25.55 -18.22
CA SER A 259 0.22 25.45 -19.67
C SER A 259 1.60 25.59 -20.28
N ALA A 260 2.25 24.46 -20.60
CA ALA A 260 3.61 24.47 -21.13
C ALA A 260 3.60 24.06 -22.60
N PRO A 261 3.84 24.98 -23.52
CA PRO A 261 3.73 24.64 -24.94
C PRO A 261 5.03 24.15 -25.55
N HIS A 262 4.95 23.06 -26.31
CA HIS A 262 6.03 22.56 -27.14
C HIS A 262 5.51 22.38 -28.56
N PRO A 263 6.36 22.61 -29.57
CA PRO A 263 5.95 22.29 -30.94
C PRO A 263 5.76 20.79 -31.07
N VAL A 264 4.71 20.42 -31.81
CA VAL A 264 4.22 19.04 -31.83
C VAL A 264 5.33 18.03 -32.14
N GLN A 265 6.37 18.47 -32.88
CA GLN A 265 7.48 17.57 -33.18
C GLN A 265 8.31 17.24 -31.95
N ASN A 266 8.18 18.00 -30.86
CA ASN A 266 8.80 17.63 -29.60
C ASN A 266 7.93 16.67 -28.78
N LYS A 267 6.77 16.28 -29.31
CA LYS A 267 5.90 15.32 -28.67
C LYS A 267 5.83 13.99 -29.41
N ALA A 268 5.84 14.03 -30.73
CA ALA A 268 5.80 12.82 -31.55
C ALA A 268 7.21 12.22 -31.70
N ASN A 269 7.84 11.96 -30.56
CA ASN A 269 9.14 11.32 -30.49
C ASN A 269 8.99 9.87 -30.04
N TYR A 270 9.91 9.02 -30.47
CA TYR A 270 9.91 7.65 -29.98
C TYR A 270 10.68 7.50 -28.68
N GLU A 271 11.52 8.48 -28.32
CA GLU A 271 12.15 8.53 -27.01
C GLU A 271 12.44 9.99 -26.67
N GLY A 272 12.48 10.28 -25.38
CA GLY A 272 12.75 11.63 -24.94
C GLY A 272 11.69 12.63 -25.35
N VAL A 273 10.43 12.28 -25.12
CA VAL A 273 9.33 13.20 -25.42
C VAL A 273 9.34 14.33 -24.40
N CYS A 274 9.18 15.56 -24.88
CA CYS A 274 9.13 16.71 -23.98
C CYS A 274 7.89 16.65 -23.11
N ALA A 275 8.02 17.16 -21.89
CA ALA A 275 6.95 17.12 -20.90
C ALA A 275 6.25 18.47 -20.80
N GLY A 276 4.92 18.43 -20.71
CA GLY A 276 4.14 19.64 -20.59
C GLY A 276 2.90 19.62 -21.47
N VAL A 277 1.77 20.06 -20.92
CA VAL A 277 0.49 20.09 -21.63
C VAL A 277 0.10 21.54 -21.85
N TYR A 278 -0.40 21.83 -23.05
CA TYR A 278 -0.83 23.18 -23.41
C TYR A 278 -2.31 23.35 -23.10
N SER A 279 -2.64 24.39 -22.32
CA SER A 279 -4.02 24.63 -21.95
C SER A 279 -4.34 26.12 -21.87
N GLN A 280 -3.42 26.99 -22.31
CA GLN A 280 -3.62 28.42 -22.13
C GLN A 280 -4.79 28.95 -22.94
N SER A 281 -5.07 28.34 -24.09
CA SER A 281 -6.10 28.89 -24.99
C SER A 281 -7.49 28.75 -24.39
N PHE A 282 -7.69 27.79 -23.51
CA PHE A 282 -9.00 27.52 -22.91
C PHE A 282 -8.87 27.32 -21.40
N ALA A 283 -7.97 28.07 -20.76
CA ALA A 283 -7.61 27.82 -19.38
C ALA A 283 -8.82 27.83 -18.45
N ILE A 284 -9.63 28.89 -18.52
CA ILE A 284 -10.75 29.07 -17.60
C ILE A 284 -11.89 28.13 -17.97
N PRO A 285 -12.27 28.00 -19.25
CA PRO A 285 -13.32 27.02 -19.59
C PRO A 285 -13.03 25.60 -19.14
N TYR A 286 -11.75 25.20 -19.06
CA TYR A 286 -11.43 23.88 -18.55
C TYR A 286 -11.91 23.73 -17.11
N ILE A 287 -11.45 24.63 -16.23
CA ILE A 287 -11.82 24.56 -14.82
C ILE A 287 -13.33 24.70 -14.65
N ALA A 288 -13.95 25.50 -15.49
CA ALA A 288 -15.40 25.71 -15.41
C ALA A 288 -16.16 24.40 -15.55
N GLN A 289 -15.68 23.51 -16.43
CA GLN A 289 -16.38 22.25 -16.64
C GLN A 289 -16.22 21.32 -15.45
N VAL A 290 -15.04 21.33 -14.81
CA VAL A 290 -14.85 20.51 -13.61
C VAL A 290 -15.74 21.01 -12.49
N PHE A 291 -15.84 22.33 -12.30
CA PHE A 291 -16.68 22.88 -11.26
C PHE A 291 -18.16 22.75 -11.59
N GLU A 292 -18.50 22.57 -12.87
CA GLU A 292 -19.89 22.32 -13.24
C GLU A 292 -20.27 20.86 -12.98
N GLU A 293 -19.43 19.93 -13.45
CA GLU A 293 -19.70 18.51 -13.27
C GLU A 293 -19.69 18.08 -11.81
N GLN A 294 -19.17 18.91 -10.91
CA GLN A 294 -19.17 18.62 -9.48
C GLN A 294 -20.22 19.42 -8.71
N ASN A 295 -21.11 20.12 -9.42
CA ASN A 295 -22.18 20.90 -8.80
C ASN A 295 -21.66 21.81 -7.70
N ALA A 296 -20.54 22.48 -7.97
CA ALA A 296 -19.91 23.36 -7.01
C ALA A 296 -19.44 24.64 -7.69
N LEU A 297 -20.28 25.20 -8.56
CA LEU A 297 -19.89 26.38 -9.32
C LEU A 297 -19.82 27.63 -8.46
N GLU A 298 -20.44 27.61 -7.28
CA GLU A 298 -20.35 28.76 -6.37
C GLU A 298 -18.95 28.91 -5.79
N ASN A 299 -18.05 27.98 -6.10
CA ASN A 299 -16.67 28.05 -5.64
C ASN A 299 -15.68 28.35 -6.77
N LEU A 300 -16.16 28.52 -8.01
CA LEU A 300 -15.23 28.73 -9.12
C LEU A 300 -14.52 30.07 -8.99
N LYS A 301 -15.23 31.13 -8.58
CA LYS A 301 -14.62 32.44 -8.49
C LYS A 301 -13.50 32.46 -7.46
N GLY A 302 -13.72 31.80 -6.31
CA GLY A 302 -12.68 31.74 -5.30
C GLY A 302 -11.45 30.99 -5.77
N PHE A 303 -11.66 29.86 -6.45
CA PHE A 303 -10.53 29.04 -6.88
C PHE A 303 -9.76 29.72 -8.00
N VAL A 304 -10.46 30.36 -8.94
CA VAL A 304 -9.83 30.88 -10.14
C VAL A 304 -9.57 32.37 -10.03
N SER A 305 -9.84 32.99 -8.88
CA SER A 305 -9.57 34.42 -8.74
C SER A 305 -9.15 34.80 -7.32
N ASP A 306 -10.09 34.72 -6.38
CA ASP A 306 -9.93 35.39 -5.08
C ASP A 306 -8.71 34.88 -4.32
N PHE A 307 -8.65 33.57 -4.04
CA PHE A 307 -7.57 33.05 -3.21
C PHE A 307 -6.21 33.32 -3.84
N GLY A 308 -6.12 33.27 -5.17
CA GLY A 308 -4.85 33.56 -5.81
C GLY A 308 -4.42 35.01 -5.66
N ILE A 309 -5.39 35.92 -5.71
CA ILE A 309 -5.09 37.33 -5.46
C ILE A 309 -4.74 37.54 -3.99
N SER A 310 -5.44 36.83 -3.10
CA SER A 310 -5.23 37.05 -1.67
C SER A 310 -3.87 36.53 -1.22
N PHE A 311 -3.30 35.56 -1.92
CA PHE A 311 -1.99 35.02 -1.55
C PHE A 311 -0.86 35.87 -2.13
N TYR A 312 -0.92 36.16 -3.43
CA TYR A 312 0.06 37.03 -4.05
C TYR A 312 -0.15 38.50 -3.69
N GLU A 313 -1.24 38.82 -2.99
CA GLU A 313 -1.59 40.19 -2.60
C GLU A 313 -1.48 41.14 -3.79
N VAL A 314 -2.23 40.80 -4.85
CA VAL A 314 -2.27 41.64 -6.04
C VAL A 314 -3.01 42.93 -5.71
N LYS A 315 -2.32 44.06 -5.82
CA LYS A 315 -2.92 45.35 -5.55
C LYS A 315 -3.53 45.93 -6.82
N ASP A 316 -4.49 46.84 -6.63
CA ASP A 316 -5.14 47.50 -7.75
C ASP A 316 -4.15 48.34 -8.57
N SER A 317 -3.01 48.70 -7.98
CA SER A 317 -2.08 49.63 -8.62
C SER A 317 -1.27 48.99 -9.74
N GLU A 318 -1.39 47.68 -9.98
CA GLU A 318 -0.60 47.03 -11.02
C GLU A 318 -1.41 46.35 -12.11
N VAL A 319 -2.69 46.02 -11.87
CA VAL A 319 -3.43 45.22 -12.83
C VAL A 319 -3.53 45.97 -14.15
N ALA A 320 -3.11 45.31 -15.23
CA ALA A 320 -2.95 45.98 -16.52
C ALA A 320 -4.28 46.37 -17.16
N SER A 321 -5.39 45.75 -16.74
CA SER A 321 -6.70 46.09 -17.27
C SER A 321 -7.78 45.54 -16.35
N SER A 322 -8.55 46.42 -15.72
CA SER A 322 -9.56 46.00 -14.76
C SER A 322 -10.81 45.44 -15.44
N ASP A 323 -10.65 44.93 -16.66
CA ASP A 323 -11.74 44.20 -17.30
C ASP A 323 -12.06 42.95 -16.50
N LYS A 324 -13.29 42.47 -16.64
CA LYS A 324 -13.78 41.33 -15.90
C LYS A 324 -13.98 40.14 -16.85
N ALA A 325 -13.66 38.95 -16.35
CA ALA A 325 -13.85 37.71 -17.11
C ALA A 325 -15.27 37.21 -16.89
N ILE A 326 -16.09 37.25 -17.93
CA ILE A 326 -17.48 36.80 -17.86
C ILE A 326 -17.55 35.42 -18.51
N LEU A 327 -17.84 34.40 -17.70
CA LEU A 327 -17.96 33.03 -18.16
C LEU A 327 -19.40 32.77 -18.58
N PHE A 328 -19.64 32.62 -19.88
CA PHE A 328 -20.97 32.39 -20.40
C PHE A 328 -21.05 31.02 -21.07
N LYS A 329 -22.22 30.41 -20.99
CA LYS A 329 -22.37 28.97 -21.27
C LYS A 329 -22.62 28.68 -22.76
N LYS A 330 -21.75 29.18 -23.63
CA LYS A 330 -21.78 28.82 -25.04
C LYS A 330 -20.87 27.63 -25.28
N GLU A 331 -21.40 26.60 -25.95
CA GLU A 331 -20.59 25.45 -26.29
C GLU A 331 -19.52 25.82 -27.31
N GLN A 332 -18.30 25.32 -27.09
CA GLN A 332 -17.24 25.47 -28.07
C GLN A 332 -16.47 24.16 -28.19
N VAL A 333 -15.95 23.91 -29.38
CA VAL A 333 -15.18 22.71 -29.69
C VAL A 333 -13.71 23.06 -29.70
N ILE A 334 -12.89 22.25 -29.04
CA ILE A 334 -11.46 22.52 -28.93
C ILE A 334 -10.77 22.11 -30.23
N PRO A 335 -9.95 22.97 -30.82
CA PRO A 335 -9.35 22.66 -32.13
C PRO A 335 -8.47 21.42 -32.10
N GLN A 336 -8.24 20.85 -33.29
CA GLN A 336 -7.23 19.79 -33.43
C GLN A 336 -5.84 20.34 -33.13
N VAL A 337 -5.43 21.39 -33.84
CA VAL A 337 -4.09 21.93 -33.74
C VAL A 337 -4.18 23.45 -33.58
N ILE A 338 -3.54 23.97 -32.53
CA ILE A 338 -3.28 25.39 -32.45
C ILE A 338 -2.13 25.72 -33.38
N SER A 339 -2.31 26.73 -34.23
CA SER A 339 -1.37 26.98 -35.31
C SER A 339 -1.08 28.48 -35.40
N ASP A 340 0.07 28.80 -35.99
CA ASP A 340 0.47 30.18 -36.23
C ASP A 340 0.63 30.50 -37.70
N GLY A 341 0.25 29.56 -38.59
CA GLY A 341 0.44 29.75 -40.02
C GLY A 341 1.88 29.71 -40.49
N LYS A 342 2.85 29.83 -39.58
CA LYS A 342 4.25 29.75 -39.94
C LYS A 342 4.83 28.40 -39.55
N ASP A 343 5.61 28.35 -38.47
CA ASP A 343 6.33 27.14 -38.08
C ASP A 343 5.68 26.39 -36.92
N ILE A 344 5.30 27.10 -35.86
CA ILE A 344 5.02 26.45 -34.58
C ILE A 344 3.58 25.93 -34.57
N SER A 345 3.43 24.65 -34.25
CA SER A 345 2.11 24.02 -34.15
C SER A 345 2.00 23.30 -32.82
N ILE A 346 0.91 23.57 -32.10
CA ILE A 346 0.69 23.00 -30.78
C ILE A 346 -0.58 22.16 -30.81
N ILE A 347 -0.59 21.11 -29.99
CA ILE A 347 -1.79 20.31 -29.75
C ILE A 347 -2.36 20.73 -28.41
N PRO A 348 -3.60 21.22 -28.34
CA PRO A 348 -4.15 21.67 -27.07
C PRO A 348 -4.68 20.51 -26.24
N PHE A 349 -4.84 20.79 -24.95
CA PHE A 349 -5.42 19.81 -24.03
C PHE A 349 -6.84 19.49 -24.45
N LYS A 350 -7.17 18.19 -24.45
CA LYS A 350 -8.50 17.72 -24.84
C LYS A 350 -8.85 18.15 -26.26
N ALA A 351 -7.87 18.05 -27.16
CA ALA A 351 -8.04 18.51 -28.53
C ALA A 351 -9.13 17.70 -29.23
N GLY A 352 -10.20 18.38 -29.63
CA GLY A 352 -11.34 17.75 -30.27
C GLY A 352 -12.57 17.80 -29.42
N ASP A 353 -12.40 17.65 -28.11
CA ASP A 353 -13.52 17.61 -27.18
C ASP A 353 -14.32 18.91 -27.23
N LYS A 354 -15.54 18.83 -26.70
CA LYS A 354 -16.40 20.00 -26.55
C LYS A 354 -16.32 20.52 -25.12
N LEU A 355 -16.61 21.81 -24.97
CA LEU A 355 -16.67 22.45 -23.66
C LEU A 355 -18.04 23.04 -23.44
N SER A 356 -18.52 22.95 -22.19
CA SER A 356 -19.83 23.51 -21.85
C SER A 356 -19.83 25.01 -21.77
N TRP A 357 -18.67 25.66 -21.74
CA TRP A 357 -18.57 27.07 -21.43
C TRP A 357 -17.67 27.80 -22.43
N SER A 358 -17.84 29.12 -22.46
CA SER A 358 -16.93 30.04 -23.13
C SER A 358 -16.64 31.18 -22.16
N VAL A 359 -15.87 32.17 -22.61
CA VAL A 359 -15.57 33.33 -21.79
C VAL A 359 -15.28 34.52 -22.69
N ARG A 360 -15.90 35.65 -22.37
CA ARG A 360 -15.71 36.92 -23.07
C ARG A 360 -15.19 37.96 -22.09
N TRP A 361 -14.95 39.17 -22.59
CA TRP A 361 -14.37 40.23 -21.79
C TRP A 361 -15.33 41.42 -21.71
N GLU A 362 -15.41 42.01 -20.51
CA GLU A 362 -16.33 43.08 -20.18
C GLU A 362 -15.61 44.04 -19.24
N PRO A 363 -15.63 45.34 -19.52
CA PRO A 363 -14.96 46.29 -18.65
C PRO A 363 -15.81 46.68 -17.45
N ARG A 364 -15.19 47.22 -16.41
CA ARG A 364 -15.97 47.45 -15.15
C ARG A 364 -17.11 48.48 -15.22
N LEU A 365 -16.91 49.66 -15.83
CA LEU A 365 -17.92 50.75 -15.84
C LEU A 365 -18.39 50.99 -14.38
N VAL B 2 7.28 -44.03 13.06
CA VAL B 2 8.40 -44.79 12.50
C VAL B 2 9.37 -43.85 11.78
N GLN B 3 8.81 -42.87 11.07
CA GLN B 3 9.62 -42.01 10.20
C GLN B 3 10.46 -41.05 11.04
N GLU B 4 11.74 -40.92 10.66
CA GLU B 4 12.71 -40.23 11.50
C GLU B 4 13.65 -39.38 10.66
N ILE B 5 14.09 -38.27 11.25
CA ILE B 5 15.10 -37.38 10.67
C ILE B 5 16.16 -37.09 11.73
N ASP B 6 17.42 -37.22 11.34
CA ASP B 6 18.53 -36.93 12.25
C ASP B 6 18.94 -35.47 12.09
N LEU B 7 19.03 -34.75 13.22
CA LEU B 7 19.26 -33.32 13.20
C LEU B 7 20.64 -32.89 13.70
N GLY B 8 21.31 -33.72 14.49
CA GLY B 8 22.62 -33.38 14.99
C GLY B 8 22.61 -32.48 16.20
N LEU B 9 23.54 -31.52 16.25
CA LEU B 9 23.62 -30.56 17.36
C LEU B 9 22.77 -29.34 17.01
N THR B 10 21.46 -29.50 17.19
CA THR B 10 20.54 -28.40 16.95
C THR B 10 20.87 -27.22 17.86
N CYS B 11 20.54 -26.02 17.39
CA CYS B 11 20.88 -24.81 18.12
C CYS B 11 19.76 -23.79 18.02
N ASP B 12 19.40 -23.19 19.16
CA ASP B 12 18.38 -22.15 19.27
C ASP B 12 19.09 -20.87 19.67
N MET B 13 19.14 -19.90 18.75
CA MET B 13 20.00 -18.73 18.90
C MET B 13 19.27 -17.52 19.48
N HIS B 14 18.11 -17.72 20.11
CA HIS B 14 17.40 -16.62 20.77
C HIS B 14 16.59 -17.23 21.91
N VAL B 15 17.22 -17.34 23.09
CA VAL B 15 16.66 -18.03 24.24
C VAL B 15 16.61 -17.06 25.41
N HIS B 16 15.41 -16.87 25.96
CA HIS B 16 15.21 -16.17 27.23
C HIS B 16 14.91 -17.22 28.29
N VAL B 17 15.53 -17.08 29.46
CA VAL B 17 15.42 -18.13 30.47
C VAL B 17 15.24 -17.53 31.85
N ARG B 18 15.37 -16.21 31.96
CA ARG B 18 15.06 -15.45 33.17
C ARG B 18 15.98 -15.81 34.32
N GLU B 19 15.51 -15.56 35.55
CA GLU B 19 16.34 -15.68 36.75
C GLU B 19 15.63 -16.50 37.82
N GLY B 20 16.44 -17.24 38.58
CA GLY B 20 15.99 -17.91 39.78
C GLY B 20 14.82 -18.86 39.66
N ALA B 21 13.69 -18.49 40.30
CA ALA B 21 12.54 -19.37 40.40
C ALA B 21 12.06 -19.80 39.01
N MET B 22 11.71 -18.84 38.17
CA MET B 22 11.29 -19.16 36.81
C MET B 22 12.38 -19.90 36.05
N CYS B 23 13.64 -19.52 36.25
CA CYS B 23 14.72 -20.07 35.44
C CYS B 23 14.94 -21.55 35.74
N GLU B 24 14.76 -21.96 37.00
CA GLU B 24 14.96 -23.37 37.35
C GLU B 24 13.99 -24.29 36.63
N LEU B 25 12.90 -23.74 36.09
CA LEU B 25 11.89 -24.53 35.40
C LEU B 25 12.14 -24.60 33.89
N VAL B 26 12.67 -23.52 33.30
CA VAL B 26 12.77 -23.42 31.85
C VAL B 26 14.09 -23.97 31.33
N THR B 27 15.20 -23.70 32.03
CA THR B 27 16.51 -24.12 31.54
C THR B 27 16.61 -25.61 31.24
N PRO B 28 16.01 -26.52 32.01
CA PRO B 28 16.03 -27.93 31.58
C PRO B 28 15.24 -28.17 30.29
N LYS B 29 14.22 -27.35 30.02
CA LYS B 29 13.35 -27.58 28.87
C LYS B 29 13.99 -27.18 27.55
N ILE B 30 15.06 -26.39 27.57
CA ILE B 30 15.83 -26.12 26.35
C ILE B 30 16.19 -27.43 25.67
N ARG B 31 16.79 -28.34 26.43
CA ARG B 31 17.04 -29.70 25.97
C ARG B 31 15.75 -30.37 25.51
N ASP B 32 14.69 -30.26 26.30
CA ASP B 32 13.46 -31.01 26.01
C ASP B 32 12.84 -30.57 24.70
N GLY B 33 13.11 -29.35 24.26
CA GLY B 33 12.64 -28.93 22.95
C GLY B 33 13.36 -29.58 21.79
N GLY B 34 14.46 -30.28 22.06
CA GLY B 34 15.32 -30.81 21.02
C GLY B 34 16.49 -29.92 20.69
N VAL B 35 16.92 -29.08 21.62
CA VAL B 35 17.94 -28.07 21.37
C VAL B 35 19.20 -28.41 22.15
N SER B 36 20.34 -28.36 21.48
CA SER B 36 21.63 -28.63 22.11
C SER B 36 22.40 -27.36 22.46
N ILE B 37 22.29 -26.32 21.64
CA ILE B 37 23.01 -25.07 21.84
C ILE B 37 22.00 -23.94 21.98
N ALA B 38 22.16 -23.13 23.02
CA ALA B 38 21.26 -22.03 23.30
C ALA B 38 22.04 -20.74 23.48
N TYR B 39 21.66 -19.71 22.73
CA TYR B 39 22.22 -18.37 22.90
C TYR B 39 21.32 -17.60 23.86
N ILE B 40 21.89 -17.17 24.99
CA ILE B 40 21.12 -16.67 26.12
C ILE B 40 21.15 -15.15 26.09
N MET B 41 19.98 -14.54 25.89
CA MET B 41 19.89 -13.08 25.86
C MET B 41 20.13 -12.51 27.27
N PRO B 42 20.58 -11.26 27.36
CA PRO B 42 20.99 -10.71 28.66
C PRO B 42 19.93 -9.94 29.44
N ASN B 43 18.81 -9.56 28.82
CA ASN B 43 17.88 -8.61 29.43
C ASN B 43 17.23 -9.21 30.68
N LEU B 44 17.99 -9.17 31.77
CA LEU B 44 17.47 -9.50 33.08
C LEU B 44 17.19 -8.21 33.86
N GLN B 45 16.84 -8.35 35.13
CA GLN B 45 16.46 -7.23 35.98
C GLN B 45 17.28 -7.30 37.26
N PRO B 46 18.47 -6.67 37.29
CA PRO B 46 19.09 -5.80 36.28
C PRO B 46 19.77 -6.56 35.13
N PRO B 47 20.03 -5.87 34.03
CA PRO B 47 20.65 -6.52 32.86
C PRO B 47 22.04 -7.07 33.16
N ILE B 48 22.55 -7.84 32.20
CA ILE B 48 23.91 -8.38 32.26
C ILE B 48 24.81 -7.39 31.53
N THR B 49 25.47 -6.52 32.30
CA THR B 49 26.44 -5.58 31.74
C THR B 49 27.83 -5.74 32.33
N THR B 50 28.02 -6.66 33.28
CA THR B 50 29.31 -6.85 33.92
C THR B 50 29.81 -8.26 33.67
N LEU B 51 31.14 -8.40 33.55
CA LEU B 51 31.73 -9.70 33.23
C LEU B 51 31.50 -10.71 34.35
N ASP B 52 31.44 -10.26 35.60
CA ASP B 52 31.30 -11.20 36.71
C ASP B 52 29.91 -11.84 36.73
N ARG B 53 28.87 -11.05 36.45
CA ARG B 53 27.51 -11.58 36.49
C ARG B 53 27.30 -12.62 35.40
N VAL B 54 27.90 -12.41 34.22
CA VAL B 54 27.70 -13.36 33.13
C VAL B 54 28.50 -14.65 33.35
N ILE B 55 29.50 -14.63 34.22
CA ILE B 55 30.16 -15.87 34.62
C ILE B 55 29.30 -16.63 35.61
N GLU B 56 28.76 -15.93 36.61
CA GLU B 56 27.91 -16.58 37.61
C GLU B 56 26.55 -16.95 37.04
N TYR B 57 26.15 -16.32 35.93
CA TYR B 57 24.91 -16.68 35.26
C TYR B 57 25.05 -18.01 34.52
N LYS B 58 26.17 -18.20 33.83
CA LYS B 58 26.38 -19.43 33.08
C LYS B 58 26.53 -20.63 34.01
N LYS B 59 27.21 -20.44 35.15
CA LYS B 59 27.33 -21.52 36.13
C LYS B 59 25.97 -22.06 36.52
N THR B 60 25.04 -21.13 36.84
CA THR B 60 23.68 -21.53 37.17
C THR B 60 23.03 -22.27 36.00
N LEU B 61 23.12 -21.70 34.80
CA LEU B 61 22.56 -22.37 33.62
C LEU B 61 23.22 -23.73 33.39
N GLN B 62 24.54 -23.81 33.57
CA GLN B 62 25.23 -25.09 33.42
C GLN B 62 24.90 -26.03 34.55
N LYS B 63 24.65 -25.50 35.75
CA LYS B 63 24.21 -26.33 36.87
C LYS B 63 22.88 -27.01 36.55
N LEU B 64 21.92 -26.24 36.07
CA LEU B 64 20.58 -26.77 35.81
C LEU B 64 20.54 -27.71 34.62
N ALA B 65 21.49 -27.59 33.69
CA ALA B 65 21.49 -28.41 32.47
C ALA B 65 22.93 -28.59 32.01
N PRO B 66 23.56 -29.72 32.37
CA PRO B 66 24.92 -29.99 31.88
C PRO B 66 24.94 -30.40 30.41
N LYS B 67 23.89 -31.11 29.98
CA LYS B 67 23.79 -31.59 28.60
C LYS B 67 23.50 -30.49 27.59
N THR B 68 23.41 -29.24 28.02
CA THR B 68 23.05 -28.13 27.15
C THR B 68 24.21 -27.14 27.06
N THR B 69 24.44 -26.62 25.86
CA THR B 69 25.55 -25.71 25.59
C THR B 69 25.07 -24.27 25.63
N PHE B 70 25.75 -23.43 26.41
CA PHE B 70 25.30 -22.07 26.69
C PHE B 70 26.27 -21.06 26.09
N LEU B 71 25.79 -20.27 25.13
CA LEU B 71 26.49 -19.10 24.64
C LEU B 71 25.87 -17.86 25.28
N MET B 72 26.71 -16.98 25.81
CA MET B 72 26.25 -15.87 26.63
C MET B 72 26.45 -14.55 25.88
N SER B 73 25.99 -13.45 26.49
CA SER B 73 26.05 -12.16 25.83
C SER B 73 25.89 -11.05 26.86
N PHE B 74 26.36 -9.86 26.47
CA PHE B 74 26.17 -8.63 27.23
C PHE B 74 24.96 -7.85 26.74
N TYR B 75 24.49 -6.95 27.61
CA TYR B 75 23.43 -5.99 27.30
C TYR B 75 24.09 -4.68 26.92
N LEU B 76 23.94 -4.27 25.65
CA LEU B 76 24.60 -3.07 25.17
C LEU B 76 24.17 -1.86 25.99
N SER B 77 25.01 -1.48 26.95
CA SER B 77 24.72 -0.39 27.88
C SER B 77 25.87 0.60 27.84
N LYS B 78 25.59 1.81 28.34
CA LYS B 78 26.68 2.75 28.56
C LYS B 78 27.59 2.29 29.69
N ASP B 79 27.19 1.24 30.42
CA ASP B 79 28.13 0.54 31.30
C ASP B 79 29.30 -0.02 30.51
N LEU B 80 29.00 -0.64 29.35
CA LEU B 80 30.03 -1.30 28.57
C LEU B 80 31.05 -0.29 28.05
N THR B 81 32.30 -0.73 27.99
CA THR B 81 33.43 -0.01 27.43
C THR B 81 34.13 -0.95 26.47
N PRO B 82 34.95 -0.43 25.55
CA PRO B 82 35.77 -1.34 24.73
C PRO B 82 36.70 -2.18 25.59
N ASP B 83 37.26 -1.60 26.65
CA ASP B 83 38.08 -2.36 27.59
C ASP B 83 37.33 -3.59 28.12
N LEU B 84 36.11 -3.37 28.60
CA LEU B 84 35.33 -4.46 29.19
C LEU B 84 34.93 -5.49 28.13
N ILE B 85 34.65 -5.02 26.91
CA ILE B 85 34.36 -5.94 25.81
C ILE B 85 35.58 -6.79 25.50
N HIS B 86 36.76 -6.15 25.48
CA HIS B 86 38.00 -6.92 25.27
C HIS B 86 38.26 -7.86 26.43
N GLU B 87 37.98 -7.42 27.66
CA GLU B 87 38.28 -8.24 28.82
C GLU B 87 37.40 -9.49 28.87
N ALA B 88 36.13 -9.34 28.49
CA ALA B 88 35.21 -10.48 28.53
C ALA B 88 35.41 -11.41 27.34
N ALA B 89 35.73 -10.86 26.17
CA ALA B 89 36.00 -11.71 25.01
C ALA B 89 37.26 -12.54 25.21
N GLN B 90 38.27 -11.97 25.87
CA GLN B 90 39.51 -12.67 26.16
C GLN B 90 39.40 -13.59 27.38
N GLN B 91 38.18 -13.85 27.84
CA GLN B 91 37.90 -14.94 28.77
C GLN B 91 37.03 -16.03 28.15
N HIS B 92 36.51 -15.81 26.93
CA HIS B 92 35.53 -16.69 26.31
C HIS B 92 34.23 -16.76 27.13
N ALA B 93 33.87 -15.65 27.76
CA ALA B 93 32.65 -15.58 28.55
C ALA B 93 31.45 -15.21 27.69
N ILE B 94 31.50 -14.06 27.03
CA ILE B 94 30.43 -13.63 26.15
C ILE B 94 30.70 -14.14 24.75
N ARG B 95 29.63 -14.31 23.97
CA ARG B 95 29.73 -14.59 22.54
C ARG B 95 29.30 -13.40 21.70
N GLY B 96 28.58 -12.44 22.27
CA GLY B 96 28.21 -11.25 21.54
C GLY B 96 27.56 -10.25 22.45
N VAL B 97 27.05 -9.18 21.85
CA VAL B 97 26.36 -8.12 22.59
C VAL B 97 24.96 -7.91 22.00
N KCX B 98 24.02 -7.54 22.86
CA KCX B 98 22.61 -7.41 22.47
CB KCX B 98 21.76 -8.40 23.27
CG KCX B 98 20.27 -8.31 23.05
CD KCX B 98 19.87 -8.76 21.66
CE KCX B 98 18.37 -8.68 21.44
NZ KCX B 98 17.61 -9.66 22.31
C KCX B 98 22.09 -5.99 22.65
O KCX B 98 22.29 -5.37 23.70
CX KCX B 98 16.30 -9.80 22.16
OQ1 KCX B 98 15.68 -9.15 21.31
OQ2 KCX B 98 15.69 -10.61 22.89
N CYS B 99 21.40 -5.48 21.64
CA CYS B 99 20.91 -4.11 21.63
C CYS B 99 19.39 -4.03 21.68
N TYR B 100 18.86 -3.36 22.71
CA TYR B 100 17.42 -3.11 22.81
C TYR B 100 17.15 -1.63 22.63
N PRO B 101 16.48 -1.21 21.55
CA PRO B 101 16.07 0.19 21.43
C PRO B 101 15.22 0.65 22.61
N ALA B 102 15.05 1.96 22.73
CA ALA B 102 14.47 2.58 23.90
C ALA B 102 13.05 2.11 24.21
N GLY B 103 12.92 1.15 25.12
CA GLY B 103 11.63 0.80 25.68
C GLY B 103 10.69 0.01 24.79
N VAL B 104 11.22 -0.69 23.77
CA VAL B 104 10.35 -1.31 22.78
C VAL B 104 9.99 -2.75 23.11
N THR B 105 10.42 -3.27 24.25
CA THR B 105 10.09 -4.64 24.62
C THR B 105 10.34 -4.83 26.11
N THR B 106 10.33 -6.09 26.55
CA THR B 106 10.44 -6.41 27.97
C THR B 106 11.85 -6.15 28.48
N ASN B 107 11.95 -5.47 29.63
CA ASN B 107 13.22 -5.18 30.29
C ASN B 107 14.16 -4.38 29.40
N SER B 108 13.60 -3.61 28.45
CA SER B 108 14.37 -2.65 27.68
C SER B 108 14.35 -1.27 28.32
N ALA B 109 14.15 -1.19 29.64
CA ALA B 109 14.05 0.11 30.30
C ALA B 109 15.38 0.83 30.33
N ALA B 110 16.49 0.09 30.33
CA ALA B 110 17.81 0.70 30.30
C ALA B 110 18.51 0.38 28.98
N GLY B 111 17.83 0.66 27.87
CA GLY B 111 18.31 0.28 26.56
C GLY B 111 19.17 1.32 25.85
N VAL B 112 18.88 1.56 24.57
CA VAL B 112 19.73 2.41 23.73
C VAL B 112 18.89 3.34 22.89
N ASP B 113 19.52 4.44 22.46
CA ASP B 113 18.95 5.37 21.50
C ASP B 113 19.30 4.90 20.10
N PRO B 114 18.33 4.56 19.25
CA PRO B 114 18.64 4.01 17.92
C PRO B 114 18.92 5.05 16.83
N ASN B 115 18.83 6.34 17.13
CA ASN B 115 19.34 7.39 16.27
C ASN B 115 20.64 7.96 16.84
N ASP B 116 21.33 7.15 17.65
CA ASP B 116 22.58 7.54 18.28
C ASP B 116 23.54 6.36 18.36
N PHE B 117 23.49 5.46 17.37
CA PHE B 117 24.40 4.32 17.31
C PHE B 117 25.85 4.77 17.20
N SER B 118 26.09 6.01 16.77
CA SER B 118 27.45 6.52 16.64
C SER B 118 28.17 6.49 17.98
N ALA B 119 27.46 6.78 19.08
CA ALA B 119 28.07 6.78 20.39
C ALA B 119 28.53 5.39 20.83
N PHE B 120 28.08 4.34 20.15
CA PHE B 120 28.49 2.97 20.46
C PHE B 120 29.47 2.41 19.45
N TYR B 121 29.92 3.20 18.48
CA TYR B 121 30.90 2.71 17.52
C TYR B 121 32.21 2.28 18.17
N PRO B 122 32.73 2.96 19.20
CA PRO B 122 33.85 2.39 19.97
C PRO B 122 33.61 0.95 20.40
N ILE B 123 32.42 0.67 20.95
CA ILE B 123 32.11 -0.68 21.40
C ILE B 123 32.01 -1.62 20.22
N PHE B 124 31.56 -1.13 19.06
CA PHE B 124 31.37 -2.00 17.90
C PHE B 124 32.71 -2.35 17.25
N LYS B 125 33.62 -1.39 17.16
CA LYS B 125 34.96 -1.68 16.66
C LYS B 125 35.64 -2.74 17.52
N ALA B 126 35.45 -2.67 18.83
CA ALA B 126 36.02 -3.68 19.72
C ALA B 126 35.38 -5.05 19.48
N MET B 127 34.06 -5.09 19.27
CA MET B 127 33.39 -6.33 18.93
C MET B 127 33.90 -6.88 17.60
N GLN B 128 34.26 -6.01 16.66
CA GLN B 128 34.69 -6.45 15.34
C GLN B 128 36.04 -7.15 15.41
N GLU B 129 36.95 -6.65 16.24
CA GLU B 129 38.25 -7.30 16.40
C GLU B 129 38.10 -8.66 17.08
N GLU B 130 37.41 -8.69 18.21
CA GLU B 130 37.24 -9.93 18.98
C GLU B 130 36.22 -10.89 18.36
N ASN B 131 35.59 -10.51 17.24
CA ASN B 131 34.70 -11.38 16.49
C ASN B 131 33.51 -11.82 17.34
N LEU B 132 32.76 -10.84 17.83
CA LEU B 132 31.54 -11.07 18.59
C LEU B 132 30.33 -10.69 17.75
N VAL B 133 29.26 -11.48 17.88
CA VAL B 133 28.05 -11.26 17.11
C VAL B 133 27.25 -10.13 17.73
N LEU B 134 26.85 -9.16 16.91
CA LEU B 134 25.95 -8.10 17.34
C LEU B 134 24.53 -8.53 17.05
N ASN B 135 23.77 -8.84 18.11
CA ASN B 135 22.37 -9.21 17.98
C ASN B 135 21.51 -7.96 18.14
N LEU B 136 20.59 -7.75 17.20
CA LEU B 136 19.83 -6.51 17.12
C LEU B 136 18.35 -6.80 17.25
N HIS B 137 17.69 -6.09 18.18
CA HIS B 137 16.24 -6.01 18.20
C HIS B 137 15.85 -4.89 17.25
N GLY B 138 15.49 -5.25 16.02
CA GLY B 138 15.25 -4.26 14.99
C GLY B 138 13.87 -3.62 15.01
N GLU B 139 13.67 -2.63 15.88
CA GLU B 139 12.40 -1.92 15.97
C GLU B 139 12.66 -0.50 16.43
N LYS B 140 12.30 0.48 15.61
CA LYS B 140 12.43 1.88 16.01
C LYS B 140 11.27 2.27 16.92
N PRO B 141 11.52 3.09 17.94
CA PRO B 141 10.45 3.42 18.90
C PRO B 141 9.41 4.35 18.29
N SER B 142 8.18 4.23 18.79
CA SER B 142 7.03 4.83 18.13
C SER B 142 7.02 6.34 18.28
N VAL B 143 6.67 7.02 17.18
CA VAL B 143 6.34 8.45 17.18
C VAL B 143 5.10 8.60 16.30
N HIS B 144 3.98 9.00 16.91
CA HIS B 144 2.77 9.30 16.16
C HIS B 144 2.70 10.76 15.74
N ASP B 145 3.80 11.52 15.90
CA ASP B 145 3.79 12.95 15.70
C ASP B 145 5.01 13.40 14.90
N GLY B 146 5.76 14.35 15.45
CA GLY B 146 7.04 14.69 14.85
C GLY B 146 6.88 15.31 13.48
N ASP B 147 7.85 15.03 12.62
CA ASP B 147 7.86 15.50 11.24
C ASP B 147 7.65 14.40 10.21
N LYS B 148 8.29 13.25 10.40
CA LYS B 148 8.29 12.19 9.40
C LYS B 148 7.02 11.35 9.48
N GLU B 149 7.00 10.29 8.68
CA GLU B 149 5.93 9.31 8.74
C GLU B 149 5.91 8.64 10.11
N PRO B 150 4.72 8.44 10.69
CA PRO B 150 4.66 7.94 12.07
C PRO B 150 5.04 6.46 12.16
N ILE B 151 5.30 6.02 13.38
CA ILE B 151 5.73 4.66 13.67
C ILE B 151 4.73 4.01 14.62
N HIS B 152 4.34 2.78 14.32
CA HIS B 152 3.49 1.94 15.15
C HIS B 152 4.11 0.56 15.24
N VAL B 153 3.43 -0.36 15.94
CA VAL B 153 3.99 -1.70 16.12
C VAL B 153 4.12 -2.46 14.82
N LEU B 154 3.40 -2.05 13.77
CA LEU B 154 3.42 -2.79 12.51
C LEU B 154 4.62 -2.44 11.65
N ASN B 155 4.96 -1.16 11.53
CA ASN B 155 6.05 -0.73 10.67
C ASN B 155 7.33 -0.41 11.43
N ALA B 156 7.38 -0.69 12.74
CA ALA B 156 8.56 -0.36 13.53
C ALA B 156 9.78 -1.14 13.06
N GLU B 157 9.58 -2.42 12.67
CA GLU B 157 10.69 -3.21 12.17
C GLU B 157 11.19 -2.69 10.84
N GLU B 158 10.27 -2.20 10.00
CA GLU B 158 10.66 -1.62 8.72
C GLU B 158 11.41 -0.31 8.92
N ALA B 159 10.96 0.52 9.87
CA ALA B 159 11.64 1.78 10.16
C ALA B 159 13.08 1.55 10.63
N PHE B 160 13.39 0.35 11.10
CA PHE B 160 14.75 0.05 11.55
C PHE B 160 15.66 -0.36 10.41
N LEU B 161 15.10 -0.88 9.33
CA LEU B 161 15.93 -1.43 8.25
C LEU B 161 16.94 -0.44 7.69
N PRO B 162 16.68 0.86 7.59
CA PRO B 162 17.78 1.79 7.25
C PRO B 162 18.94 1.71 8.23
N ALA B 163 18.65 1.72 9.54
CA ALA B 163 19.72 1.72 10.54
C ALA B 163 20.56 0.45 10.47
N LEU B 164 19.95 -0.67 10.08
CA LEU B 164 20.72 -1.90 9.90
C LEU B 164 21.69 -1.78 8.74
N LYS B 165 21.27 -1.15 7.64
CA LYS B 165 22.13 -0.99 6.48
C LYS B 165 23.33 -0.10 6.78
N LYS B 166 23.15 0.91 7.64
CA LYS B 166 24.27 1.76 8.04
C LYS B 166 25.29 0.98 8.86
N LEU B 167 24.81 0.14 9.78
CA LEU B 167 25.73 -0.56 10.68
C LEU B 167 26.52 -1.63 9.95
N HIS B 168 25.92 -2.29 8.95
CA HIS B 168 26.69 -3.18 8.10
C HIS B 168 27.66 -2.42 7.21
N ASN B 169 27.30 -1.18 6.85
CA ASN B 169 28.17 -0.37 6.00
C ASN B 169 29.43 0.04 6.76
N ASP B 170 29.26 0.66 7.93
CA ASP B 170 30.40 1.14 8.69
C ASP B 170 31.25 -0.01 9.23
N PHE B 171 30.63 -1.15 9.51
CA PHE B 171 31.32 -2.32 10.07
C PHE B 171 31.05 -3.53 9.17
N PRO B 172 31.70 -3.58 8.00
CA PRO B 172 31.45 -4.69 7.08
C PRO B 172 32.02 -6.02 7.54
N ASN B 173 32.88 -6.02 8.55
CA ASN B 173 33.41 -7.25 9.13
C ASN B 173 32.56 -7.78 10.27
N LEU B 174 31.79 -6.91 10.92
CA LEU B 174 30.99 -7.31 12.07
C LEU B 174 29.88 -8.27 11.66
N LYS B 175 29.74 -9.37 12.39
CA LYS B 175 28.65 -10.30 12.17
C LYS B 175 27.42 -9.79 12.92
N ILE B 176 26.35 -9.51 12.17
CA ILE B 176 25.15 -8.86 12.69
C ILE B 176 23.96 -9.78 12.45
N ILE B 177 23.02 -9.78 13.39
CA ILE B 177 21.77 -10.53 13.24
C ILE B 177 20.59 -9.59 13.48
N LEU B 178 19.70 -9.51 12.51
CA LEU B 178 18.38 -8.91 12.70
C LEU B 178 17.51 -9.98 13.35
N GLU B 179 17.46 -9.95 14.68
CA GLU B 179 16.77 -11.00 15.44
C GLU B 179 15.28 -10.98 15.14
N HIS B 180 14.69 -12.18 15.18
CA HIS B 180 13.25 -12.42 15.06
C HIS B 180 12.56 -11.51 14.04
N CYS B 181 12.83 -11.76 12.76
CA CYS B 181 12.16 -11.01 11.69
C CYS B 181 10.66 -11.32 11.67
N THR B 182 9.87 -10.28 11.48
CA THR B 182 8.42 -10.40 11.49
C THR B 182 7.75 -9.87 10.23
N SER B 183 8.48 -9.19 9.36
CA SER B 183 7.89 -8.56 8.18
C SER B 183 8.55 -9.07 6.92
N GLU B 184 7.79 -9.06 5.82
CA GLU B 184 8.36 -9.34 4.51
C GLU B 184 9.44 -8.33 4.16
N SER B 185 9.22 -7.07 4.52
CA SER B 185 10.16 -6.00 4.15
C SER B 185 11.55 -6.27 4.72
N ALA B 186 11.62 -6.87 5.91
CA ALA B 186 12.92 -7.20 6.48
C ALA B 186 13.57 -8.37 5.75
N ILE B 187 12.76 -9.36 5.35
CA ILE B 187 13.29 -10.50 4.61
C ILE B 187 13.98 -10.04 3.34
N LYS B 188 13.36 -9.08 2.63
CA LYS B 188 13.98 -8.55 1.41
C LYS B 188 15.31 -7.88 1.71
N THR B 189 15.39 -7.16 2.84
CA THR B 189 16.62 -6.48 3.19
C THR B 189 17.74 -7.47 3.49
N ILE B 190 17.44 -8.53 4.23
CA ILE B 190 18.43 -9.56 4.49
C ILE B 190 18.84 -10.24 3.19
N GLU B 191 17.87 -10.47 2.30
CA GLU B 191 18.17 -11.12 1.03
C GLU B 191 19.06 -10.25 0.15
N ASP B 192 18.74 -8.97 0.06
CA ASP B 192 19.52 -8.07 -0.78
C ASP B 192 20.92 -7.84 -0.20
N ILE B 193 21.03 -7.81 1.12
CA ILE B 193 22.34 -7.66 1.76
C ILE B 193 23.25 -8.82 1.38
N ASN B 194 22.68 -10.02 1.30
CA ASN B 194 23.43 -11.24 0.96
C ASN B 194 23.22 -11.66 -0.49
N LYS B 195 23.21 -10.69 -1.41
CA LYS B 195 23.01 -10.99 -2.81
C LYS B 195 24.16 -11.81 -3.38
N ASN B 196 25.39 -11.46 -3.01
CA ASN B 196 26.60 -12.06 -3.57
C ASN B 196 27.10 -13.21 -2.70
N VAL B 197 26.22 -14.14 -2.34
CA VAL B 197 26.55 -15.21 -1.40
C VAL B 197 25.93 -16.51 -1.90
N LYS B 198 26.77 -17.45 -2.32
CA LYS B 198 26.36 -18.84 -2.48
C LYS B 198 27.11 -19.79 -1.56
N LYS B 199 28.28 -19.38 -1.06
CA LYS B 199 29.03 -20.13 -0.07
C LYS B 199 28.65 -19.64 1.31
N ALA B 200 28.34 -20.58 2.21
CA ALA B 200 27.62 -20.24 3.43
C ALA B 200 28.44 -19.34 4.35
N THR B 201 29.76 -19.55 4.42
CA THR B 201 30.59 -18.79 5.34
C THR B 201 30.71 -17.32 4.95
N ASP B 202 30.27 -16.94 3.74
CA ASP B 202 30.30 -15.54 3.36
C ASP B 202 29.30 -14.71 4.16
N VAL B 203 28.31 -15.35 4.79
CA VAL B 203 27.24 -14.63 5.48
C VAL B 203 27.84 -13.79 6.59
N LYS B 204 27.63 -12.48 6.52
CA LYS B 204 28.02 -11.55 7.57
C LYS B 204 26.84 -10.90 8.25
N VAL B 205 25.64 -11.00 7.66
CA VAL B 205 24.41 -10.46 8.24
C VAL B 205 23.31 -11.50 8.05
N ALA B 206 22.75 -11.98 9.16
CA ALA B 206 21.76 -13.03 9.13
C ALA B 206 20.52 -12.58 9.93
N ALA B 207 19.52 -13.46 9.99
CA ALA B 207 18.27 -13.15 10.65
C ALA B 207 17.79 -14.48 11.23
N THR B 208 17.16 -14.40 12.38
CA THR B 208 16.61 -15.61 13.00
C THR B 208 15.09 -15.51 12.87
N LEU B 209 14.41 -16.62 12.65
CA LEU B 209 12.97 -16.67 12.53
C LEU B 209 12.44 -17.56 13.65
N THR B 210 11.50 -17.02 14.43
CA THR B 210 11.02 -17.71 15.62
C THR B 210 10.08 -18.86 15.23
N ALA B 211 9.68 -19.62 16.25
CA ALA B 211 8.67 -20.65 16.04
C ALA B 211 7.29 -20.03 15.84
N HIS B 212 6.93 -19.05 16.69
CA HIS B 212 5.56 -18.56 16.68
C HIS B 212 5.29 -17.70 15.45
N HIS B 213 6.27 -16.92 15.01
CA HIS B 213 6.02 -16.03 13.87
C HIS B 213 5.76 -16.79 12.58
N LEU B 214 6.10 -18.09 12.53
CA LEU B 214 5.72 -18.89 11.37
C LEU B 214 4.23 -19.22 11.41
N PHE B 215 3.62 -19.22 12.59
CA PHE B 215 2.22 -19.56 12.75
C PHE B 215 1.30 -18.36 12.81
N LEU B 216 1.73 -17.28 13.47
CA LEU B 216 0.79 -16.28 13.95
C LEU B 216 0.48 -15.22 12.89
N THR B 217 -0.64 -14.53 13.12
CA THR B 217 -1.11 -13.41 12.34
C THR B 217 -1.57 -12.35 13.33
N ILE B 218 -1.70 -11.10 12.84
CA ILE B 218 -2.28 -10.05 13.68
C ILE B 218 -3.61 -10.50 14.25
N ASP B 219 -4.32 -11.37 13.53
CA ASP B 219 -5.58 -11.91 14.03
C ASP B 219 -5.37 -12.75 15.28
N ASP B 220 -4.26 -13.50 15.34
CA ASP B 220 -4.11 -14.51 16.39
C ASP B 220 -3.76 -13.92 17.74
N TRP B 221 -3.14 -12.74 17.79
CA TRP B 221 -2.81 -12.13 19.07
C TRP B 221 -3.76 -11.01 19.48
N ALA B 222 -4.60 -10.53 18.56
CA ALA B 222 -5.62 -9.55 18.92
C ALA B 222 -6.70 -10.22 19.75
N GLY B 223 -6.90 -9.75 20.98
CA GLY B 223 -7.84 -10.41 21.86
C GLY B 223 -7.34 -11.69 22.47
N ASN B 224 -6.06 -12.03 22.26
CA ASN B 224 -5.44 -13.20 22.86
C ASN B 224 -4.04 -12.80 23.33
N PRO B 225 -3.93 -12.31 24.56
CA PRO B 225 -2.61 -11.85 25.05
C PRO B 225 -1.56 -12.96 25.13
N VAL B 226 -1.97 -14.22 25.14
CA VAL B 226 -1.00 -15.31 25.23
C VAL B 226 -0.12 -15.37 23.98
N ASN B 227 -0.64 -14.93 22.84
CA ASN B 227 0.12 -14.89 21.60
C ASN B 227 0.77 -13.54 21.34
N PHE B 228 0.67 -12.61 22.29
CA PHE B 228 1.22 -11.28 22.12
C PHE B 228 2.72 -11.29 22.41
N CYS B 229 3.50 -10.68 21.52
CA CYS B 229 4.94 -10.60 21.69
C CYS B 229 5.45 -9.44 20.86
N LYS B 230 6.71 -9.07 21.12
CA LYS B 230 7.41 -8.03 20.37
C LYS B 230 8.64 -8.63 19.70
N PRO B 231 8.83 -8.40 18.38
CA PRO B 231 7.95 -7.66 17.51
C PRO B 231 6.65 -8.42 17.26
N VAL B 232 5.66 -7.72 16.72
CA VAL B 232 4.28 -8.18 16.75
C VAL B 232 4.00 -8.95 15.47
N ALA B 233 3.17 -9.98 15.58
CA ALA B 233 2.83 -10.79 14.41
C ALA B 233 2.01 -9.96 13.43
N LYS B 234 2.56 -9.74 12.24
CA LYS B 234 1.93 -8.82 11.29
C LYS B 234 0.90 -9.51 10.42
N LEU B 235 0.94 -9.25 9.12
CA LEU B 235 -0.13 -9.62 8.21
C LEU B 235 0.16 -10.94 7.52
N PRO B 236 -0.87 -11.60 6.99
CA PRO B 236 -0.65 -12.86 6.27
C PRO B 236 0.37 -12.78 5.16
N ASN B 237 0.54 -11.60 4.55
CA ASN B 237 1.62 -11.42 3.58
C ASN B 237 2.98 -11.62 4.23
N ASP B 238 3.17 -11.05 5.42
CA ASP B 238 4.47 -11.14 6.08
C ASP B 238 4.73 -12.56 6.57
N LYS B 239 3.70 -13.23 7.08
CA LYS B 239 3.86 -14.63 7.50
C LYS B 239 4.28 -15.50 6.32
N LYS B 240 3.67 -15.27 5.15
CA LYS B 240 4.09 -15.95 3.93
C LYS B 240 5.59 -15.78 3.69
N ALA B 241 6.11 -14.57 3.90
CA ALA B 241 7.53 -14.33 3.69
C ALA B 241 8.38 -15.03 4.75
N LEU B 242 7.89 -15.09 5.99
CA LEU B 242 8.65 -15.74 7.05
C LEU B 242 8.74 -17.25 6.83
N VAL B 243 7.69 -17.85 6.26
CA VAL B 243 7.72 -19.28 6.00
C VAL B 243 8.56 -19.59 4.76
N LYS B 244 8.38 -18.81 3.69
CA LYS B 244 9.19 -19.00 2.49
C LYS B 244 10.68 -18.78 2.78
N ALA B 245 11.00 -17.95 3.77
CA ALA B 245 12.40 -17.68 4.08
C ALA B 245 12.99 -18.81 4.92
N ALA B 246 12.23 -19.35 5.87
CA ALA B 246 12.78 -20.36 6.77
C ALA B 246 13.05 -21.67 6.03
N VAL B 247 12.15 -22.07 5.13
CA VAL B 247 12.33 -23.31 4.39
C VAL B 247 13.18 -23.13 3.14
N SER B 248 13.71 -21.93 2.91
CA SER B 248 14.41 -21.66 1.65
C SER B 248 15.69 -22.44 1.53
N GLY B 249 16.31 -22.82 2.66
CA GLY B 249 17.64 -23.36 2.64
C GLY B 249 18.73 -22.32 2.50
N LYS B 250 18.37 -21.05 2.35
CA LYS B 250 19.37 -20.00 2.22
C LYS B 250 20.11 -19.83 3.54
N PRO B 251 21.44 -19.67 3.51
CA PRO B 251 22.22 -19.68 4.76
C PRO B 251 21.97 -18.48 5.65
N TYR B 252 21.43 -17.38 5.15
CA TYR B 252 21.31 -16.17 5.96
C TYR B 252 20.04 -16.16 6.81
N PHE B 253 19.34 -17.28 6.94
CA PHE B 253 18.25 -17.45 7.89
C PHE B 253 18.49 -18.71 8.70
N PHE B 254 18.31 -18.61 10.02
CA PHE B 254 18.33 -19.81 10.86
C PHE B 254 17.48 -19.57 12.09
N PHE B 255 17.35 -20.61 12.91
CA PHE B 255 16.31 -20.67 13.93
C PHE B 255 16.71 -19.90 15.18
N GLY B 256 15.74 -19.17 15.74
CA GLY B 256 15.91 -18.45 16.98
C GLY B 256 14.55 -18.22 17.64
N SER B 257 14.23 -19.02 18.65
CA SER B 257 12.84 -19.15 19.10
C SER B 257 12.26 -17.87 19.68
N ASP B 258 13.09 -17.03 20.30
CA ASP B 258 12.60 -15.91 21.12
C ASP B 258 11.62 -16.41 22.18
N SER B 259 11.84 -17.64 22.67
CA SER B 259 11.01 -18.17 23.73
C SER B 259 11.16 -17.33 24.99
N ALA B 260 10.08 -16.66 25.39
CA ALA B 260 10.10 -15.70 26.49
C ALA B 260 9.07 -16.13 27.52
N PRO B 261 9.49 -16.84 28.56
CA PRO B 261 8.54 -17.38 29.55
C PRO B 261 8.05 -16.29 30.50
N HIS B 262 6.73 -16.14 30.59
CA HIS B 262 6.06 -15.28 31.54
C HIS B 262 5.06 -16.09 32.36
N PRO B 263 4.97 -15.83 33.67
CA PRO B 263 3.93 -16.50 34.45
C PRO B 263 2.56 -16.01 34.04
N VAL B 264 1.58 -16.91 34.08
CA VAL B 264 0.30 -16.66 33.42
C VAL B 264 -0.36 -15.39 33.94
N GLN B 265 -0.11 -15.01 35.20
CA GLN B 265 -0.72 -13.80 35.73
C GLN B 265 -0.21 -12.56 35.00
N ASN B 266 0.97 -12.61 34.39
CA ASN B 266 1.48 -11.48 33.63
C ASN B 266 0.89 -11.40 32.23
N LYS B 267 0.21 -12.45 31.77
CA LYS B 267 -0.51 -12.41 30.50
C LYS B 267 -2.01 -12.19 30.68
N ALA B 268 -2.50 -12.19 31.92
CA ALA B 268 -3.91 -11.97 32.20
C ALA B 268 -4.13 -10.60 32.80
N ASN B 269 -3.78 -9.56 32.06
CA ASN B 269 -3.92 -8.18 32.49
C ASN B 269 -5.06 -7.51 31.74
N TYR B 270 -5.51 -6.37 32.27
CA TYR B 270 -6.37 -5.50 31.49
C TYR B 270 -5.62 -4.31 30.91
N GLU B 271 -4.37 -4.10 31.30
CA GLU B 271 -3.50 -3.13 30.65
C GLU B 271 -2.06 -3.59 30.84
N GLY B 272 -1.26 -3.40 29.80
CA GLY B 272 0.16 -3.69 29.88
C GLY B 272 0.51 -5.16 29.99
N VAL B 273 -0.04 -5.99 29.10
CA VAL B 273 0.32 -7.40 29.07
C VAL B 273 1.80 -7.55 28.73
N CYS B 274 2.48 -8.45 29.42
CA CYS B 274 3.88 -8.71 29.14
C CYS B 274 4.02 -9.42 27.80
N ALA B 275 4.96 -8.97 26.98
CA ALA B 275 5.16 -9.55 25.65
C ALA B 275 6.11 -10.74 25.73
N GLY B 276 5.75 -11.81 25.01
CA GLY B 276 6.58 -12.99 24.96
C GLY B 276 5.81 -14.28 24.78
N VAL B 277 6.17 -15.03 23.74
CA VAL B 277 5.57 -16.33 23.46
C VAL B 277 6.53 -17.41 23.94
N TYR B 278 6.06 -18.29 24.81
CA TYR B 278 6.85 -19.40 25.31
C TYR B 278 6.75 -20.56 24.32
N SER B 279 7.86 -20.86 23.64
CA SER B 279 7.92 -21.99 22.72
C SER B 279 9.11 -22.89 23.02
N GLN B 280 9.64 -22.83 24.24
CA GLN B 280 10.89 -23.53 24.55
C GLN B 280 10.69 -25.03 24.64
N SER B 281 9.58 -25.47 25.26
CA SER B 281 9.41 -26.89 25.56
C SER B 281 9.23 -27.73 24.31
N PHE B 282 8.72 -27.14 23.23
CA PHE B 282 8.44 -27.85 22.00
C PHE B 282 9.14 -27.20 20.82
N ALA B 283 10.38 -26.74 21.05
CA ALA B 283 11.05 -25.84 20.11
C ALA B 283 11.14 -26.44 18.71
N ILE B 284 11.72 -27.64 18.60
CA ILE B 284 11.93 -28.26 17.30
C ILE B 284 10.62 -28.83 16.74
N PRO B 285 9.78 -29.53 17.53
CA PRO B 285 8.53 -30.05 16.95
C PRO B 285 7.63 -28.98 16.37
N TYR B 286 7.68 -27.74 16.87
CA TYR B 286 6.98 -26.64 16.19
C TYR B 286 7.52 -26.48 14.77
N ILE B 287 8.84 -26.41 14.64
CA ILE B 287 9.47 -26.16 13.35
C ILE B 287 9.23 -27.33 12.40
N ALA B 288 9.26 -28.56 12.92
CA ALA B 288 9.04 -29.73 12.08
C ALA B 288 7.66 -29.71 11.43
N GLN B 289 6.70 -29.05 12.07
CA GLN B 289 5.33 -29.04 11.54
C GLN B 289 5.24 -28.14 10.31
N VAL B 290 5.78 -26.93 10.39
CA VAL B 290 5.77 -26.02 9.25
C VAL B 290 6.57 -26.61 8.10
N PHE B 291 7.73 -27.19 8.40
CA PHE B 291 8.57 -27.78 7.35
C PHE B 291 7.89 -28.98 6.71
N GLU B 292 7.19 -29.80 7.51
CA GLU B 292 6.45 -30.92 6.95
C GLU B 292 5.29 -30.44 6.08
N GLU B 293 4.57 -29.41 6.54
CA GLU B 293 3.44 -28.86 5.78
C GLU B 293 3.88 -28.07 4.55
N GLN B 294 5.17 -28.05 4.22
CA GLN B 294 5.66 -27.32 3.06
C GLN B 294 6.43 -28.19 2.09
N ASN B 295 6.56 -29.49 2.35
CA ASN B 295 7.40 -30.39 1.56
C ASN B 295 8.82 -29.83 1.44
N ALA B 296 9.37 -29.41 2.58
CA ALA B 296 10.75 -28.92 2.64
C ALA B 296 11.51 -29.54 3.80
N LEU B 297 11.25 -30.82 4.10
CA LEU B 297 11.82 -31.43 5.29
C LEU B 297 13.32 -31.67 5.16
N GLU B 298 13.82 -31.79 3.92
CA GLU B 298 15.26 -31.95 3.74
C GLU B 298 16.02 -30.66 4.06
N ASN B 299 15.35 -29.52 4.01
CA ASN B 299 15.95 -28.24 4.36
C ASN B 299 15.97 -27.99 5.86
N LEU B 300 15.36 -28.89 6.64
CA LEU B 300 15.12 -28.61 8.06
C LEU B 300 16.42 -28.51 8.84
N LYS B 301 17.32 -29.49 8.66
CA LYS B 301 18.49 -29.60 9.53
C LYS B 301 19.34 -28.34 9.48
N GLY B 302 19.53 -27.75 8.30
CA GLY B 302 20.34 -26.55 8.19
C GLY B 302 19.74 -25.37 8.94
N PHE B 303 18.42 -25.22 8.86
CA PHE B 303 17.75 -24.10 9.53
C PHE B 303 17.85 -24.21 11.05
N VAL B 304 17.70 -25.43 11.58
CA VAL B 304 17.73 -25.62 13.03
C VAL B 304 19.11 -25.97 13.56
N SER B 305 20.10 -26.15 12.68
CA SER B 305 21.43 -26.52 13.14
C SER B 305 22.54 -25.87 12.33
N ASP B 306 22.73 -26.34 11.09
CA ASP B 306 23.92 -26.01 10.31
C ASP B 306 24.22 -24.52 10.28
N PHE B 307 23.27 -23.72 9.78
CA PHE B 307 23.54 -22.31 9.57
C PHE B 307 23.82 -21.57 10.88
N GLY B 308 23.26 -22.06 11.98
CA GLY B 308 23.59 -21.47 13.27
C GLY B 308 25.00 -21.79 13.72
N ILE B 309 25.47 -23.01 13.40
CA ILE B 309 26.84 -23.37 13.74
C ILE B 309 27.82 -22.59 12.91
N SER B 310 27.54 -22.47 11.60
CA SER B 310 28.45 -21.76 10.71
C SER B 310 28.57 -20.29 11.08
N PHE B 311 27.45 -19.66 11.42
CA PHE B 311 27.48 -18.23 11.67
C PHE B 311 28.12 -17.91 13.02
N TYR B 312 27.77 -18.65 14.06
CA TYR B 312 28.36 -18.40 15.37
C TYR B 312 29.74 -19.03 15.53
N GLU B 313 30.24 -19.74 14.52
CA GLU B 313 31.57 -20.34 14.53
C GLU B 313 31.77 -21.21 15.77
N VAL B 314 30.88 -22.19 15.92
CA VAL B 314 30.91 -23.09 17.07
C VAL B 314 31.86 -24.24 16.77
N LYS B 315 32.98 -24.30 17.48
CA LYS B 315 33.93 -25.39 17.34
C LYS B 315 33.68 -26.44 18.40
N ASP B 316 34.03 -27.69 18.08
CA ASP B 316 33.55 -28.84 18.84
C ASP B 316 34.12 -28.91 20.25
N SER B 317 35.12 -28.09 20.59
CA SER B 317 35.62 -28.09 21.96
C SER B 317 34.64 -27.43 22.92
N GLU B 318 33.70 -26.64 22.40
CA GLU B 318 32.79 -25.89 23.26
C GLU B 318 31.59 -26.72 23.67
N VAL B 319 30.96 -27.41 22.72
CA VAL B 319 29.70 -28.11 22.96
C VAL B 319 29.85 -29.14 24.07
N ALA B 320 29.17 -28.90 25.19
CA ALA B 320 29.38 -29.70 26.39
C ALA B 320 28.52 -30.96 26.39
N SER B 321 28.14 -31.42 25.20
CA SER B 321 27.44 -32.69 25.06
C SER B 321 27.38 -33.10 23.59
N SER B 322 27.86 -34.31 23.29
CA SER B 322 27.94 -34.78 21.92
C SER B 322 26.63 -35.38 21.41
N ASP B 323 25.57 -35.40 22.21
CA ASP B 323 24.36 -36.12 21.84
C ASP B 323 23.67 -35.47 20.65
N LYS B 324 23.14 -36.30 19.75
CA LYS B 324 22.55 -35.86 18.49
C LYS B 324 21.03 -35.99 18.59
N ALA B 325 20.33 -34.88 18.44
CA ALA B 325 18.88 -34.87 18.61
C ALA B 325 18.20 -35.52 17.42
N ILE B 326 17.24 -36.42 17.70
CA ILE B 326 16.55 -37.19 16.67
C ILE B 326 15.06 -36.86 16.74
N LEU B 327 14.53 -36.36 15.63
CA LEU B 327 13.11 -36.11 15.47
C LEU B 327 12.42 -37.37 14.94
N PHE B 328 11.22 -37.64 15.45
CA PHE B 328 10.48 -38.80 14.98
C PHE B 328 8.99 -38.52 15.00
N LYS B 329 8.28 -39.08 14.02
CA LYS B 329 6.88 -38.75 13.72
C LYS B 329 5.90 -39.55 14.57
N LYS B 330 6.11 -39.56 15.88
CA LYS B 330 5.13 -40.09 16.83
C LYS B 330 4.42 -38.89 17.46
N GLU B 331 3.15 -38.73 17.15
CA GLU B 331 2.47 -37.46 17.41
C GLU B 331 2.21 -37.26 18.91
N GLN B 332 2.13 -35.98 19.29
CA GLN B 332 1.96 -35.60 20.68
C GLN B 332 1.15 -34.31 20.74
N VAL B 333 0.69 -33.98 21.96
CA VAL B 333 -0.20 -32.85 22.18
C VAL B 333 0.46 -31.92 23.20
N ILE B 334 0.42 -30.63 22.91
CA ILE B 334 0.97 -29.62 23.83
C ILE B 334 0.03 -29.47 25.02
N PRO B 335 0.55 -29.42 26.25
CA PRO B 335 -0.34 -29.27 27.41
C PRO B 335 -1.05 -27.92 27.43
N GLN B 336 -2.12 -27.86 28.23
CA GLN B 336 -2.86 -26.61 28.38
C GLN B 336 -2.12 -25.63 29.29
N VAL B 337 -1.30 -26.13 30.20
CA VAL B 337 -0.50 -25.28 31.08
C VAL B 337 0.74 -26.05 31.50
N ILE B 338 1.83 -25.32 31.68
CA ILE B 338 3.10 -25.87 32.17
C ILE B 338 3.41 -25.19 33.50
N SER B 339 3.75 -26.01 34.51
CA SER B 339 3.89 -25.51 35.87
C SER B 339 5.07 -26.18 36.55
N ASP B 340 5.58 -25.52 37.59
CA ASP B 340 6.63 -26.05 38.43
C ASP B 340 6.11 -26.72 39.70
N GLY B 341 4.83 -26.56 40.00
CA GLY B 341 4.27 -27.08 41.24
C GLY B 341 4.13 -25.99 42.27
N LYS B 342 5.20 -25.19 42.45
CA LYS B 342 5.18 -24.11 43.42
C LYS B 342 4.33 -22.93 42.94
N ASP B 343 4.97 -21.89 42.40
CA ASP B 343 4.30 -20.63 42.16
C ASP B 343 4.29 -20.17 40.71
N ILE B 344 5.08 -20.80 39.83
CA ILE B 344 5.19 -20.37 38.43
C ILE B 344 4.32 -21.26 37.56
N SER B 345 3.58 -20.64 36.64
CA SER B 345 2.73 -21.38 35.70
C SER B 345 2.74 -20.64 34.37
N ILE B 346 3.13 -21.33 33.31
CA ILE B 346 3.29 -20.74 31.99
C ILE B 346 2.37 -21.45 31.01
N ILE B 347 1.77 -20.67 30.11
CA ILE B 347 0.93 -21.20 29.04
C ILE B 347 1.81 -21.38 27.80
N PRO B 348 1.97 -22.59 27.29
CA PRO B 348 2.85 -22.79 26.14
C PRO B 348 2.16 -22.44 24.82
N PHE B 349 3.00 -22.21 23.82
CA PHE B 349 2.52 -21.87 22.47
C PHE B 349 1.71 -23.03 21.90
N LYS B 350 0.56 -22.69 21.30
CA LYS B 350 -0.34 -23.69 20.72
C LYS B 350 -0.78 -24.72 21.76
N ALA B 351 -1.17 -24.23 22.93
CA ALA B 351 -1.56 -25.12 24.02
C ALA B 351 -2.79 -25.94 23.62
N GLY B 352 -2.70 -27.25 23.82
CA GLY B 352 -3.81 -28.12 23.48
C GLY B 352 -3.88 -28.51 22.02
N ASP B 353 -2.82 -28.29 21.26
CA ASP B 353 -2.78 -28.64 19.85
C ASP B 353 -1.92 -29.88 19.63
N LYS B 354 -2.21 -30.58 18.55
CA LYS B 354 -1.47 -31.80 18.22
C LYS B 354 -0.31 -31.50 17.28
N LEU B 355 0.85 -32.10 17.56
CA LEU B 355 2.01 -32.05 16.70
C LEU B 355 2.28 -33.45 16.15
N SER B 356 2.73 -33.52 14.90
CA SER B 356 3.00 -34.81 14.28
C SER B 356 4.31 -35.42 14.77
N TRP B 357 5.22 -34.62 15.30
CA TRP B 357 6.58 -35.05 15.56
C TRP B 357 6.90 -34.95 17.05
N SER B 358 7.74 -35.88 17.50
CA SER B 358 8.36 -35.84 18.82
C SER B 358 9.87 -35.81 18.64
N VAL B 359 10.59 -35.55 19.73
CA VAL B 359 12.04 -35.41 19.69
C VAL B 359 12.66 -36.29 20.77
N ARG B 360 13.82 -36.87 20.45
CA ARG B 360 14.58 -37.70 21.38
C ARG B 360 16.05 -37.54 21.03
N TRP B 361 16.91 -38.22 21.79
CA TRP B 361 18.35 -38.06 21.68
C TRP B 361 19.04 -39.42 21.60
N GLU B 362 20.17 -39.44 20.88
CA GLU B 362 21.11 -40.55 20.83
C GLU B 362 22.45 -40.10 21.36
N PRO B 363 23.16 -40.95 22.12
CA PRO B 363 24.38 -40.51 22.80
C PRO B 363 25.59 -40.51 21.87
N ARG B 364 26.74 -40.22 22.48
CA ARG B 364 28.06 -40.13 21.82
C ARG B 364 28.18 -40.82 20.47
N VAL C 2 37.23 -17.07 -25.13
CA VAL C 2 35.92 -16.61 -24.66
C VAL C 2 35.17 -17.74 -23.95
N GLN C 3 34.63 -17.42 -22.78
CA GLN C 3 33.89 -18.40 -21.99
C GLN C 3 32.51 -18.61 -22.60
N GLU C 4 32.06 -19.87 -22.59
CA GLU C 4 30.87 -20.26 -23.34
C GLU C 4 29.98 -21.15 -22.49
N ILE C 5 28.70 -21.21 -22.87
CA ILE C 5 27.72 -22.09 -22.24
C ILE C 5 26.85 -22.72 -23.33
N ASP C 6 26.63 -24.02 -23.22
CA ASP C 6 25.71 -24.74 -24.10
C ASP C 6 24.31 -24.68 -23.48
N LEU C 7 23.32 -24.32 -24.29
CA LEU C 7 21.96 -24.16 -23.81
C LEU C 7 20.95 -25.11 -24.45
N GLY C 8 21.34 -25.88 -25.45
CA GLY C 8 20.42 -26.81 -26.09
C GLY C 8 19.36 -26.15 -26.94
N LEU C 9 18.13 -26.67 -26.87
CA LEU C 9 17.03 -26.17 -27.69
C LEU C 9 16.30 -25.07 -26.94
N THR C 10 16.58 -23.83 -27.31
CA THR C 10 16.06 -22.69 -26.57
C THR C 10 14.59 -22.42 -26.90
N CYS C 11 13.92 -21.71 -26.00
CA CYS C 11 12.48 -21.51 -26.07
C CYS C 11 12.12 -20.04 -25.92
N ASP C 12 11.25 -19.56 -26.80
CA ASP C 12 10.60 -18.25 -26.66
C ASP C 12 9.12 -18.51 -26.86
N MET C 13 8.36 -18.58 -25.76
CA MET C 13 6.95 -18.95 -25.81
C MET C 13 6.01 -17.76 -25.94
N HIS C 14 6.52 -16.62 -26.43
CA HIS C 14 5.68 -15.45 -26.69
C HIS C 14 6.39 -14.62 -27.76
N VAL C 15 6.03 -14.87 -29.02
CA VAL C 15 6.63 -14.21 -30.17
C VAL C 15 5.53 -13.55 -30.99
N HIS C 16 5.73 -12.28 -31.33
CA HIS C 16 4.93 -11.61 -32.34
C HIS C 16 5.81 -11.36 -33.56
N VAL C 17 5.23 -11.55 -34.74
CA VAL C 17 6.02 -11.62 -35.97
C VAL C 17 5.25 -10.98 -37.12
N ARG C 18 3.97 -10.67 -36.88
CA ARG C 18 3.15 -9.86 -37.78
C ARG C 18 2.99 -10.47 -39.17
N GLU C 19 2.59 -9.67 -40.14
CA GLU C 19 2.35 -10.09 -41.52
C GLU C 19 3.28 -9.34 -42.46
N GLY C 20 3.26 -9.73 -43.72
CA GLY C 20 3.81 -8.88 -44.76
C GLY C 20 5.30 -8.72 -44.68
N ALA C 21 5.79 -7.57 -45.17
CA ALA C 21 7.22 -7.30 -45.22
C ALA C 21 7.84 -7.16 -43.84
N MET C 22 7.03 -6.84 -42.83
CA MET C 22 7.51 -6.91 -41.45
C MET C 22 7.83 -8.35 -41.07
N CYS C 23 6.92 -9.27 -41.40
CA CYS C 23 7.10 -10.67 -41.05
C CYS C 23 8.33 -11.27 -41.72
N GLU C 24 8.70 -10.76 -42.90
CA GLU C 24 9.88 -11.26 -43.59
C GLU C 24 11.18 -10.71 -43.03
N LEU C 25 11.11 -9.60 -42.29
CA LEU C 25 12.30 -9.01 -41.68
C LEU C 25 12.59 -9.58 -40.31
N VAL C 26 11.56 -9.99 -39.56
CA VAL C 26 11.73 -10.33 -38.16
C VAL C 26 11.81 -11.84 -37.95
N THR C 27 11.14 -12.62 -38.80
CA THR C 27 11.13 -14.07 -38.61
C THR C 27 12.51 -14.70 -38.66
N PRO C 28 13.41 -14.36 -39.60
CA PRO C 28 14.76 -14.93 -39.52
C PRO C 28 15.52 -14.50 -38.28
N LYS C 29 15.20 -13.33 -37.72
CA LYS C 29 15.86 -12.86 -36.51
C LYS C 29 15.50 -13.67 -35.28
N ILE C 30 14.53 -14.58 -35.38
CA ILE C 30 14.27 -15.51 -34.27
C ILE C 30 15.48 -16.41 -34.06
N ARG C 31 16.02 -16.96 -35.15
CA ARG C 31 17.24 -17.75 -35.06
C ARG C 31 18.42 -16.90 -34.61
N ASP C 32 18.51 -15.67 -35.12
CA ASP C 32 19.61 -14.77 -34.74
C ASP C 32 19.58 -14.47 -33.25
N GLY C 33 18.38 -14.42 -32.65
CA GLY C 33 18.29 -14.19 -31.22
C GLY C 33 18.77 -15.36 -30.38
N GLY C 34 18.94 -16.53 -31.00
CA GLY C 34 19.36 -17.72 -30.28
C GLY C 34 18.19 -18.55 -29.82
N VAL C 35 17.15 -18.64 -30.65
CA VAL C 35 15.91 -19.31 -30.31
C VAL C 35 15.64 -20.40 -31.34
N SER C 36 15.43 -21.62 -30.86
CA SER C 36 15.12 -22.76 -31.73
C SER C 36 13.62 -23.03 -31.85
N ILE C 37 12.84 -22.73 -30.81
CA ILE C 37 11.42 -23.01 -30.76
C ILE C 37 10.69 -21.72 -30.42
N ALA C 38 9.70 -21.36 -31.23
CA ALA C 38 8.97 -20.11 -31.07
C ALA C 38 7.48 -20.38 -31.07
N TYR C 39 6.79 -19.87 -30.05
CA TYR C 39 5.34 -19.94 -29.94
C TYR C 39 4.75 -18.65 -30.51
N ILE C 40 4.01 -18.76 -31.61
CA ILE C 40 3.59 -17.61 -32.38
C ILE C 40 2.20 -17.17 -31.92
N MET C 41 2.11 -15.94 -31.42
CA MET C 41 0.83 -15.37 -31.03
C MET C 41 0.05 -14.92 -32.27
N PRO C 42 -1.28 -14.84 -32.17
CA PRO C 42 -2.10 -14.68 -33.38
C PRO C 42 -2.85 -13.36 -33.49
N ASN C 43 -2.46 -12.32 -32.76
CA ASN C 43 -3.19 -11.04 -32.83
C ASN C 43 -2.82 -10.34 -34.14
N LEU C 44 -3.40 -10.85 -35.23
CA LEU C 44 -3.22 -10.29 -36.56
C LEU C 44 -4.38 -9.38 -36.91
N GLN C 45 -4.43 -8.93 -38.16
CA GLN C 45 -5.49 -8.05 -38.64
C GLN C 45 -6.08 -8.68 -39.90
N PRO C 46 -7.17 -9.46 -39.77
CA PRO C 46 -7.89 -9.83 -38.54
C PRO C 46 -7.21 -10.91 -37.72
N PRO C 47 -7.66 -11.10 -36.47
CA PRO C 47 -7.09 -12.17 -35.65
C PRO C 47 -7.29 -13.54 -36.31
N ILE C 48 -6.34 -14.43 -36.04
CA ILE C 48 -6.35 -15.78 -36.62
C ILE C 48 -7.37 -16.61 -35.87
N THR C 49 -8.54 -16.79 -36.47
CA THR C 49 -9.62 -17.57 -35.87
C THR C 49 -10.03 -18.78 -36.68
N THR C 50 -9.48 -18.97 -37.87
CA THR C 50 -9.90 -20.05 -38.76
C THR C 50 -8.79 -21.07 -38.93
N LEU C 51 -9.19 -22.31 -39.24
CA LEU C 51 -8.24 -23.39 -39.40
C LEU C 51 -7.43 -23.24 -40.70
N ASP C 52 -8.04 -22.67 -41.73
CA ASP C 52 -7.30 -22.37 -42.96
C ASP C 52 -6.14 -21.41 -42.67
N ARG C 53 -6.45 -20.27 -42.03
CA ARG C 53 -5.47 -19.23 -41.79
C ARG C 53 -4.22 -19.77 -41.12
N VAL C 54 -4.39 -20.50 -40.01
CA VAL C 54 -3.24 -20.89 -39.20
C VAL C 54 -2.37 -21.92 -39.92
N ILE C 55 -2.96 -22.72 -40.82
CA ILE C 55 -2.15 -23.64 -41.62
C ILE C 55 -1.35 -22.86 -42.66
N GLU C 56 -1.99 -21.86 -43.30
CA GLU C 56 -1.28 -21.03 -44.26
C GLU C 56 -0.17 -20.25 -43.57
N TYR C 57 -0.43 -19.75 -42.36
CA TYR C 57 0.51 -18.88 -41.68
C TYR C 57 1.77 -19.63 -41.26
N LYS C 58 1.62 -20.85 -40.74
CA LYS C 58 2.78 -21.61 -40.29
C LYS C 58 3.72 -21.93 -41.44
N LYS C 59 3.17 -22.23 -42.63
CA LYS C 59 4.02 -22.52 -43.78
C LYS C 59 4.72 -21.26 -44.27
N THR C 60 4.09 -20.10 -44.11
CA THR C 60 4.76 -18.84 -44.43
C THR C 60 5.97 -18.63 -43.52
N LEU C 61 5.84 -18.97 -42.25
CA LEU C 61 6.96 -18.83 -41.32
C LEU C 61 8.03 -19.87 -41.59
N GLN C 62 7.62 -21.10 -41.94
CA GLN C 62 8.60 -22.14 -42.21
C GLN C 62 9.34 -21.88 -43.51
N LYS C 63 8.69 -21.27 -44.50
CA LYS C 63 9.40 -20.78 -45.66
C LYS C 63 10.41 -19.70 -45.28
N LEU C 64 10.06 -18.87 -44.29
CA LEU C 64 10.95 -17.81 -43.85
C LEU C 64 12.11 -18.37 -43.04
N ALA C 65 11.81 -19.17 -42.01
CA ALA C 65 12.81 -19.72 -41.10
C ALA C 65 12.75 -21.24 -41.18
N PRO C 66 13.60 -21.86 -42.00
CA PRO C 66 13.49 -23.32 -42.20
C PRO C 66 13.94 -24.13 -41.00
N LYS C 67 14.77 -23.58 -40.11
CA LYS C 67 15.33 -24.35 -39.01
C LYS C 67 14.65 -24.08 -37.67
N THR C 68 13.71 -23.14 -37.62
CA THR C 68 13.07 -22.76 -36.37
C THR C 68 11.76 -23.52 -36.19
N THR C 69 11.52 -24.01 -34.97
CA THR C 69 10.30 -24.74 -34.67
C THR C 69 9.18 -23.77 -34.33
N PHE C 70 8.01 -23.97 -34.93
CA PHE C 70 6.90 -23.04 -34.83
C PHE C 70 5.68 -23.71 -34.21
N LEU C 71 5.36 -23.33 -32.98
CA LEU C 71 4.12 -23.71 -32.33
C LEU C 71 3.13 -22.57 -32.52
N MET C 72 1.99 -22.88 -33.15
CA MET C 72 1.03 -21.85 -33.52
C MET C 72 -0.09 -21.77 -32.48
N SER C 73 -1.02 -20.85 -32.69
CA SER C 73 -2.10 -20.64 -31.74
C SER C 73 -3.26 -19.89 -32.40
N PHE C 74 -4.45 -20.10 -31.84
CA PHE C 74 -5.64 -19.36 -32.23
C PHE C 74 -5.83 -18.13 -31.36
N TYR C 75 -6.58 -17.17 -31.89
CA TYR C 75 -7.09 -16.04 -31.12
C TYR C 75 -8.44 -16.42 -30.54
N LEU C 76 -8.58 -16.27 -29.22
CA LEU C 76 -9.83 -16.65 -28.56
C LEU C 76 -10.92 -15.67 -28.96
N SER C 77 -11.80 -16.09 -29.86
CA SER C 77 -12.90 -15.27 -30.33
C SER C 77 -14.20 -16.05 -30.25
N LYS C 78 -15.31 -15.30 -30.27
CA LYS C 78 -16.64 -15.89 -30.32
C LYS C 78 -16.85 -16.72 -31.57
N ASP C 79 -15.92 -16.66 -32.53
CA ASP C 79 -16.02 -17.45 -33.75
C ASP C 79 -15.76 -18.93 -33.48
N LEU C 80 -14.87 -19.24 -32.54
CA LEU C 80 -14.44 -20.62 -32.33
C LEU C 80 -15.56 -21.48 -31.78
N THR C 81 -15.61 -22.73 -32.23
CA THR C 81 -16.54 -23.74 -31.74
C THR C 81 -15.78 -25.03 -31.44
N PRO C 82 -16.24 -25.78 -30.42
CA PRO C 82 -15.49 -26.97 -29.97
C PRO C 82 -15.00 -27.91 -31.07
N ASP C 83 -15.79 -28.09 -32.13
CA ASP C 83 -15.34 -28.95 -33.22
C ASP C 83 -14.08 -28.39 -33.87
N LEU C 84 -14.03 -27.07 -34.07
CA LEU C 84 -12.85 -26.44 -34.65
C LEU C 84 -11.63 -26.62 -33.76
N ILE C 85 -11.83 -26.67 -32.44
CA ILE C 85 -10.72 -26.96 -31.53
C ILE C 85 -10.23 -28.38 -31.74
N HIS C 86 -11.16 -29.33 -31.92
CA HIS C 86 -10.78 -30.73 -31.99
C HIS C 86 -10.14 -31.06 -33.33
N GLU C 87 -10.69 -30.55 -34.43
CA GLU C 87 -10.10 -30.81 -35.74
C GLU C 87 -8.73 -30.15 -35.87
N ALA C 88 -8.58 -28.95 -35.31
CA ALA C 88 -7.29 -28.26 -35.39
C ALA C 88 -6.26 -28.92 -34.49
N ALA C 89 -6.67 -29.41 -33.32
CA ALA C 89 -5.73 -30.07 -32.42
C ALA C 89 -5.27 -31.41 -33.01
N GLN C 90 -6.18 -32.14 -33.65
CA GLN C 90 -5.83 -33.45 -34.18
C GLN C 90 -4.91 -33.33 -35.40
N GLN C 91 -4.96 -32.21 -36.10
CA GLN C 91 -4.07 -31.96 -37.24
C GLN C 91 -2.76 -31.32 -36.82
N HIS C 92 -2.53 -31.12 -35.52
CA HIS C 92 -1.36 -30.39 -35.01
C HIS C 92 -1.31 -28.97 -35.56
N ALA C 93 -2.47 -28.38 -35.84
CA ALA C 93 -2.52 -27.03 -36.39
C ALA C 93 -2.08 -26.01 -35.34
N ILE C 94 -2.45 -26.24 -34.08
CA ILE C 94 -2.16 -25.31 -33.00
C ILE C 94 -1.57 -26.08 -31.84
N ARG C 95 -1.10 -25.32 -30.84
CA ARG C 95 -0.67 -25.86 -29.57
C ARG C 95 -1.37 -25.19 -28.40
N GLY C 96 -2.03 -24.06 -28.62
CA GLY C 96 -2.81 -23.41 -27.57
C GLY C 96 -3.67 -22.31 -28.16
N VAL C 97 -4.41 -21.65 -27.27
CA VAL C 97 -5.22 -20.51 -27.65
C VAL C 97 -4.92 -19.32 -26.74
N KCX C 98 -4.60 -18.18 -27.34
CA KCX C 98 -4.25 -16.99 -26.58
CB KCX C 98 -3.13 -16.22 -27.29
CG KCX C 98 -2.86 -14.83 -26.74
CD KCX C 98 -2.24 -14.83 -25.36
CE KCX C 98 -1.74 -13.44 -24.99
NZ KCX C 98 -0.80 -12.91 -26.04
C KCX C 98 -5.46 -16.08 -26.38
O KCX C 98 -6.15 -15.71 -27.34
CX KCX C 98 -0.52 -11.61 -26.12
OQ1 KCX C 98 0.27 -11.21 -26.99
OQ2 KCX C 98 -1.03 -10.81 -25.32
N CYS C 99 -5.73 -15.72 -25.13
CA CYS C 99 -6.88 -14.90 -24.78
C CYS C 99 -6.50 -13.43 -24.60
N TYR C 100 -7.14 -12.55 -25.36
CA TYR C 100 -6.91 -11.11 -25.25
C TYR C 100 -8.12 -10.46 -24.61
N PRO C 101 -8.01 -9.89 -23.42
CA PRO C 101 -9.08 -9.03 -22.90
C PRO C 101 -9.22 -7.79 -23.78
N ALA C 102 -10.47 -7.45 -24.10
CA ALA C 102 -10.73 -6.42 -25.10
C ALA C 102 -10.37 -5.04 -24.59
N GLY C 103 -9.60 -4.30 -25.39
CA GLY C 103 -9.31 -2.91 -25.09
C GLY C 103 -8.20 -2.69 -24.08
N VAL C 104 -7.20 -3.58 -24.04
CA VAL C 104 -6.15 -3.46 -23.05
C VAL C 104 -4.78 -3.65 -23.69
N THR C 105 -4.76 -4.00 -24.98
CA THR C 105 -3.53 -4.04 -25.75
C THR C 105 -3.89 -3.95 -27.23
N THR C 106 -2.86 -3.90 -28.07
CA THR C 106 -3.06 -3.70 -29.50
C THR C 106 -3.54 -4.98 -30.18
N ASN C 107 -4.46 -4.80 -31.13
CA ASN C 107 -5.07 -5.88 -31.90
C ASN C 107 -5.98 -6.75 -31.04
N SER C 108 -6.60 -6.19 -30.00
CA SER C 108 -7.33 -6.98 -29.03
C SER C 108 -8.80 -6.63 -28.90
N ALA C 109 -9.34 -5.77 -29.76
CA ALA C 109 -10.74 -5.38 -29.69
C ALA C 109 -11.39 -5.64 -31.05
N ALA C 110 -12.54 -6.33 -31.05
CA ALA C 110 -13.17 -6.82 -29.85
C ALA C 110 -12.88 -8.29 -29.67
N GLY C 111 -12.25 -8.59 -28.54
CA GLY C 111 -11.77 -9.91 -28.19
C GLY C 111 -12.69 -10.59 -27.21
N VAL C 112 -12.39 -10.51 -25.91
CA VAL C 112 -13.20 -11.14 -24.87
C VAL C 112 -13.40 -10.17 -23.72
N ASP C 113 -14.47 -10.42 -22.94
CA ASP C 113 -14.67 -9.77 -21.65
C ASP C 113 -14.22 -10.71 -20.54
N PRO C 114 -13.32 -10.28 -19.64
CA PRO C 114 -12.64 -11.24 -18.78
C PRO C 114 -13.21 -11.39 -17.38
N ASN C 115 -13.95 -10.39 -16.87
CA ASN C 115 -14.76 -10.63 -15.67
C ASN C 115 -16.02 -11.39 -16.09
N ASP C 116 -15.77 -12.58 -16.65
CA ASP C 116 -16.78 -13.38 -17.33
C ASP C 116 -16.18 -14.76 -17.61
N PHE C 117 -15.51 -14.91 -18.76
CA PHE C 117 -14.87 -16.16 -19.19
C PHE C 117 -15.82 -17.36 -19.23
N SER C 118 -16.95 -17.28 -18.53
CA SER C 118 -17.90 -18.40 -18.52
C SER C 118 -18.45 -18.69 -19.91
N ALA C 119 -18.38 -17.72 -20.83
CA ALA C 119 -18.93 -17.94 -22.17
C ALA C 119 -18.08 -18.92 -22.97
N PHE C 120 -16.78 -18.97 -22.68
CA PHE C 120 -15.84 -19.78 -23.45
C PHE C 120 -15.53 -21.11 -22.77
N TYR C 121 -16.34 -21.51 -21.78
CA TYR C 121 -16.12 -22.81 -21.14
C TYR C 121 -16.30 -23.99 -22.09
N PRO C 122 -17.20 -23.97 -23.08
CA PRO C 122 -17.14 -25.04 -24.10
C PRO C 122 -15.79 -25.16 -24.78
N ILE C 123 -15.13 -24.03 -25.05
CA ILE C 123 -13.82 -24.08 -25.69
C ILE C 123 -12.77 -24.62 -24.74
N PHE C 124 -12.81 -24.18 -23.48
CA PHE C 124 -11.85 -24.68 -22.49
C PHE C 124 -12.03 -26.17 -22.24
N LYS C 125 -13.28 -26.64 -22.29
CA LYS C 125 -13.56 -28.07 -22.26
C LYS C 125 -12.78 -28.80 -23.36
N ALA C 126 -12.89 -28.32 -24.59
CA ALA C 126 -12.26 -29.00 -25.72
C ALA C 126 -10.74 -28.84 -25.69
N MET C 127 -10.24 -27.69 -25.22
CA MET C 127 -8.79 -27.53 -25.08
C MET C 127 -8.23 -28.45 -24.01
N GLN C 128 -8.95 -28.59 -22.89
CA GLN C 128 -8.50 -29.45 -21.81
C GLN C 128 -8.39 -30.90 -22.29
N GLU C 129 -9.35 -31.35 -23.10
CA GLU C 129 -9.30 -32.71 -23.63
C GLU C 129 -8.13 -32.88 -24.59
N GLU C 130 -7.80 -31.84 -25.34
CA GLU C 130 -6.85 -31.92 -26.44
C GLU C 130 -5.44 -31.47 -26.06
N ASN C 131 -5.18 -31.26 -24.76
CA ASN C 131 -3.86 -30.95 -24.22
C ASN C 131 -3.34 -29.58 -24.64
N LEU C 132 -4.19 -28.72 -25.20
CA LEU C 132 -3.75 -27.39 -25.60
C LEU C 132 -3.46 -26.52 -24.38
N VAL C 133 -2.94 -25.32 -24.65
CA VAL C 133 -2.48 -24.41 -23.61
C VAL C 133 -3.28 -23.12 -23.69
N LEU C 134 -3.77 -22.65 -22.55
CA LEU C 134 -4.51 -21.39 -22.49
C LEU C 134 -3.55 -20.29 -22.05
N ASN C 135 -3.15 -19.44 -23.00
CA ASN C 135 -2.30 -18.31 -22.72
C ASN C 135 -3.15 -17.09 -22.41
N LEU C 136 -2.88 -16.46 -21.27
CA LEU C 136 -3.70 -15.35 -20.78
C LEU C 136 -2.89 -14.08 -20.72
N HIS C 137 -3.38 -13.04 -21.39
CA HIS C 137 -2.87 -11.68 -21.20
C HIS C 137 -3.57 -11.13 -19.96
N GLY C 138 -2.99 -11.43 -18.79
CA GLY C 138 -3.62 -11.10 -17.53
C GLY C 138 -3.76 -9.63 -17.25
N GLU C 139 -4.92 -9.05 -17.59
CA GLU C 139 -5.15 -7.63 -17.42
C GLU C 139 -6.63 -7.34 -17.50
N LYS C 140 -7.22 -6.88 -16.39
CA LYS C 140 -8.62 -6.46 -16.42
C LYS C 140 -8.74 -5.15 -17.19
N PRO C 141 -9.69 -5.04 -18.12
CA PRO C 141 -9.88 -3.78 -18.83
C PRO C 141 -10.22 -2.66 -17.85
N SER C 142 -9.72 -1.47 -18.17
CA SER C 142 -9.77 -0.35 -17.24
C SER C 142 -11.18 0.20 -17.09
N VAL C 143 -11.71 0.15 -15.88
CA VAL C 143 -12.91 0.89 -15.49
C VAL C 143 -12.53 1.76 -14.30
N HIS C 144 -12.84 3.06 -14.39
CA HIS C 144 -12.31 4.02 -13.43
C HIS C 144 -13.31 4.45 -12.37
N ASP C 145 -14.60 4.50 -12.70
CA ASP C 145 -15.60 4.91 -11.72
C ASP C 145 -16.04 3.74 -10.86
N GLY C 146 -17.28 3.79 -10.36
CA GLY C 146 -17.85 2.68 -9.62
C GLY C 146 -18.41 1.63 -10.57
N ASP C 147 -18.98 0.58 -9.98
CA ASP C 147 -19.11 0.39 -8.53
C ASP C 147 -17.81 -0.07 -7.88
N LYS C 148 -17.09 -0.95 -8.56
CA LYS C 148 -15.92 -1.61 -7.98
C LYS C 148 -14.68 -0.74 -8.11
N GLU C 149 -13.56 -1.29 -7.65
CA GLU C 149 -12.29 -0.58 -7.58
C GLU C 149 -11.95 0.06 -8.92
N PRO C 150 -11.41 1.27 -8.94
CA PRO C 150 -10.87 1.83 -10.19
C PRO C 150 -9.71 0.99 -10.71
N ILE C 151 -9.80 0.61 -11.98
CA ILE C 151 -8.80 -0.23 -12.63
C ILE C 151 -7.99 0.63 -13.60
N HIS C 152 -6.67 0.57 -13.47
CA HIS C 152 -5.75 1.37 -14.26
C HIS C 152 -4.59 0.49 -14.71
N VAL C 153 -3.66 1.09 -15.45
CA VAL C 153 -2.59 0.32 -16.07
C VAL C 153 -1.66 -0.31 -15.04
N LEU C 154 -1.75 0.12 -13.78
CA LEU C 154 -0.85 -0.40 -12.75
C LEU C 154 -1.45 -1.56 -11.96
N ASN C 155 -2.76 -1.57 -11.74
CA ASN C 155 -3.40 -2.67 -11.03
C ASN C 155 -4.17 -3.59 -11.96
N ALA C 156 -4.14 -3.36 -13.27
CA ALA C 156 -4.93 -4.17 -14.19
C ALA C 156 -4.48 -5.62 -14.18
N GLU C 157 -3.18 -5.86 -14.04
CA GLU C 157 -2.67 -7.22 -13.97
C GLU C 157 -3.07 -7.90 -12.67
N GLU C 158 -2.97 -7.18 -11.55
CA GLU C 158 -3.28 -7.76 -10.26
C GLU C 158 -4.79 -7.96 -10.09
N ALA C 159 -5.59 -7.02 -10.61
CA ALA C 159 -7.04 -7.17 -10.53
C ALA C 159 -7.54 -8.37 -11.32
N PHE C 160 -6.76 -8.83 -12.30
CA PHE C 160 -7.15 -9.97 -13.13
C PHE C 160 -6.98 -11.30 -12.38
N LEU C 161 -5.97 -11.39 -11.51
CA LEU C 161 -5.54 -12.61 -10.83
C LEU C 161 -6.67 -13.47 -10.28
N PRO C 162 -7.75 -12.89 -9.71
CA PRO C 162 -8.88 -13.74 -9.30
C PRO C 162 -9.47 -14.57 -10.43
N ALA C 163 -9.52 -14.02 -11.65
CA ALA C 163 -10.08 -14.78 -12.77
C ALA C 163 -9.18 -15.95 -13.14
N LEU C 164 -7.85 -15.74 -13.09
CA LEU C 164 -6.93 -16.85 -13.31
C LEU C 164 -7.09 -17.92 -12.25
N LYS C 165 -7.44 -17.53 -11.02
CA LYS C 165 -7.63 -18.51 -9.96
C LYS C 165 -8.90 -19.32 -10.18
N LYS C 166 -9.95 -18.68 -10.72
CA LYS C 166 -11.19 -19.40 -11.02
C LYS C 166 -10.97 -20.41 -12.13
N LEU C 167 -10.19 -20.05 -13.15
CA LEU C 167 -9.97 -20.95 -14.28
C LEU C 167 -9.21 -22.19 -13.87
N HIS C 168 -8.19 -22.03 -13.01
CA HIS C 168 -7.43 -23.18 -12.52
C HIS C 168 -8.28 -24.11 -11.67
N ASN C 169 -9.38 -23.60 -11.10
CA ASN C 169 -10.28 -24.39 -10.29
C ASN C 169 -11.37 -25.05 -11.12
N ASP C 170 -11.92 -24.32 -12.09
CA ASP C 170 -12.96 -24.90 -12.94
C ASP C 170 -12.40 -25.86 -13.97
N PHE C 171 -11.12 -25.74 -14.31
CA PHE C 171 -10.45 -26.62 -15.27
C PHE C 171 -9.08 -27.00 -14.72
N PRO C 172 -9.05 -27.89 -13.73
CA PRO C 172 -7.77 -28.17 -13.04
C PRO C 172 -6.74 -28.85 -13.92
N ASN C 173 -7.16 -29.68 -14.88
CA ASN C 173 -6.23 -30.40 -15.73
C ASN C 173 -5.86 -29.63 -16.99
N LEU C 174 -6.39 -28.43 -17.17
CA LEU C 174 -6.04 -27.61 -18.32
C LEU C 174 -4.73 -26.87 -18.06
N LYS C 175 -3.88 -26.79 -19.08
CA LYS C 175 -2.65 -26.02 -19.00
C LYS C 175 -2.95 -24.55 -19.23
N ILE C 176 -2.61 -23.72 -18.26
CA ILE C 176 -2.82 -22.28 -18.34
C ILE C 176 -1.50 -21.58 -18.09
N ILE C 177 -1.28 -20.46 -18.79
CA ILE C 177 -0.10 -19.63 -18.59
C ILE C 177 -0.54 -18.18 -18.44
N LEU C 178 -0.09 -17.55 -17.36
CA LEU C 178 -0.21 -16.10 -17.23
C LEU C 178 0.94 -15.47 -17.99
N GLU C 179 0.65 -14.92 -19.16
CA GLU C 179 1.70 -14.41 -20.04
C GLU C 179 2.32 -13.14 -19.49
N HIS C 180 3.62 -12.98 -19.74
CA HIS C 180 4.41 -11.80 -19.39
C HIS C 180 4.03 -11.17 -18.06
N CYS C 181 4.49 -11.75 -16.96
CA CYS C 181 4.24 -11.18 -15.64
C CYS C 181 4.98 -9.85 -15.48
N THR C 182 4.38 -8.94 -14.71
CA THR C 182 4.97 -7.65 -14.45
C THR C 182 4.90 -7.21 -12.99
N SER C 183 4.14 -7.90 -12.14
CA SER C 183 3.87 -7.44 -10.78
C SER C 183 4.24 -8.51 -9.77
N GLU C 184 4.64 -8.08 -8.58
CA GLU C 184 5.01 -9.02 -7.53
C GLU C 184 3.80 -9.80 -7.02
N SER C 185 2.63 -9.16 -6.98
CA SER C 185 1.41 -9.86 -6.58
C SER C 185 1.15 -11.04 -7.51
N ALA C 186 1.39 -10.87 -8.81
CA ALA C 186 1.20 -11.95 -9.75
C ALA C 186 2.21 -13.07 -9.52
N ILE C 187 3.45 -12.72 -9.21
CA ILE C 187 4.47 -13.73 -8.94
C ILE C 187 4.09 -14.56 -7.73
N LYS C 188 3.67 -13.90 -6.64
CA LYS C 188 3.27 -14.61 -5.44
C LYS C 188 2.13 -15.58 -5.74
N THR C 189 1.21 -15.19 -6.61
CA THR C 189 0.09 -16.05 -6.94
C THR C 189 0.55 -17.30 -7.69
N ILE C 190 1.56 -17.15 -8.56
CA ILE C 190 2.04 -18.30 -9.32
C ILE C 190 2.72 -19.30 -8.40
N GLU C 191 3.52 -18.81 -7.45
CA GLU C 191 4.14 -19.70 -6.47
C GLU C 191 3.09 -20.40 -5.63
N ASP C 192 2.04 -19.67 -5.22
CA ASP C 192 1.03 -20.23 -4.34
C ASP C 192 0.24 -21.33 -5.04
N ILE C 193 -0.10 -21.12 -6.31
CA ILE C 193 -0.82 -22.15 -7.07
C ILE C 193 0.03 -23.40 -7.19
N ASN C 194 1.34 -23.25 -7.26
CA ASN C 194 2.28 -24.37 -7.33
C ASN C 194 2.98 -24.60 -6.00
N LYS C 195 2.20 -24.64 -4.91
CA LYS C 195 2.79 -24.69 -3.57
C LYS C 195 3.35 -26.08 -3.27
N ASN C 196 2.59 -27.13 -3.57
CA ASN C 196 2.96 -28.50 -3.25
C ASN C 196 3.78 -29.17 -4.34
N VAL C 197 4.01 -28.49 -5.46
CA VAL C 197 4.45 -29.12 -6.70
C VAL C 197 5.87 -29.67 -6.55
N LYS C 198 6.02 -30.97 -6.76
CA LYS C 198 7.32 -31.61 -6.90
C LYS C 198 7.49 -32.05 -8.35
N LYS C 199 8.69 -31.83 -8.89
CA LYS C 199 9.10 -32.10 -10.27
C LYS C 199 8.20 -31.42 -11.32
N ALA C 200 8.81 -31.01 -12.43
CA ALA C 200 8.18 -30.05 -13.33
C ALA C 200 6.86 -30.55 -13.91
N THR C 201 6.74 -31.86 -14.14
CA THR C 201 5.55 -32.37 -14.81
C THR C 201 4.28 -32.24 -13.98
N ASP C 202 4.35 -31.71 -12.76
CA ASP C 202 3.16 -31.39 -11.99
C ASP C 202 2.61 -30.00 -12.32
N VAL C 203 3.38 -29.16 -13.00
CA VAL C 203 2.98 -27.78 -13.24
C VAL C 203 1.87 -27.74 -14.29
N LYS C 204 0.73 -27.16 -13.91
CA LYS C 204 -0.35 -26.92 -14.87
C LYS C 204 -0.61 -25.44 -15.11
N VAL C 205 -0.15 -24.56 -14.22
CA VAL C 205 -0.31 -23.12 -14.36
C VAL C 205 1.07 -22.51 -14.15
N ALA C 206 1.61 -21.90 -15.20
CA ALA C 206 2.93 -21.29 -15.17
C ALA C 206 2.82 -19.81 -15.57
N ALA C 207 3.97 -19.15 -15.63
CA ALA C 207 4.05 -17.75 -15.98
C ALA C 207 5.29 -17.58 -16.83
N THR C 208 5.19 -16.73 -17.85
CA THR C 208 6.32 -16.40 -18.71
C THR C 208 6.77 -14.99 -18.38
N LEU C 209 8.02 -14.67 -18.70
CA LEU C 209 8.63 -13.39 -18.33
C LEU C 209 9.39 -12.85 -19.52
N THR C 210 9.07 -11.62 -19.91
CA THR C 210 9.73 -10.99 -21.05
C THR C 210 11.17 -10.63 -20.71
N ALA C 211 11.90 -10.23 -21.75
CA ALA C 211 13.26 -9.73 -21.53
C ALA C 211 13.25 -8.31 -20.98
N HIS C 212 12.36 -7.46 -21.48
CA HIS C 212 12.40 -6.05 -21.12
C HIS C 212 11.83 -5.76 -19.74
N HIS C 213 10.96 -6.62 -19.21
CA HIS C 213 10.42 -6.39 -17.88
C HIS C 213 11.43 -6.71 -16.78
N LEU C 214 12.49 -7.48 -17.10
CA LEU C 214 13.60 -7.66 -16.18
C LEU C 214 14.55 -6.46 -16.18
N PHE C 215 14.24 -5.41 -16.93
CA PHE C 215 15.09 -4.23 -17.04
C PHE C 215 14.31 -2.97 -16.70
N LEU C 216 13.13 -2.83 -17.27
CA LEU C 216 12.40 -1.57 -17.24
C LEU C 216 11.62 -1.41 -15.94
N THR C 217 11.48 -0.15 -15.53
CA THR C 217 10.52 0.28 -14.52
C THR C 217 9.61 1.32 -15.17
N ILE C 218 8.76 1.95 -14.35
CA ILE C 218 7.87 2.99 -14.89
C ILE C 218 8.67 4.17 -15.41
N ASP C 219 9.85 4.42 -14.82
CA ASP C 219 10.63 5.59 -15.22
C ASP C 219 11.25 5.42 -16.59
N ASP C 220 11.53 4.17 -17.00
CA ASP C 220 12.19 3.96 -18.29
C ASP C 220 11.25 4.13 -19.47
N TRP C 221 9.93 4.02 -19.26
CA TRP C 221 8.99 4.15 -20.37
C TRP C 221 8.16 5.42 -20.31
N ALA C 222 8.04 6.06 -19.14
CA ALA C 222 7.33 7.33 -19.04
C ALA C 222 8.14 8.40 -19.78
N GLY C 223 7.56 8.95 -20.85
CA GLY C 223 8.31 9.84 -21.71
C GLY C 223 9.23 9.14 -22.69
N ASN C 224 9.11 7.83 -22.82
CA ASN C 224 9.93 7.04 -23.75
C ASN C 224 9.05 6.00 -24.41
N PRO C 225 8.30 6.39 -25.44
CA PRO C 225 7.37 5.44 -26.08
C PRO C 225 8.02 4.19 -26.62
N VAL C 226 9.34 4.19 -26.83
CA VAL C 226 10.02 3.00 -27.34
C VAL C 226 10.14 1.90 -26.28
N ASN C 227 9.89 2.23 -25.02
CA ASN C 227 9.81 1.23 -23.94
C ASN C 227 8.39 0.98 -23.50
N PHE C 228 7.41 1.40 -24.29
CA PHE C 228 5.99 1.27 -23.95
C PHE C 228 5.46 -0.06 -24.44
N CYS C 229 4.85 -0.82 -23.53
CA CYS C 229 4.28 -2.11 -23.87
C CYS C 229 3.18 -2.45 -22.87
N LYS C 230 2.38 -3.45 -23.23
CA LYS C 230 1.35 -3.98 -22.36
C LYS C 230 1.69 -5.43 -22.00
N PRO C 231 1.71 -5.79 -20.71
CA PRO C 231 1.43 -4.88 -19.60
C PRO C 231 2.60 -3.96 -19.27
N VAL C 232 2.24 -2.79 -18.74
CA VAL C 232 3.20 -1.73 -18.47
C VAL C 232 4.29 -2.21 -17.49
N ALA C 233 5.52 -1.76 -17.72
CA ALA C 233 6.58 -1.97 -16.75
C ALA C 233 6.33 -1.10 -15.52
N LYS C 234 6.40 -1.71 -14.34
CA LYS C 234 5.82 -1.10 -13.15
C LYS C 234 6.87 -0.61 -12.16
N LEU C 235 6.60 -0.76 -10.86
CA LEU C 235 7.45 -0.21 -9.83
C LEU C 235 8.76 -0.99 -9.71
N PRO C 236 9.77 -0.40 -9.07
CA PRO C 236 11.03 -1.15 -8.85
C PRO C 236 10.86 -2.42 -8.05
N ASN C 237 9.92 -2.46 -7.09
CA ASN C 237 9.70 -3.68 -6.35
C ASN C 237 9.09 -4.77 -7.22
N ASP C 238 8.26 -4.38 -8.19
CA ASP C 238 7.75 -5.35 -9.15
C ASP C 238 8.89 -5.94 -9.99
N LYS C 239 9.82 -5.09 -10.43
CA LYS C 239 10.96 -5.57 -11.21
C LYS C 239 11.82 -6.51 -10.39
N LYS C 240 12.09 -6.16 -9.13
CA LYS C 240 12.86 -7.03 -8.26
C LYS C 240 12.24 -8.41 -8.15
N ALA C 241 10.89 -8.47 -8.11
CA ALA C 241 10.22 -9.75 -8.02
C ALA C 241 10.46 -10.60 -9.26
N LEU C 242 10.25 -10.01 -10.45
CA LEU C 242 10.40 -10.77 -11.69
C LEU C 242 11.82 -11.29 -11.86
N VAL C 243 12.81 -10.46 -11.51
CA VAL C 243 14.20 -10.88 -11.63
C VAL C 243 14.50 -12.00 -10.65
N LYS C 244 14.06 -11.85 -9.40
CA LYS C 244 14.15 -12.95 -8.44
C LYS C 244 13.46 -14.19 -8.97
N ALA C 245 12.29 -14.02 -9.59
CA ALA C 245 11.56 -15.18 -10.09
C ALA C 245 12.26 -15.79 -11.31
N ALA C 246 12.88 -14.95 -12.14
CA ALA C 246 13.54 -15.45 -13.34
C ALA C 246 14.73 -16.34 -12.99
N VAL C 247 15.52 -15.95 -11.99
CA VAL C 247 16.67 -16.75 -11.59
C VAL C 247 16.32 -17.86 -10.61
N SER C 248 15.08 -17.93 -10.16
CA SER C 248 14.71 -18.82 -9.07
C SER C 248 14.89 -20.30 -9.41
N GLY C 249 14.88 -20.65 -10.69
CA GLY C 249 14.99 -22.06 -11.05
C GLY C 249 13.75 -22.87 -10.74
N LYS C 250 12.61 -22.21 -10.53
CA LYS C 250 11.35 -22.91 -10.37
C LYS C 250 10.80 -23.29 -11.75
N PRO C 251 10.11 -24.43 -11.85
CA PRO C 251 9.67 -24.92 -13.18
C PRO C 251 8.44 -24.21 -13.73
N TYR C 252 7.86 -23.24 -13.02
CA TYR C 252 6.68 -22.54 -13.49
C TYR C 252 6.96 -21.10 -13.88
N PHE C 253 8.23 -20.77 -14.16
CA PHE C 253 8.61 -19.51 -14.77
C PHE C 253 9.56 -19.82 -15.92
N PHE C 254 9.19 -19.45 -17.15
CA PHE C 254 10.09 -19.59 -18.28
C PHE C 254 9.93 -18.41 -19.22
N PHE C 255 10.82 -18.35 -20.21
CA PHE C 255 11.00 -17.14 -21.00
C PHE C 255 9.98 -17.03 -22.14
N GLY C 256 9.50 -15.81 -22.33
CA GLY C 256 8.63 -15.45 -23.44
C GLY C 256 8.75 -13.96 -23.71
N SER C 257 9.38 -13.61 -24.83
CA SER C 257 9.90 -12.25 -24.99
C SER C 257 8.79 -11.22 -25.07
N ASP C 258 7.63 -11.58 -25.65
CA ASP C 258 6.65 -10.59 -26.10
C ASP C 258 7.30 -9.58 -27.03
N SER C 259 8.30 -10.04 -27.80
CA SER C 259 8.88 -9.23 -28.85
C SER C 259 7.80 -8.85 -29.85
N ALA C 260 7.43 -7.57 -29.88
CA ALA C 260 6.35 -7.08 -30.73
C ALA C 260 6.87 -5.96 -31.60
N PRO C 261 7.17 -6.23 -32.87
CA PRO C 261 7.78 -5.20 -33.72
C PRO C 261 6.76 -4.17 -34.16
N HIS C 262 7.17 -2.91 -34.09
CA HIS C 262 6.42 -1.78 -34.61
C HIS C 262 7.38 -0.91 -35.41
N PRO C 263 7.01 -0.45 -36.60
CA PRO C 263 7.86 0.51 -37.30
C PRO C 263 7.96 1.78 -36.50
N VAL C 264 9.10 2.46 -36.62
CA VAL C 264 9.40 3.60 -35.75
C VAL C 264 8.33 4.68 -35.89
N GLN C 265 7.69 4.79 -37.05
CA GLN C 265 6.61 5.75 -37.22
C GLN C 265 5.41 5.39 -36.35
N ASN C 266 5.26 4.12 -35.98
CA ASN C 266 4.15 3.74 -35.12
C ASN C 266 4.44 4.12 -33.67
N LYS C 267 5.71 4.22 -33.30
CA LYS C 267 6.09 4.53 -31.92
C LYS C 267 6.23 6.02 -31.66
N ALA C 268 6.48 6.82 -32.70
CA ALA C 268 6.67 8.26 -32.55
C ALA C 268 5.40 9.02 -32.87
N ASN C 269 4.28 8.58 -32.31
CA ASN C 269 3.05 9.36 -32.35
C ASN C 269 3.07 10.38 -31.22
N TYR C 270 2.20 11.38 -31.34
CA TYR C 270 1.93 12.28 -30.21
C TYR C 270 0.64 11.91 -29.49
N GLU C 271 -0.19 11.05 -30.08
CA GLU C 271 -1.31 10.43 -29.41
C GLU C 271 -1.47 9.01 -29.96
N GLY C 272 -1.81 8.08 -29.08
CA GLY C 272 -2.02 6.71 -29.50
C GLY C 272 -0.75 5.99 -29.89
N VAL C 273 0.27 6.03 -29.01
CA VAL C 273 1.50 5.31 -29.27
C VAL C 273 1.24 3.82 -29.28
N CYS C 274 1.79 3.13 -30.27
CA CYS C 274 1.64 1.68 -30.36
C CYS C 274 2.47 1.00 -29.27
N ALA C 275 1.93 -0.09 -28.74
CA ALA C 275 2.53 -0.79 -27.61
C ALA C 275 3.29 -2.03 -28.09
N GLY C 276 4.44 -2.29 -27.48
CA GLY C 276 5.24 -3.44 -27.81
C GLY C 276 6.71 -3.13 -27.98
N VAL C 277 7.56 -3.92 -27.32
CA VAL C 277 9.02 -3.78 -27.40
C VAL C 277 9.55 -4.90 -28.28
N TYR C 278 10.57 -4.58 -29.10
CA TYR C 278 11.22 -5.56 -29.95
C TYR C 278 12.50 -6.03 -29.28
N SER C 279 12.53 -7.30 -28.88
CA SER C 279 13.71 -7.93 -28.30
C SER C 279 14.15 -9.18 -29.05
N GLN C 280 13.51 -9.48 -30.19
CA GLN C 280 13.77 -10.73 -30.90
C GLN C 280 15.24 -10.85 -31.31
N SER C 281 15.84 -9.75 -31.75
CA SER C 281 17.15 -9.83 -32.40
C SER C 281 18.28 -10.18 -31.44
N PHE C 282 18.08 -9.99 -30.13
CA PHE C 282 19.11 -10.29 -29.13
C PHE C 282 18.47 -10.97 -27.92
N ALA C 283 17.45 -11.78 -28.16
CA ALA C 283 16.62 -12.39 -27.12
C ALA C 283 17.42 -13.00 -25.99
N ILE C 284 18.11 -14.11 -26.25
CA ILE C 284 18.91 -14.75 -25.21
C ILE C 284 20.05 -13.85 -24.73
N PRO C 285 20.78 -13.13 -25.60
CA PRO C 285 21.80 -12.20 -25.09
C PRO C 285 21.27 -11.18 -24.08
N TYR C 286 20.02 -10.73 -24.20
CA TYR C 286 19.43 -9.90 -23.15
C TYR C 286 19.33 -10.69 -21.85
N ILE C 287 18.82 -11.92 -21.94
CA ILE C 287 18.53 -12.70 -20.73
C ILE C 287 19.82 -13.09 -20.03
N ALA C 288 20.83 -13.51 -20.79
CA ALA C 288 22.12 -13.86 -20.18
C ALA C 288 22.73 -12.68 -19.45
N GLN C 289 22.45 -11.45 -19.90
CA GLN C 289 22.96 -10.26 -19.23
C GLN C 289 22.41 -10.17 -17.82
N VAL C 290 21.11 -10.43 -17.64
CA VAL C 290 20.50 -10.38 -16.32
C VAL C 290 21.11 -11.44 -15.41
N PHE C 291 21.19 -12.68 -15.91
CA PHE C 291 21.65 -13.78 -15.07
C PHE C 291 23.12 -13.61 -14.70
N GLU C 292 23.94 -13.08 -15.60
CA GLU C 292 25.33 -12.76 -15.27
C GLU C 292 25.38 -11.69 -14.19
N GLU C 293 24.66 -10.59 -14.41
CA GLU C 293 24.52 -9.54 -13.40
C GLU C 293 24.02 -10.10 -12.07
N GLN C 294 23.18 -11.13 -12.12
CA GLN C 294 22.63 -11.74 -10.93
C GLN C 294 23.54 -12.81 -10.34
N ASN C 295 24.62 -13.17 -11.03
CA ASN C 295 25.48 -14.30 -10.66
C ASN C 295 24.62 -15.54 -10.37
N ALA C 296 23.88 -15.95 -11.40
CA ALA C 296 23.04 -17.14 -11.33
C ALA C 296 22.96 -17.80 -12.69
N LEU C 297 24.10 -17.85 -13.40
CA LEU C 297 24.11 -18.29 -14.78
C LEU C 297 23.70 -19.75 -14.93
N GLU C 298 24.01 -20.58 -13.92
CA GLU C 298 23.70 -22.00 -14.04
C GLU C 298 22.21 -22.30 -13.91
N ASN C 299 21.36 -21.29 -13.68
CA ASN C 299 19.92 -21.47 -13.75
C ASN C 299 19.34 -21.00 -15.08
N LEU C 300 20.13 -20.32 -15.91
CA LEU C 300 19.63 -19.78 -17.17
C LEU C 300 19.21 -20.87 -18.13
N LYS C 301 19.82 -22.06 -18.04
CA LYS C 301 19.52 -23.13 -18.99
C LYS C 301 18.05 -23.53 -18.93
N GLY C 302 17.46 -23.51 -17.74
CA GLY C 302 16.07 -23.91 -17.60
C GLY C 302 15.08 -22.83 -17.98
N PHE C 303 15.46 -21.56 -17.77
CA PHE C 303 14.55 -20.44 -18.03
C PHE C 303 14.32 -20.22 -19.52
N VAL C 304 15.34 -20.45 -20.35
CA VAL C 304 15.25 -20.20 -21.78
C VAL C 304 15.15 -21.49 -22.58
N SER C 305 14.99 -22.63 -21.92
CA SER C 305 14.99 -23.90 -22.65
C SER C 305 14.23 -25.01 -21.93
N ASP C 306 14.73 -25.43 -20.76
CA ASP C 306 14.26 -26.68 -20.17
C ASP C 306 12.81 -26.58 -19.70
N PHE C 307 12.49 -25.54 -18.94
CA PHE C 307 11.18 -25.47 -18.31
C PHE C 307 10.07 -25.28 -19.33
N GLY C 308 10.36 -24.64 -20.46
CA GLY C 308 9.37 -24.39 -21.49
C GLY C 308 9.02 -25.61 -22.33
N ILE C 309 10.05 -26.32 -22.79
CA ILE C 309 9.82 -27.58 -23.51
C ILE C 309 9.01 -28.53 -22.65
N SER C 310 9.37 -28.65 -21.38
CA SER C 310 8.65 -29.52 -20.45
C SER C 310 7.17 -29.15 -20.40
N PHE C 311 6.87 -27.86 -20.26
CA PHE C 311 5.48 -27.44 -20.11
C PHE C 311 4.71 -27.64 -21.40
N TYR C 312 5.20 -27.08 -22.51
CA TYR C 312 4.51 -27.21 -23.78
C TYR C 312 4.61 -28.60 -24.39
N GLU C 313 5.31 -29.52 -23.74
CA GLU C 313 5.50 -30.90 -24.22
C GLU C 313 6.00 -30.92 -25.66
N VAL C 314 7.15 -30.28 -25.86
CA VAL C 314 7.79 -30.23 -27.17
C VAL C 314 8.61 -31.51 -27.34
N LYS C 315 8.14 -32.40 -28.21
CA LYS C 315 8.84 -33.64 -28.52
C LYS C 315 9.88 -33.39 -29.60
N ASP C 316 10.97 -34.16 -29.54
CA ASP C 316 12.06 -34.02 -30.49
C ASP C 316 11.58 -34.09 -31.94
N SER C 317 10.51 -34.86 -32.18
CA SER C 317 10.11 -35.17 -33.55
C SER C 317 9.64 -33.92 -34.29
N GLU C 318 8.94 -33.01 -33.60
CA GLU C 318 8.41 -31.83 -34.29
C GLU C 318 9.44 -30.72 -34.45
N VAL C 319 10.55 -30.78 -33.70
CA VAL C 319 11.53 -29.70 -33.73
C VAL C 319 12.17 -29.65 -35.10
N ALA C 320 12.26 -28.44 -35.67
CA ALA C 320 12.64 -28.34 -37.07
C ALA C 320 14.14 -28.57 -37.25
N SER C 321 14.94 -28.33 -36.22
CA SER C 321 16.38 -28.51 -36.33
C SER C 321 16.95 -28.77 -34.94
N SER C 322 17.88 -29.72 -34.86
CA SER C 322 18.50 -30.13 -33.60
C SER C 322 19.85 -29.45 -33.39
N ASP C 323 20.00 -28.22 -33.84
CA ASP C 323 21.19 -27.44 -33.51
C ASP C 323 21.03 -26.79 -32.14
N LYS C 324 22.14 -26.65 -31.44
CA LYS C 324 22.14 -26.07 -30.10
C LYS C 324 22.49 -24.58 -30.16
N ALA C 325 21.96 -23.83 -29.20
CA ALA C 325 22.30 -22.43 -29.03
C ALA C 325 23.41 -22.32 -28.00
N ILE C 326 24.53 -21.72 -28.40
CA ILE C 326 25.69 -21.58 -27.52
C ILE C 326 25.95 -20.09 -27.30
N LEU C 327 25.92 -19.67 -26.04
CA LEU C 327 26.43 -18.36 -25.68
C LEU C 327 27.95 -18.39 -25.67
N PHE C 328 28.56 -17.27 -26.07
CA PHE C 328 30.00 -17.09 -25.90
C PHE C 328 30.24 -15.65 -25.49
N LYS C 329 31.08 -15.46 -24.48
CA LYS C 329 31.27 -14.14 -23.89
C LYS C 329 32.05 -13.24 -24.84
N LYS C 330 31.42 -12.84 -25.94
CA LYS C 330 31.97 -11.85 -26.85
C LYS C 330 31.09 -10.61 -26.80
N GLU C 331 31.70 -9.45 -26.54
CA GLU C 331 30.95 -8.23 -26.35
C GLU C 331 30.47 -7.66 -27.68
N GLN C 332 29.23 -7.22 -27.71
CA GLN C 332 28.64 -6.63 -28.91
C GLN C 332 27.79 -5.43 -28.53
N VAL C 333 27.48 -4.61 -29.53
CA VAL C 333 26.74 -3.37 -29.35
C VAL C 333 25.43 -3.47 -30.11
N ILE C 334 24.35 -3.02 -29.48
CA ILE C 334 23.02 -3.10 -30.09
C ILE C 334 22.91 -2.03 -31.19
N PRO C 335 22.48 -2.39 -32.40
CA PRO C 335 22.26 -1.38 -33.44
C PRO C 335 21.33 -0.25 -33.00
N GLN C 336 21.38 0.87 -33.71
CA GLN C 336 20.39 1.92 -33.48
C GLN C 336 19.03 1.52 -34.03
N VAL C 337 19.01 0.89 -35.21
CA VAL C 337 17.77 0.46 -35.85
C VAL C 337 17.95 -0.94 -36.43
N ILE C 338 16.84 -1.66 -36.52
CA ILE C 338 16.72 -2.87 -37.32
C ILE C 338 15.82 -2.55 -38.49
N SER C 339 16.25 -2.87 -39.70
CA SER C 339 15.51 -2.41 -40.86
C SER C 339 15.70 -3.34 -42.04
N ASP C 340 14.67 -3.42 -42.88
CA ASP C 340 14.72 -4.16 -44.13
C ASP C 340 15.37 -3.39 -45.28
N GLY C 341 15.87 -2.18 -45.01
CA GLY C 341 16.42 -1.36 -46.08
C GLY C 341 15.38 -0.86 -47.05
N LYS C 342 14.13 -0.78 -46.63
CA LYS C 342 13.05 -0.32 -47.50
C LYS C 342 12.12 0.64 -46.77
N ASP C 343 11.04 0.09 -46.19
CA ASP C 343 10.04 0.91 -45.52
C ASP C 343 9.95 0.67 -44.02
N ILE C 344 10.51 -0.42 -43.52
CA ILE C 344 10.32 -0.85 -42.13
C ILE C 344 11.63 -0.72 -41.38
N SER C 345 11.64 0.11 -40.34
CA SER C 345 12.78 0.25 -39.43
C SER C 345 12.26 0.15 -38.01
N ILE C 346 12.80 -0.80 -37.24
CA ILE C 346 12.38 -1.05 -35.87
C ILE C 346 13.51 -0.68 -34.94
N ILE C 347 13.16 -0.05 -33.81
CA ILE C 347 14.13 0.31 -32.78
C ILE C 347 14.29 -0.88 -31.85
N PRO C 348 15.50 -1.42 -31.68
CA PRO C 348 15.68 -2.55 -30.77
C PRO C 348 15.72 -2.12 -29.31
N PHE C 349 15.41 -3.07 -28.43
CA PHE C 349 15.43 -2.81 -27.00
C PHE C 349 16.86 -2.60 -26.52
N LYS C 350 17.04 -1.56 -25.71
CA LYS C 350 18.36 -1.15 -25.22
C LYS C 350 19.32 -0.89 -26.38
N ALA C 351 18.85 -0.08 -27.34
CA ALA C 351 19.65 0.25 -28.51
C ALA C 351 20.86 1.10 -28.10
N GLY C 352 22.02 0.75 -28.62
CA GLY C 352 23.24 1.46 -28.31
C GLY C 352 23.97 0.99 -27.07
N ASP C 353 23.52 -0.11 -26.44
CA ASP C 353 24.14 -0.64 -25.25
C ASP C 353 25.05 -1.81 -25.58
N LYS C 354 25.91 -2.16 -24.62
CA LYS C 354 26.83 -3.27 -24.76
C LYS C 354 26.27 -4.50 -24.05
N LEU C 355 26.46 -5.66 -24.67
CA LEU C 355 26.09 -6.93 -24.07
C LEU C 355 27.32 -7.84 -23.99
N SER C 356 27.36 -8.65 -22.94
CA SER C 356 28.55 -9.47 -22.70
C SER C 356 28.59 -10.71 -23.59
N TRP C 357 27.44 -11.20 -24.03
CA TRP C 357 27.35 -12.48 -24.71
C TRP C 357 26.80 -12.33 -26.13
N SER C 358 27.21 -13.25 -27.00
CA SER C 358 26.64 -13.43 -28.31
C SER C 358 26.25 -14.90 -28.45
N VAL C 359 25.61 -15.25 -29.57
CA VAL C 359 25.08 -16.59 -29.77
C VAL C 359 25.47 -17.10 -31.14
N ARG C 360 25.94 -18.34 -31.19
CA ARG C 360 26.19 -19.10 -32.40
C ARG C 360 25.46 -20.44 -32.30
N TRP C 361 25.57 -21.27 -33.34
CA TRP C 361 24.80 -22.50 -33.43
C TRP C 361 25.70 -23.68 -33.74
N GLU C 362 25.56 -24.75 -32.95
CA GLU C 362 26.34 -25.98 -33.08
C GLU C 362 25.42 -27.15 -33.36
N PRO C 363 25.68 -27.94 -34.40
CA PRO C 363 24.91 -29.16 -34.62
C PRO C 363 25.15 -30.17 -33.50
N ARG C 364 24.32 -31.21 -33.56
CA ARG C 364 24.32 -32.34 -32.60
C ARG C 364 25.15 -33.47 -33.21
N LEU C 365 25.79 -34.28 -32.38
CA LEU C 365 26.65 -35.40 -32.84
C LEU C 365 26.21 -36.69 -32.12
N VAL D 2 -16.92 29.04 33.17
CA VAL D 2 -16.70 30.33 32.53
C VAL D 2 -16.94 30.23 31.03
N GLN D 3 -17.03 28.99 30.54
CA GLN D 3 -17.26 28.73 29.12
C GLN D 3 -18.18 27.51 29.00
N GLU D 4 -19.34 27.70 28.37
CA GLU D 4 -20.37 26.68 28.31
C GLU D 4 -20.90 26.57 26.89
N ILE D 5 -21.53 25.43 26.60
CA ILE D 5 -22.16 25.17 25.31
C ILE D 5 -23.49 24.47 25.54
N ASP D 6 -24.54 24.95 24.89
CA ASP D 6 -25.85 24.30 24.93
C ASP D 6 -25.92 23.28 23.80
N LEU D 7 -26.08 22.01 24.15
CA LEU D 7 -26.10 20.93 23.18
C LEU D 7 -27.51 20.46 22.83
N GLY D 8 -28.52 20.90 23.55
CA GLY D 8 -29.88 20.47 23.27
C GLY D 8 -30.09 19.00 23.59
N LEU D 9 -30.98 18.37 22.84
CA LEU D 9 -31.26 16.94 22.99
C LEU D 9 -30.13 16.15 22.33
N THR D 10 -29.15 15.73 23.11
CA THR D 10 -28.03 14.97 22.58
C THR D 10 -28.44 13.52 22.31
N CYS D 11 -27.73 12.87 21.39
CA CYS D 11 -28.06 11.51 21.01
C CYS D 11 -26.80 10.68 20.83
N ASP D 12 -27.00 9.37 20.87
CA ASP D 12 -25.91 8.39 20.73
C ASP D 12 -26.55 7.16 20.12
N MET D 13 -26.16 6.83 18.88
CA MET D 13 -26.90 5.87 18.07
C MET D 13 -26.25 4.49 18.04
N HIS D 14 -25.55 4.11 19.11
CA HIS D 14 -24.91 2.78 19.19
C HIS D 14 -24.60 2.52 20.67
N VAL D 15 -25.59 1.97 21.38
CA VAL D 15 -25.53 1.81 22.83
C VAL D 15 -25.74 0.35 23.19
N HIS D 16 -24.96 -0.15 24.15
CA HIS D 16 -25.13 -1.47 24.72
C HIS D 16 -25.33 -1.35 26.23
N VAL D 17 -26.14 -2.23 26.80
CA VAL D 17 -26.43 -2.20 28.24
C VAL D 17 -26.60 -3.61 28.80
N ARG D 18 -26.80 -4.59 27.91
CA ARG D 18 -27.04 -5.98 28.28
C ARG D 18 -28.25 -6.12 29.22
N GLU D 19 -28.31 -7.24 29.94
CA GLU D 19 -29.33 -7.52 30.95
C GLU D 19 -28.65 -7.58 32.33
N GLY D 20 -29.16 -8.43 33.21
CA GLY D 20 -28.61 -8.77 34.51
C GLY D 20 -28.37 -7.56 35.36
N ALA D 21 -27.39 -7.69 36.27
CA ALA D 21 -27.00 -6.57 37.12
C ALA D 21 -26.26 -5.49 36.34
N MET D 22 -25.71 -5.84 35.17
CA MET D 22 -25.00 -4.85 34.36
C MET D 22 -25.97 -3.78 33.85
N CYS D 23 -27.14 -4.21 33.37
CA CYS D 23 -28.13 -3.27 32.87
C CYS D 23 -28.60 -2.32 33.97
N GLU D 24 -28.63 -2.79 35.22
CA GLU D 24 -29.06 -1.95 36.32
C GLU D 24 -28.05 -0.84 36.60
N LEU D 25 -26.77 -1.11 36.40
CA LEU D 25 -25.73 -0.14 36.69
C LEU D 25 -25.48 0.80 35.52
N VAL D 26 -25.56 0.29 34.29
CA VAL D 26 -25.08 1.05 33.15
C VAL D 26 -26.17 1.97 32.61
N THR D 27 -27.43 1.53 32.63
CA THR D 27 -28.50 2.34 32.04
C THR D 27 -28.64 3.72 32.67
N PRO D 28 -28.56 3.90 33.99
CA PRO D 28 -28.57 5.27 34.54
C PRO D 28 -27.41 6.12 34.05
N LYS D 29 -26.32 5.50 33.59
CA LYS D 29 -25.13 6.25 33.17
C LYS D 29 -25.24 6.79 31.75
N ILE D 30 -26.19 6.30 30.95
CA ILE D 30 -26.51 6.94 29.68
C ILE D 30 -26.90 8.39 29.93
N ARG D 31 -27.72 8.61 30.98
CA ARG D 31 -28.07 9.97 31.39
C ARG D 31 -26.89 10.67 32.07
N ASP D 32 -26.06 9.91 32.78
CA ASP D 32 -24.89 10.51 33.43
C ASP D 32 -23.92 11.08 32.40
N GLY D 33 -23.74 10.39 31.27
CA GLY D 33 -22.75 10.83 30.30
C GLY D 33 -23.14 12.08 29.54
N GLY D 34 -24.40 12.48 29.62
CA GLY D 34 -24.90 13.64 28.91
C GLY D 34 -25.70 13.34 27.67
N VAL D 35 -26.22 12.13 27.54
CA VAL D 35 -26.96 11.70 26.36
C VAL D 35 -28.45 11.61 26.71
N SER D 36 -29.29 12.23 25.89
CA SER D 36 -30.73 12.18 26.08
C SER D 36 -31.42 11.15 25.20
N ILE D 37 -30.87 10.88 24.02
CA ILE D 37 -31.47 9.97 23.06
C ILE D 37 -30.48 8.83 22.81
N ALA D 38 -30.93 7.60 23.00
CA ALA D 38 -30.06 6.44 22.86
C ALA D 38 -30.70 5.41 21.95
N TYR D 39 -29.88 4.82 21.08
CA TYR D 39 -30.28 3.70 20.24
C TYR D 39 -29.67 2.43 20.82
N ILE D 40 -30.51 1.49 21.22
CA ILE D 40 -30.09 0.27 21.92
C ILE D 40 -29.95 -0.85 20.90
N MET D 41 -28.86 -1.62 21.02
CA MET D 41 -28.52 -2.70 20.12
C MET D 41 -29.04 -4.03 20.65
N PRO D 42 -29.19 -5.04 19.79
CA PRO D 42 -29.95 -6.23 20.19
C PRO D 42 -29.13 -7.51 20.34
N ASN D 43 -27.93 -7.47 20.91
CA ASN D 43 -27.12 -8.67 21.04
C ASN D 43 -27.11 -9.16 22.49
N LEU D 44 -28.32 -9.42 23.01
CA LEU D 44 -28.49 -10.05 24.30
C LEU D 44 -28.13 -11.53 24.21
N GLN D 45 -28.04 -12.19 25.37
CA GLN D 45 -27.43 -13.53 25.37
C GLN D 45 -28.35 -14.56 24.70
N PRO D 46 -29.63 -14.24 24.49
CA PRO D 46 -30.30 -14.73 23.29
C PRO D 46 -30.63 -13.57 22.37
N PRO D 47 -30.41 -13.69 21.06
CA PRO D 47 -30.58 -12.54 20.17
C PRO D 47 -32.04 -12.15 20.06
N ILE D 48 -32.32 -10.88 20.36
CA ILE D 48 -33.70 -10.37 20.40
C ILE D 48 -34.35 -10.55 19.04
N THR D 49 -35.31 -11.48 18.97
CA THR D 49 -35.98 -11.77 17.70
C THR D 49 -37.49 -11.92 17.81
N THR D 50 -38.07 -11.92 19.00
CA THR D 50 -39.52 -11.94 19.16
C THR D 50 -40.01 -10.56 19.58
N LEU D 51 -41.30 -10.30 19.31
CA LEU D 51 -41.85 -8.97 19.52
C LEU D 51 -42.13 -8.71 21.00
N ASP D 52 -42.54 -9.74 21.74
CA ASP D 52 -42.79 -9.54 23.16
C ASP D 52 -41.51 -9.33 23.96
N ARG D 53 -40.34 -9.47 23.32
CA ARG D 53 -39.07 -9.28 24.02
C ARG D 53 -38.58 -7.84 23.89
N VAL D 54 -38.72 -7.23 22.71
CA VAL D 54 -38.35 -5.82 22.59
C VAL D 54 -39.28 -4.96 23.43
N ILE D 55 -40.48 -5.47 23.73
CA ILE D 55 -41.45 -4.70 24.49
C ILE D 55 -41.10 -4.70 25.97
N GLU D 56 -40.75 -5.87 26.52
CA GLU D 56 -40.36 -5.95 27.92
C GLU D 56 -38.97 -5.35 28.14
N TYR D 57 -38.10 -5.43 27.13
CA TYR D 57 -36.73 -4.95 27.29
C TYR D 57 -36.68 -3.43 27.39
N LYS D 58 -37.47 -2.73 26.57
CA LYS D 58 -37.51 -1.28 26.65
C LYS D 58 -38.16 -0.80 27.94
N LYS D 59 -39.14 -1.55 28.46
CA LYS D 59 -39.75 -1.18 29.72
C LYS D 59 -38.73 -1.24 30.86
N THR D 60 -37.94 -2.31 30.89
CA THR D 60 -36.88 -2.43 31.90
C THR D 60 -35.93 -1.24 31.83
N LEU D 61 -35.60 -0.79 30.62
CA LEU D 61 -34.67 0.32 30.46
C LEU D 61 -35.29 1.63 30.94
N GLN D 62 -36.61 1.80 30.79
CA GLN D 62 -37.27 3.00 31.28
C GLN D 62 -37.32 3.02 32.80
N LYS D 63 -37.49 1.85 33.42
CA LYS D 63 -37.58 1.76 34.88
C LYS D 63 -36.30 2.19 35.56
N LEU D 64 -35.18 2.24 34.84
CA LEU D 64 -33.88 2.56 35.41
C LEU D 64 -33.38 3.95 35.03
N ALA D 65 -33.64 4.40 33.81
CA ALA D 65 -33.31 5.76 33.37
C ALA D 65 -34.60 6.38 32.84
N PRO D 66 -35.44 6.94 33.71
CA PRO D 66 -36.80 7.30 33.29
C PRO D 66 -36.86 8.52 32.38
N LYS D 67 -35.87 9.41 32.43
CA LYS D 67 -35.85 10.58 31.57
C LYS D 67 -35.13 10.35 30.26
N THR D 68 -34.62 9.15 30.01
CA THR D 68 -33.82 8.87 28.83
C THR D 68 -34.69 8.27 27.72
N THR D 69 -34.44 8.70 26.49
CA THR D 69 -35.18 8.22 25.33
C THR D 69 -34.50 7.01 24.73
N PHE D 70 -35.28 5.95 24.48
CA PHE D 70 -34.75 4.67 24.01
C PHE D 70 -35.29 4.35 22.62
N LEU D 71 -34.45 3.74 21.80
CA LEU D 71 -34.80 3.37 20.42
C LEU D 71 -34.33 1.94 20.19
N MET D 72 -35.27 1.00 20.09
CA MET D 72 -34.97 -0.42 20.06
C MET D 72 -34.47 -0.86 18.68
N SER D 73 -34.12 -2.13 18.58
CA SER D 73 -33.69 -2.73 17.32
C SER D 73 -33.82 -4.25 17.41
N PHE D 74 -33.99 -4.88 16.26
CA PHE D 74 -34.00 -6.33 16.13
C PHE D 74 -32.63 -6.84 15.71
N TYR D 75 -32.37 -8.11 16.03
CA TYR D 75 -31.18 -8.81 15.56
C TYR D 75 -31.48 -9.43 14.19
N LEU D 76 -30.61 -9.18 13.22
CA LEU D 76 -30.81 -9.71 11.88
C LEU D 76 -30.45 -11.20 11.89
N SER D 77 -31.46 -12.05 11.83
CA SER D 77 -31.28 -13.49 11.75
C SER D 77 -32.52 -14.09 11.12
N LYS D 78 -32.43 -15.38 10.77
CA LYS D 78 -33.53 -16.03 10.06
C LYS D 78 -34.81 -16.10 10.89
N ASP D 79 -34.77 -15.72 12.16
CA ASP D 79 -35.98 -15.73 13.00
C ASP D 79 -36.99 -14.68 12.56
N LEU D 80 -36.55 -13.63 11.90
CA LEU D 80 -37.41 -12.49 11.60
C LEU D 80 -38.28 -12.78 10.38
N THR D 81 -39.57 -12.42 10.50
CA THR D 81 -40.53 -12.59 9.43
C THR D 81 -41.10 -11.24 9.01
N PRO D 82 -41.46 -11.08 7.72
CA PRO D 82 -42.11 -9.84 7.27
C PRO D 82 -43.34 -9.48 8.10
N ASP D 83 -43.92 -10.48 8.77
CA ASP D 83 -44.92 -10.22 9.80
C ASP D 83 -44.31 -9.42 10.94
N LEU D 84 -43.29 -10.00 11.58
CA LEU D 84 -42.61 -9.36 12.71
C LEU D 84 -42.02 -8.01 12.34
N ILE D 85 -41.76 -7.77 11.05
CA ILE D 85 -41.25 -6.47 10.63
C ILE D 85 -42.38 -5.44 10.62
N HIS D 86 -43.51 -5.79 10.00
CA HIS D 86 -44.61 -4.84 9.89
C HIS D 86 -45.33 -4.67 11.22
N GLU D 87 -45.48 -5.76 11.98
CA GLU D 87 -46.18 -5.68 13.26
C GLU D 87 -45.45 -4.76 14.23
N ALA D 88 -44.12 -4.86 14.30
CA ALA D 88 -43.36 -4.11 15.28
C ALA D 88 -43.18 -2.65 14.87
N ALA D 89 -42.99 -2.40 13.57
CA ALA D 89 -42.74 -1.04 13.10
C ALA D 89 -43.92 -0.13 13.38
N GLN D 90 -45.14 -0.64 13.18
CA GLN D 90 -46.34 0.15 13.42
C GLN D 90 -46.77 0.16 14.89
N GLN D 91 -46.36 -0.84 15.66
CA GLN D 91 -46.55 -0.84 17.10
C GLN D 91 -45.52 0.04 17.82
N HIS D 92 -44.74 0.81 17.08
CA HIS D 92 -43.71 1.70 17.63
C HIS D 92 -42.67 0.93 18.44
N ALA D 93 -42.47 -0.34 18.09
CA ALA D 93 -41.65 -1.21 18.93
C ALA D 93 -40.17 -1.07 18.61
N ILE D 94 -39.82 -0.89 17.34
CA ILE D 94 -38.43 -0.86 16.92
C ILE D 94 -38.21 0.27 15.94
N ARG D 95 -36.95 0.74 15.87
CA ARG D 95 -36.54 1.77 14.93
C ARG D 95 -35.67 1.23 13.80
N GLY D 96 -35.05 0.07 13.96
CA GLY D 96 -34.24 -0.49 12.90
C GLY D 96 -33.84 -1.91 13.21
N VAL D 97 -33.05 -2.48 12.32
CA VAL D 97 -32.50 -3.83 12.50
C VAL D 97 -31.00 -3.80 12.26
N KCX D 98 -30.24 -4.42 13.17
CA KCX D 98 -28.78 -4.42 13.11
CB KCX D 98 -28.21 -4.05 14.48
CG KCX D 98 -26.79 -4.52 14.76
CD KCX D 98 -25.74 -3.59 14.19
CE KCX D 98 -24.36 -3.89 14.79
NZ KCX D 98 -24.35 -3.68 16.27
C KCX D 98 -28.24 -5.76 12.63
O KCX D 98 -28.74 -6.82 13.00
CX KCX D 98 -23.20 -3.52 16.92
OQ1 KCX D 98 -22.11 -3.54 16.31
OQ2 KCX D 98 -23.21 -3.34 18.15
N CYS D 99 -27.18 -5.72 11.82
CA CYS D 99 -26.61 -6.93 11.24
C CYS D 99 -25.26 -7.30 11.86
N TYR D 100 -25.14 -8.54 12.33
CA TYR D 100 -23.90 -9.06 12.89
C TYR D 100 -23.36 -10.19 12.04
N PRO D 101 -22.28 -9.99 11.28
CA PRO D 101 -21.61 -11.13 10.64
C PRO D 101 -21.01 -12.07 11.68
N ALA D 102 -21.03 -13.36 11.37
CA ALA D 102 -20.77 -14.39 12.37
C ALA D 102 -19.29 -14.44 12.75
N GLY D 103 -19.04 -14.67 14.03
CA GLY D 103 -17.70 -14.89 14.54
C GLY D 103 -16.84 -13.64 14.66
N VAL D 104 -17.35 -12.48 14.26
CA VAL D 104 -16.51 -11.29 14.18
C VAL D 104 -16.46 -10.52 15.50
N THR D 105 -17.54 -10.52 16.27
CA THR D 105 -17.63 -9.72 17.49
C THR D 105 -18.42 -10.49 18.54
N THR D 106 -18.53 -9.88 19.72
CA THR D 106 -19.07 -10.59 20.89
C THR D 106 -20.58 -10.83 20.74
N ASN D 107 -21.01 -12.03 21.12
CA ASN D 107 -22.40 -12.46 20.97
C ASN D 107 -22.91 -12.23 19.56
N SER D 108 -22.09 -12.61 18.58
CA SER D 108 -22.47 -12.57 17.19
C SER D 108 -22.20 -13.89 16.47
N ALA D 109 -21.75 -14.93 17.18
CA ALA D 109 -21.60 -16.24 16.57
C ALA D 109 -22.95 -16.79 16.10
N ALA D 110 -24.02 -16.43 16.80
CA ALA D 110 -25.38 -16.77 16.37
C ALA D 110 -25.90 -15.68 15.42
N GLY D 111 -25.11 -15.39 14.40
CA GLY D 111 -25.38 -14.32 13.47
C GLY D 111 -25.38 -14.82 12.03
N VAL D 112 -25.18 -13.87 11.12
CA VAL D 112 -25.31 -14.12 9.70
C VAL D 112 -23.94 -14.34 9.06
N ASP D 113 -23.96 -14.85 7.84
CA ASP D 113 -22.81 -14.90 6.94
C ASP D 113 -22.89 -13.72 5.98
N PRO D 114 -21.86 -12.88 5.92
CA PRO D 114 -22.00 -11.61 5.19
C PRO D 114 -21.69 -11.71 3.72
N ASN D 115 -21.65 -12.93 3.17
CA ASN D 115 -21.57 -13.12 1.73
C ASN D 115 -22.90 -13.51 1.11
N ASP D 116 -23.78 -14.16 1.88
CA ASP D 116 -25.10 -14.56 1.41
C ASP D 116 -26.14 -13.52 1.82
N PHE D 117 -25.95 -12.29 1.32
CA PHE D 117 -26.80 -11.18 1.70
C PHE D 117 -28.15 -11.20 1.00
N SER D 118 -28.26 -11.88 -0.15
CA SER D 118 -29.48 -11.82 -0.93
C SER D 118 -30.61 -12.63 -0.31
N ALA D 119 -30.30 -13.59 0.56
CA ALA D 119 -31.36 -14.38 1.18
C ALA D 119 -32.22 -13.53 2.10
N PHE D 120 -31.62 -12.52 2.75
CA PHE D 120 -32.35 -11.62 3.63
C PHE D 120 -33.08 -10.51 2.88
N TYR D 121 -32.99 -10.49 1.55
CA TYR D 121 -33.60 -9.42 0.77
C TYR D 121 -35.11 -9.27 1.01
N PRO D 122 -35.87 -10.31 1.34
CA PRO D 122 -37.24 -10.08 1.81
C PRO D 122 -37.35 -9.05 2.93
N ILE D 123 -36.40 -9.05 3.87
CA ILE D 123 -36.52 -8.18 5.04
C ILE D 123 -36.16 -6.74 4.68
N PHE D 124 -35.06 -6.54 3.95
CA PHE D 124 -34.67 -5.19 3.54
C PHE D 124 -35.78 -4.53 2.74
N LYS D 125 -36.43 -5.30 1.86
CA LYS D 125 -37.54 -4.77 1.07
C LYS D 125 -38.68 -4.30 1.97
N ALA D 126 -39.01 -5.08 3.00
CA ALA D 126 -40.08 -4.69 3.91
C ALA D 126 -39.66 -3.51 4.78
N MET D 127 -38.39 -3.46 5.18
CA MET D 127 -37.91 -2.34 5.99
C MET D 127 -37.96 -1.03 5.21
N GLN D 128 -37.84 -1.10 3.88
CA GLN D 128 -37.75 0.12 3.08
C GLN D 128 -39.10 0.82 2.99
N GLU D 129 -40.16 0.07 2.66
CA GLU D 129 -41.48 0.68 2.55
C GLU D 129 -42.04 1.14 3.88
N GLU D 130 -41.47 0.67 4.99
CA GLU D 130 -41.85 1.14 6.32
C GLU D 130 -40.85 2.14 6.90
N ASN D 131 -39.87 2.56 6.09
CA ASN D 131 -38.91 3.61 6.48
C ASN D 131 -38.14 3.21 7.73
N LEU D 132 -37.45 2.08 7.65
CA LEU D 132 -36.61 1.60 8.73
C LEU D 132 -35.14 1.85 8.41
N VAL D 133 -34.29 1.59 9.40
CA VAL D 133 -32.86 1.80 9.31
C VAL D 133 -32.15 0.46 9.43
N LEU D 134 -31.08 0.28 8.64
CA LEU D 134 -30.35 -0.98 8.55
C LEU D 134 -28.94 -0.76 9.09
N ASN D 135 -28.70 -1.19 10.32
CA ASN D 135 -27.41 -0.99 10.98
C ASN D 135 -26.45 -2.11 10.60
N LEU D 136 -25.20 -1.74 10.34
CA LEU D 136 -24.22 -2.67 9.79
C LEU D 136 -22.94 -2.64 10.62
N HIS D 137 -22.57 -3.81 11.17
CA HIS D 137 -21.20 -4.06 11.60
C HIS D 137 -20.40 -4.42 10.36
N GLY D 138 -19.73 -3.42 9.78
CA GLY D 138 -19.15 -3.58 8.46
C GLY D 138 -17.81 -4.27 8.41
N GLU D 139 -17.79 -5.59 8.60
CA GLU D 139 -16.55 -6.36 8.55
C GLU D 139 -16.80 -7.71 7.89
N LYS D 140 -15.93 -8.07 6.95
CA LYS D 140 -15.93 -9.40 6.36
C LYS D 140 -15.44 -10.43 7.39
N PRO D 141 -15.69 -11.73 7.15
CA PRO D 141 -15.19 -12.74 8.08
C PRO D 141 -13.78 -13.21 7.70
N SER D 142 -12.88 -13.27 8.70
CA SER D 142 -11.46 -13.49 8.45
C SER D 142 -11.23 -14.76 7.63
N VAL D 143 -10.53 -14.61 6.51
CA VAL D 143 -10.33 -15.69 5.54
C VAL D 143 -8.84 -16.00 5.47
N HIS D 144 -8.51 -17.29 5.52
CA HIS D 144 -7.11 -17.71 5.60
C HIS D 144 -6.98 -19.08 4.96
N ASP D 145 -6.35 -19.15 3.79
CA ASP D 145 -6.16 -20.44 3.12
C ASP D 145 -5.05 -20.40 2.08
N GLY D 146 -5.06 -19.38 1.23
CA GLY D 146 -4.31 -19.44 -0.01
C GLY D 146 -5.27 -19.84 -1.12
N ASP D 147 -5.31 -19.07 -2.20
CA ASP D 147 -6.40 -19.13 -3.17
C ASP D 147 -7.71 -18.76 -2.48
N LYS D 148 -8.06 -17.47 -2.58
CA LYS D 148 -9.05 -16.70 -1.82
C LYS D 148 -8.28 -15.62 -1.06
N GLU D 149 -8.41 -14.38 -1.51
CA GLU D 149 -7.56 -13.31 -1.01
C GLU D 149 -7.73 -13.14 0.50
N PRO D 150 -6.64 -13.02 1.26
CA PRO D 150 -6.77 -12.94 2.72
C PRO D 150 -7.37 -11.62 3.16
N ILE D 151 -8.26 -11.71 4.15
CA ILE D 151 -8.77 -10.52 4.84
C ILE D 151 -8.62 -10.75 6.35
N HIS D 152 -8.27 -9.69 7.06
CA HIS D 152 -7.84 -9.78 8.45
C HIS D 152 -8.40 -8.58 9.20
N VAL D 153 -8.01 -8.43 10.47
CA VAL D 153 -8.63 -7.43 11.34
C VAL D 153 -8.43 -6.02 10.81
N LEU D 154 -7.34 -5.77 10.08
CA LEU D 154 -7.08 -4.42 9.58
C LEU D 154 -7.90 -4.12 8.33
N ASN D 155 -8.02 -5.08 7.42
CA ASN D 155 -8.72 -4.85 6.15
C ASN D 155 -10.08 -5.55 6.11
N ALA D 156 -10.60 -6.02 7.25
CA ALA D 156 -11.93 -6.59 7.26
C ALA D 156 -13.00 -5.53 6.99
N GLU D 157 -12.78 -4.31 7.51
CA GLU D 157 -13.75 -3.25 7.28
C GLU D 157 -13.78 -2.81 5.82
N GLU D 158 -12.61 -2.75 5.18
CA GLU D 158 -12.56 -2.37 3.78
C GLU D 158 -13.11 -3.48 2.89
N ALA D 159 -12.87 -4.73 3.26
CA ALA D 159 -13.37 -5.85 2.47
C ALA D 159 -14.90 -5.90 2.45
N PHE D 160 -15.55 -5.30 3.45
CA PHE D 160 -17.00 -5.24 3.52
C PHE D 160 -17.58 -4.08 2.74
N LEU D 161 -16.74 -3.12 2.31
CA LEU D 161 -17.24 -1.95 1.60
C LEU D 161 -17.98 -2.27 0.30
N PRO D 162 -17.63 -3.30 -0.49
CA PRO D 162 -18.47 -3.65 -1.63
C PRO D 162 -19.90 -3.98 -1.23
N ALA D 163 -20.09 -4.66 -0.10
CA ALA D 163 -21.44 -5.02 0.33
C ALA D 163 -22.27 -3.78 0.62
N LEU D 164 -21.63 -2.69 1.06
CA LEU D 164 -22.37 -1.46 1.33
C LEU D 164 -22.89 -0.82 0.05
N LYS D 165 -22.19 -1.02 -1.07
CA LYS D 165 -22.64 -0.47 -2.34
C LYS D 165 -23.77 -1.31 -2.92
N LYS D 166 -23.61 -2.63 -2.90
CA LYS D 166 -24.64 -3.53 -3.41
C LYS D 166 -25.97 -3.32 -2.68
N LEU D 167 -25.92 -3.10 -1.36
CA LEU D 167 -27.14 -2.96 -0.59
C LEU D 167 -27.80 -1.61 -0.78
N HIS D 168 -27.02 -0.55 -1.02
CA HIS D 168 -27.61 0.74 -1.35
C HIS D 168 -28.12 0.76 -2.78
N ASN D 169 -27.45 0.03 -3.68
CA ASN D 169 -27.90 -0.06 -5.07
C ASN D 169 -29.27 -0.71 -5.16
N ASP D 170 -29.43 -1.87 -4.53
CA ASP D 170 -30.67 -2.62 -4.63
C ASP D 170 -31.80 -2.06 -3.76
N PHE D 171 -31.49 -1.13 -2.85
CA PHE D 171 -32.49 -0.56 -1.95
C PHE D 171 -32.20 0.93 -1.79
N PRO D 172 -32.43 1.72 -2.85
CA PRO D 172 -32.02 3.14 -2.80
C PRO D 172 -32.84 3.98 -1.85
N ASN D 173 -34.06 3.59 -1.52
CA ASN D 173 -34.91 4.35 -0.61
C ASN D 173 -34.67 3.97 0.85
N LEU D 174 -33.91 2.91 1.11
CA LEU D 174 -33.66 2.44 2.46
C LEU D 174 -32.60 3.28 3.15
N LYS D 175 -32.67 3.32 4.48
CA LYS D 175 -31.68 4.00 5.31
C LYS D 175 -30.70 2.98 5.87
N ILE D 176 -29.41 3.27 5.75
CA ILE D 176 -28.35 2.37 6.17
C ILE D 176 -27.27 3.16 6.88
N ILE D 177 -26.71 2.58 7.94
CA ILE D 177 -25.56 3.15 8.63
C ILE D 177 -24.47 2.10 8.71
N LEU D 178 -23.32 2.37 8.09
CA LEU D 178 -22.09 1.63 8.35
C LEU D 178 -21.63 2.02 9.75
N GLU D 179 -21.90 1.17 10.73
CA GLU D 179 -21.70 1.55 12.12
C GLU D 179 -20.24 1.42 12.53
N HIS D 180 -19.88 2.18 13.56
CA HIS D 180 -18.52 2.34 14.08
C HIS D 180 -17.44 2.29 13.00
N CYS D 181 -17.23 3.40 12.30
CA CYS D 181 -16.20 3.46 11.27
C CYS D 181 -14.81 3.51 11.91
N THR D 182 -13.85 2.84 11.27
CA THR D 182 -12.48 2.78 11.76
C THR D 182 -11.43 3.01 10.71
N SER D 183 -11.66 2.64 9.45
CA SER D 183 -10.68 2.78 8.39
C SER D 183 -10.99 4.01 7.54
N GLU D 184 -9.94 4.59 6.95
CA GLU D 184 -10.13 5.72 6.04
C GLU D 184 -10.93 5.31 4.81
N SER D 185 -10.68 4.10 4.30
CA SER D 185 -11.39 3.63 3.11
C SER D 185 -12.90 3.72 3.28
N ALA D 186 -13.40 3.39 4.48
CA ALA D 186 -14.83 3.50 4.72
C ALA D 186 -15.26 4.96 4.75
N ILE D 187 -14.43 5.84 5.34
CA ILE D 187 -14.75 7.26 5.36
C ILE D 187 -14.82 7.81 3.94
N LYS D 188 -13.87 7.43 3.10
CA LYS D 188 -13.88 7.86 1.70
C LYS D 188 -15.14 7.37 0.99
N THR D 189 -15.46 6.08 1.16
CA THR D 189 -16.62 5.50 0.49
C THR D 189 -17.91 6.20 0.88
N ILE D 190 -17.96 6.85 2.04
CA ILE D 190 -19.16 7.55 2.45
C ILE D 190 -19.28 8.89 1.73
N GLU D 191 -18.20 9.69 1.76
CA GLU D 191 -18.21 10.99 1.10
C GLU D 191 -18.61 10.87 -0.36
N ASP D 192 -18.14 9.83 -1.04
CA ASP D 192 -18.47 9.63 -2.44
C ASP D 192 -19.95 9.31 -2.61
N ILE D 193 -20.50 8.47 -1.72
CA ILE D 193 -21.94 8.24 -1.73
C ILE D 193 -22.69 9.55 -1.56
N ASN D 194 -22.28 10.35 -0.58
CA ASN D 194 -22.97 11.59 -0.21
C ASN D 194 -22.32 12.83 -0.80
N LYS D 195 -21.94 12.78 -2.08
CA LYS D 195 -21.38 13.95 -2.72
C LYS D 195 -22.46 14.89 -3.23
N ASN D 196 -23.60 14.35 -3.68
CA ASN D 196 -24.73 15.15 -4.10
C ASN D 196 -25.68 15.45 -2.94
N VAL D 197 -25.11 15.86 -1.81
CA VAL D 197 -25.87 16.12 -0.59
C VAL D 197 -26.00 17.63 -0.43
N LYS D 198 -27.24 18.10 -0.33
CA LYS D 198 -27.55 19.52 -0.22
C LYS D 198 -27.94 19.91 1.20
N LYS D 199 -28.91 19.22 1.79
CA LYS D 199 -29.24 19.38 3.20
C LYS D 199 -29.37 18.01 3.85
N ALA D 200 -29.54 18.02 5.18
CA ALA D 200 -29.35 16.81 5.97
C ALA D 200 -30.38 15.72 5.62
N THR D 201 -31.56 16.11 5.16
CA THR D 201 -32.60 15.11 4.90
C THR D 201 -32.37 14.35 3.60
N ASP D 202 -31.44 14.78 2.74
CA ASP D 202 -31.12 14.02 1.55
C ASP D 202 -30.31 12.77 1.89
N VAL D 203 -29.59 12.81 3.01
CA VAL D 203 -28.64 11.75 3.37
C VAL D 203 -29.42 10.48 3.71
N LYS D 204 -29.33 9.48 2.84
CA LYS D 204 -29.96 8.19 3.07
C LYS D 204 -28.99 7.14 3.62
N VAL D 205 -27.69 7.43 3.61
CA VAL D 205 -26.67 6.52 4.12
C VAL D 205 -25.65 7.36 4.89
N ALA D 206 -25.40 6.97 6.14
CA ALA D 206 -24.48 7.68 7.01
C ALA D 206 -23.57 6.67 7.70
N ALA D 207 -22.66 7.19 8.54
CA ALA D 207 -21.70 6.37 9.25
C ALA D 207 -21.79 6.85 10.69
N THR D 208 -21.38 5.97 11.61
CA THR D 208 -21.32 6.28 13.03
C THR D 208 -19.87 6.29 13.46
N LEU D 209 -19.54 7.09 14.47
CA LEU D 209 -18.17 7.22 14.95
C LEU D 209 -18.20 7.12 16.47
N THR D 210 -17.42 6.19 17.01
CA THR D 210 -17.29 6.06 18.45
C THR D 210 -16.42 7.18 19.00
N ALA D 211 -16.30 7.21 20.34
CA ALA D 211 -15.43 8.19 20.97
C ALA D 211 -13.98 7.74 20.98
N HIS D 212 -13.74 6.44 21.09
CA HIS D 212 -12.37 5.96 21.28
C HIS D 212 -11.61 5.82 19.97
N HIS D 213 -12.29 5.58 18.85
CA HIS D 213 -11.59 5.54 17.57
C HIS D 213 -11.04 6.89 17.18
N LEU D 214 -11.52 7.97 17.82
CA LEU D 214 -10.91 9.29 17.63
C LEU D 214 -9.67 9.49 18.48
N PHE D 215 -9.44 8.62 19.47
CA PHE D 215 -8.22 8.63 20.27
C PHE D 215 -7.27 7.50 19.91
N LEU D 216 -7.80 6.29 19.75
CA LEU D 216 -6.97 5.09 19.77
C LEU D 216 -6.26 4.84 18.45
N THR D 217 -5.11 4.19 18.54
CA THR D 217 -4.38 3.67 17.41
C THR D 217 -4.09 2.20 17.72
N ILE D 218 -3.54 1.48 16.74
CA ILE D 218 -3.14 0.09 17.00
C ILE D 218 -2.16 0.04 18.16
N ASP D 219 -1.36 1.10 18.34
CA ASP D 219 -0.35 1.14 19.38
C ASP D 219 -0.93 1.26 20.78
N ASP D 220 -2.22 1.55 20.93
CA ASP D 220 -2.84 1.69 22.24
C ASP D 220 -3.53 0.43 22.74
N TRP D 221 -3.80 -0.54 21.86
CA TRP D 221 -4.47 -1.76 22.26
C TRP D 221 -3.64 -3.02 22.04
N ALA D 222 -2.41 -2.90 21.55
CA ALA D 222 -1.55 -4.06 21.34
C ALA D 222 -1.33 -4.80 22.65
N GLY D 223 -0.81 -4.11 23.66
CA GLY D 223 -0.53 -4.71 24.95
C GLY D 223 -1.61 -4.54 26.00
N ASN D 224 -2.66 -3.79 25.71
CA ASN D 224 -3.70 -3.50 26.71
C ASN D 224 -5.07 -3.96 26.22
N PRO D 225 -5.61 -5.04 26.79
CA PRO D 225 -6.94 -5.52 26.34
C PRO D 225 -8.06 -4.51 26.56
N VAL D 226 -7.89 -3.55 27.48
CA VAL D 226 -8.97 -2.61 27.78
C VAL D 226 -9.29 -1.70 26.60
N ASN D 227 -8.35 -1.50 25.68
CA ASN D 227 -8.58 -0.69 24.49
C ASN D 227 -8.92 -1.54 23.27
N PHE D 228 -9.12 -2.84 23.45
CA PHE D 228 -9.40 -3.75 22.35
C PHE D 228 -10.90 -3.81 22.08
N CYS D 229 -11.28 -3.64 20.83
CA CYS D 229 -12.67 -3.69 20.41
C CYS D 229 -12.74 -4.11 18.96
N LYS D 230 -13.95 -4.40 18.50
CA LYS D 230 -14.20 -4.65 17.08
C LYS D 230 -15.11 -3.56 16.52
N PRO D 231 -14.74 -2.92 15.41
CA PRO D 231 -13.49 -3.16 14.67
C PRO D 231 -12.27 -2.58 15.38
N VAL D 232 -11.13 -3.22 15.20
CA VAL D 232 -9.92 -2.80 15.90
C VAL D 232 -9.50 -1.42 15.43
N ALA D 233 -8.89 -0.66 16.34
CA ALA D 233 -8.36 0.66 16.00
C ALA D 233 -7.19 0.52 15.06
N LYS D 234 -7.30 1.13 13.87
CA LYS D 234 -6.30 0.95 12.83
C LYS D 234 -5.11 1.89 13.01
N LEU D 235 -4.53 2.35 11.92
CA LEU D 235 -3.23 3.01 11.91
C LEU D 235 -3.38 4.51 12.10
N PRO D 236 -2.28 5.23 12.41
CA PRO D 236 -2.38 6.68 12.61
C PRO D 236 -2.98 7.43 11.43
N ASN D 237 -2.79 6.92 10.22
CA ASN D 237 -3.45 7.52 9.06
C ASN D 237 -4.97 7.45 9.22
N ASP D 238 -5.49 6.27 9.56
CA ASP D 238 -6.94 6.08 9.63
C ASP D 238 -7.57 6.95 10.71
N LYS D 239 -6.85 7.21 11.80
CA LYS D 239 -7.38 8.07 12.85
C LYS D 239 -7.61 9.49 12.34
N LYS D 240 -6.63 10.04 11.62
CA LYS D 240 -6.76 11.37 11.04
C LYS D 240 -8.02 11.47 10.18
N ALA D 241 -8.37 10.38 9.48
CA ALA D 241 -9.53 10.38 8.62
C ALA D 241 -10.83 10.38 9.42
N LEU D 242 -10.84 9.75 10.60
CA LEU D 242 -12.02 9.78 11.44
C LEU D 242 -12.15 11.12 12.16
N VAL D 243 -11.04 11.65 12.67
CA VAL D 243 -11.07 12.97 13.31
C VAL D 243 -11.52 14.03 12.32
N LYS D 244 -11.03 13.96 11.08
CA LYS D 244 -11.42 14.92 10.06
C LYS D 244 -12.89 14.76 9.70
N ALA D 245 -13.39 13.52 9.64
CA ALA D 245 -14.78 13.29 9.26
C ALA D 245 -15.74 13.68 10.37
N ALA D 246 -15.30 13.62 11.63
CA ALA D 246 -16.18 13.96 12.73
C ALA D 246 -16.42 15.46 12.81
N VAL D 247 -15.36 16.26 12.69
CA VAL D 247 -15.47 17.70 12.82
C VAL D 247 -15.74 18.31 11.44
N SER D 248 -16.14 17.47 10.49
CA SER D 248 -16.35 17.95 9.13
C SER D 248 -17.57 18.85 9.02
N GLY D 249 -18.57 18.66 9.89
CA GLY D 249 -19.82 19.34 9.74
C GLY D 249 -20.75 18.74 8.70
N LYS D 250 -20.37 17.61 8.12
CA LYS D 250 -21.19 16.94 7.13
C LYS D 250 -22.29 16.13 7.82
N PRO D 251 -23.49 16.10 7.26
CA PRO D 251 -24.61 15.41 7.93
C PRO D 251 -24.47 13.90 7.98
N TYR D 252 -23.57 13.30 7.19
CA TYR D 252 -23.50 11.85 7.08
C TYR D 252 -22.52 11.20 8.05
N PHE D 253 -22.16 11.91 9.14
CA PHE D 253 -21.38 11.34 10.22
C PHE D 253 -21.94 11.87 11.54
N PHE D 254 -22.32 10.96 12.44
CA PHE D 254 -22.77 11.38 13.77
C PHE D 254 -22.32 10.35 14.81
N PHE D 255 -22.56 10.70 16.07
CA PHE D 255 -21.98 10.00 17.21
C PHE D 255 -22.70 8.69 17.49
N GLY D 256 -21.93 7.66 17.79
CA GLY D 256 -22.45 6.35 18.15
C GLY D 256 -21.39 5.57 18.91
N SER D 257 -21.44 5.63 20.24
CA SER D 257 -20.29 5.28 21.07
C SER D 257 -19.83 3.85 20.87
N ASP D 258 -20.74 2.94 20.53
CA ASP D 258 -20.46 1.50 20.61
C ASP D 258 -19.88 1.17 21.98
N SER D 259 -20.45 1.80 23.01
CA SER D 259 -19.93 1.69 24.37
C SER D 259 -20.36 0.33 24.94
N ALA D 260 -19.46 -0.63 24.84
CA ALA D 260 -19.73 -1.99 25.32
C ALA D 260 -19.22 -2.11 26.75
N PRO D 261 -20.06 -2.48 27.71
CA PRO D 261 -19.56 -2.68 29.08
C PRO D 261 -19.31 -4.14 29.41
N HIS D 262 -18.05 -4.49 29.69
CA HIS D 262 -17.67 -5.79 30.20
C HIS D 262 -17.09 -5.64 31.60
N PRO D 263 -17.27 -6.63 32.47
CA PRO D 263 -16.55 -6.61 33.74
C PRO D 263 -15.07 -6.88 33.53
N VAL D 264 -14.26 -6.38 34.47
CA VAL D 264 -12.81 -6.36 34.25
C VAL D 264 -12.26 -7.78 34.17
N GLN D 265 -12.93 -8.75 34.79
CA GLN D 265 -12.48 -10.14 34.65
C GLN D 265 -12.76 -10.72 33.28
N ASN D 266 -13.30 -9.92 32.34
CA ASN D 266 -13.42 -10.34 30.96
C ASN D 266 -12.34 -9.74 30.07
N LYS D 267 -11.74 -8.62 30.48
CA LYS D 267 -10.59 -8.06 29.79
C LYS D 267 -9.28 -8.67 30.26
N ALA D 268 -9.22 -9.09 31.52
CA ALA D 268 -8.02 -9.68 32.11
C ALA D 268 -7.92 -11.18 31.87
N ASN D 269 -8.30 -11.65 30.69
CA ASN D 269 -8.11 -13.04 30.31
C ASN D 269 -6.72 -13.22 29.71
N TYR D 270 -6.22 -14.45 29.77
CA TYR D 270 -5.00 -14.74 29.04
C TYR D 270 -5.27 -15.17 27.61
N GLU D 271 -6.52 -15.47 27.27
CA GLU D 271 -6.96 -15.57 25.88
C GLU D 271 -8.46 -15.34 25.84
N GLY D 272 -8.94 -14.94 24.67
CA GLY D 272 -10.36 -14.71 24.50
C GLY D 272 -10.87 -13.42 25.11
N VAL D 273 -10.07 -12.35 25.04
CA VAL D 273 -10.50 -11.06 25.60
C VAL D 273 -11.74 -10.58 24.87
N CYS D 274 -12.78 -10.27 25.64
CA CYS D 274 -14.03 -9.80 25.06
C CYS D 274 -13.85 -8.37 24.53
N ALA D 275 -14.17 -8.18 23.26
CA ALA D 275 -13.95 -6.89 22.61
C ALA D 275 -15.01 -5.89 23.05
N GLY D 276 -14.60 -4.63 23.14
CA GLY D 276 -15.50 -3.56 23.51
C GLY D 276 -14.91 -2.56 24.49
N VAL D 277 -15.22 -1.29 24.32
CA VAL D 277 -14.75 -0.22 25.18
C VAL D 277 -15.95 0.45 25.82
N TYR D 278 -15.95 0.54 27.15
CA TYR D 278 -17.01 1.25 27.86
C TYR D 278 -16.66 2.73 27.92
N SER D 279 -17.43 3.55 27.22
CA SER D 279 -17.24 4.99 27.21
C SER D 279 -18.52 5.74 27.56
N GLN D 280 -19.54 5.04 28.08
CA GLN D 280 -20.86 5.63 28.22
C GLN D 280 -20.90 6.68 29.34
N SER D 281 -20.15 6.46 30.41
CA SER D 281 -20.24 7.34 31.57
C SER D 281 -19.79 8.76 31.26
N PHE D 282 -19.01 8.96 30.21
CA PHE D 282 -18.48 10.28 29.87
C PHE D 282 -18.51 10.48 28.37
N ALA D 283 -19.58 10.01 27.72
CA ALA D 283 -19.63 9.96 26.26
C ALA D 283 -19.39 11.32 25.63
N ILE D 284 -20.06 12.34 26.14
CA ILE D 284 -19.96 13.68 25.56
C ILE D 284 -18.67 14.37 25.98
N PRO D 285 -18.23 14.28 27.25
CA PRO D 285 -16.92 14.85 27.59
C PRO D 285 -15.75 14.26 26.82
N TYR D 286 -15.85 13.01 26.34
CA TYR D 286 -14.82 12.51 25.44
C TYR D 286 -14.83 13.28 24.13
N ILE D 287 -16.00 13.34 23.48
CA ILE D 287 -16.14 14.03 22.20
C ILE D 287 -15.74 15.49 22.32
N ALA D 288 -15.98 16.10 23.48
CA ALA D 288 -15.60 17.50 23.69
C ALA D 288 -14.09 17.66 23.63
N GLN D 289 -13.34 16.71 24.19
CA GLN D 289 -11.89 16.86 24.26
C GLN D 289 -11.26 16.86 22.88
N VAL D 290 -11.73 16.00 21.99
CA VAL D 290 -11.20 15.96 20.63
C VAL D 290 -11.60 17.20 19.86
N PHE D 291 -12.88 17.57 19.92
CA PHE D 291 -13.36 18.73 19.19
C PHE D 291 -12.68 20.01 19.67
N GLU D 292 -12.40 20.11 20.97
CA GLU D 292 -11.69 21.28 21.47
C GLU D 292 -10.23 21.28 21.02
N GLU D 293 -9.64 20.10 20.82
CA GLU D 293 -8.25 20.02 20.36
C GLU D 293 -8.10 20.46 18.91
N GLN D 294 -9.18 20.41 18.13
CA GLN D 294 -9.13 20.67 16.70
C GLN D 294 -9.62 22.07 16.34
N ASN D 295 -9.85 22.93 17.34
CA ASN D 295 -10.44 24.25 17.15
C ASN D 295 -11.87 24.19 16.63
N ALA D 296 -12.32 22.99 16.24
CA ALA D 296 -13.58 22.82 15.54
C ALA D 296 -14.74 22.59 16.52
N LEU D 297 -14.83 23.46 17.52
CA LEU D 297 -15.88 23.31 18.53
C LEU D 297 -17.25 23.61 17.95
N GLU D 298 -17.37 24.68 17.17
CA GLU D 298 -18.67 25.13 16.67
C GLU D 298 -19.37 24.12 15.77
N ASN D 299 -18.74 22.99 15.46
CA ASN D 299 -19.35 21.92 14.68
C ASN D 299 -19.86 20.78 15.55
N LEU D 300 -19.66 20.89 16.87
CA LEU D 300 -19.94 19.78 17.77
C LEU D 300 -21.44 19.50 17.87
N LYS D 301 -22.24 20.55 18.05
CA LYS D 301 -23.65 20.36 18.39
C LYS D 301 -24.40 19.57 17.33
N GLY D 302 -24.01 19.70 16.06
CA GLY D 302 -24.64 18.90 15.03
C GLY D 302 -24.23 17.45 15.09
N PHE D 303 -22.95 17.20 15.37
CA PHE D 303 -22.43 15.83 15.41
C PHE D 303 -23.11 15.00 16.48
N VAL D 304 -23.19 15.53 17.70
CA VAL D 304 -23.69 14.74 18.83
C VAL D 304 -25.20 14.88 19.02
N SER D 305 -25.89 15.64 18.18
CA SER D 305 -27.32 15.83 18.38
C SER D 305 -28.07 16.00 17.07
N ASP D 306 -27.88 17.13 16.39
CA ASP D 306 -28.69 17.47 15.23
C ASP D 306 -28.64 16.39 14.16
N PHE D 307 -27.43 15.95 13.79
CA PHE D 307 -27.30 15.04 12.66
C PHE D 307 -27.93 13.69 12.94
N GLY D 308 -28.02 13.30 14.22
CA GLY D 308 -28.56 11.99 14.57
C GLY D 308 -30.07 11.99 14.66
N ILE D 309 -30.64 13.02 15.29
CA ILE D 309 -32.08 13.17 15.32
C ILE D 309 -32.61 13.38 13.90
N SER D 310 -31.92 14.22 13.13
CA SER D 310 -32.35 14.48 11.75
C SER D 310 -32.34 13.21 10.93
N PHE D 311 -31.34 12.34 11.13
CA PHE D 311 -31.27 11.10 10.37
C PHE D 311 -32.37 10.14 10.84
N TYR D 312 -32.40 9.82 12.12
CA TYR D 312 -33.37 8.86 12.63
C TYR D 312 -34.78 9.43 12.75
N GLU D 313 -34.96 10.73 12.49
CA GLU D 313 -36.28 11.33 12.39
C GLU D 313 -37.07 11.18 13.70
N VAL D 314 -36.42 11.53 14.81
CA VAL D 314 -37.07 11.45 16.12
C VAL D 314 -37.88 12.73 16.32
N LYS D 315 -39.20 12.59 16.37
CA LYS D 315 -40.06 13.74 16.61
C LYS D 315 -40.06 14.11 18.08
N ASP D 316 -40.38 15.38 18.36
CA ASP D 316 -40.36 15.90 19.72
C ASP D 316 -41.37 15.23 20.64
N SER D 317 -42.24 14.37 20.11
CA SER D 317 -43.32 13.79 20.90
C SER D 317 -42.98 12.44 21.51
N GLU D 318 -41.83 11.85 21.17
CA GLU D 318 -41.39 10.61 21.80
C GLU D 318 -40.24 10.82 22.78
N VAL D 319 -39.65 12.02 22.82
CA VAL D 319 -38.50 12.28 23.67
C VAL D 319 -38.95 12.22 25.13
N ALA D 320 -38.43 11.25 25.88
CA ALA D 320 -38.89 11.00 27.25
C ALA D 320 -38.52 12.12 28.21
N SER D 321 -37.78 13.13 27.77
CA SER D 321 -37.52 14.30 28.59
C SER D 321 -36.96 15.43 27.72
N SER D 322 -37.72 16.52 27.58
CA SER D 322 -37.25 17.67 26.84
C SER D 322 -36.27 18.49 27.68
N ASP D 323 -35.32 17.81 28.32
CA ASP D 323 -34.25 18.47 29.04
C ASP D 323 -33.05 18.66 28.12
N LYS D 324 -32.31 19.74 28.34
CA LYS D 324 -31.08 19.97 27.59
C LYS D 324 -29.89 19.36 28.33
N ALA D 325 -28.81 19.14 27.58
CA ALA D 325 -27.53 18.71 28.14
C ALA D 325 -26.52 19.82 27.91
N ILE D 326 -25.95 20.34 29.00
CA ILE D 326 -25.15 21.55 28.96
C ILE D 326 -23.72 21.19 29.36
N LEU D 327 -22.80 21.38 28.42
CA LEU D 327 -21.38 21.11 28.61
C LEU D 327 -20.69 22.35 29.19
N PHE D 328 -19.86 22.14 30.22
CA PHE D 328 -19.20 23.27 30.87
C PHE D 328 -17.75 22.93 31.22
N LYS D 329 -16.98 23.98 31.48
CA LYS D 329 -15.52 23.91 31.52
C LYS D 329 -15.03 23.77 32.96
N LYS D 330 -15.04 22.54 33.47
CA LYS D 330 -14.42 22.24 34.76
C LYS D 330 -13.68 20.91 34.65
N GLU D 331 -12.39 20.95 34.94
CA GLU D 331 -11.49 19.82 34.76
C GLU D 331 -11.85 18.71 35.73
N GLN D 332 -12.25 17.55 35.21
CA GLN D 332 -12.51 16.38 36.03
C GLN D 332 -11.48 15.29 35.73
N VAL D 333 -11.45 14.29 36.61
CA VAL D 333 -10.57 13.13 36.48
C VAL D 333 -11.44 11.90 36.30
N ILE D 334 -11.14 11.09 35.29
CA ILE D 334 -11.90 9.86 35.07
C ILE D 334 -11.51 8.84 36.12
N PRO D 335 -12.46 8.21 36.81
CA PRO D 335 -12.10 7.29 37.89
C PRO D 335 -11.34 6.06 37.39
N GLN D 336 -10.55 5.48 38.29
CA GLN D 336 -9.81 4.27 37.95
C GLN D 336 -10.75 3.13 37.59
N VAL D 337 -11.71 2.85 38.47
CA VAL D 337 -12.69 1.79 38.26
C VAL D 337 -14.08 2.40 38.26
N ILE D 338 -15.05 1.60 37.80
CA ILE D 338 -16.46 1.94 37.85
C ILE D 338 -17.18 0.73 38.43
N SER D 339 -17.63 0.84 39.67
CA SER D 339 -18.26 -0.27 40.37
C SER D 339 -19.69 0.08 40.75
N ASP D 340 -20.51 -0.96 40.87
CA ASP D 340 -21.82 -0.80 41.48
C ASP D 340 -21.79 -0.97 43.00
N GLY D 341 -20.66 -1.45 43.54
CA GLY D 341 -20.57 -1.74 44.95
C GLY D 341 -20.95 -3.15 45.34
N LYS D 342 -20.98 -4.08 44.39
CA LYS D 342 -21.43 -5.43 44.66
C LYS D 342 -20.57 -6.48 43.96
N ASP D 343 -20.91 -6.79 42.70
CA ASP D 343 -20.24 -7.85 41.97
C ASP D 343 -19.63 -7.42 40.65
N ILE D 344 -19.81 -6.18 40.22
CA ILE D 344 -19.47 -5.75 38.88
C ILE D 344 -18.56 -4.53 38.95
N SER D 345 -17.48 -4.55 38.17
CA SER D 345 -16.58 -3.41 38.04
C SER D 345 -16.11 -3.33 36.60
N ILE D 346 -16.41 -2.21 35.94
CA ILE D 346 -15.96 -1.95 34.58
C ILE D 346 -14.79 -0.98 34.63
N ILE D 347 -13.83 -1.16 33.74
CA ILE D 347 -12.74 -0.20 33.57
C ILE D 347 -13.17 0.82 32.52
N PRO D 348 -13.35 2.08 32.88
CA PRO D 348 -13.82 3.07 31.89
C PRO D 348 -12.72 3.44 30.92
N PHE D 349 -13.12 3.92 29.75
CA PHE D 349 -12.16 4.39 28.76
C PHE D 349 -11.40 5.59 29.31
N LYS D 350 -10.10 5.63 29.01
CA LYS D 350 -9.21 6.67 29.53
C LYS D 350 -9.29 6.75 31.05
N ALA D 351 -9.30 5.58 31.69
CA ALA D 351 -9.35 5.53 33.15
C ALA D 351 -8.13 6.19 33.75
N GLY D 352 -8.36 7.08 34.71
CA GLY D 352 -7.33 7.88 35.34
C GLY D 352 -7.09 9.20 34.63
N ASP D 353 -7.17 9.20 33.30
CA ASP D 353 -6.89 10.39 32.51
C ASP D 353 -7.76 11.57 32.95
N LYS D 354 -7.20 12.76 32.81
CA LYS D 354 -7.92 13.99 33.10
C LYS D 354 -8.77 14.40 31.90
N LEU D 355 -9.95 14.96 32.19
CA LEU D 355 -10.78 15.59 31.19
C LEU D 355 -10.81 17.10 31.41
N SER D 356 -11.25 17.83 30.39
CA SER D 356 -11.43 19.26 30.47
C SER D 356 -12.89 19.68 30.51
N TRP D 357 -13.82 18.75 30.37
CA TRP D 357 -15.22 19.09 30.17
C TRP D 357 -16.12 18.25 31.09
N SER D 358 -17.30 18.80 31.35
CA SER D 358 -18.29 18.16 32.22
C SER D 358 -19.68 18.47 31.67
N VAL D 359 -20.64 17.61 32.02
CA VAL D 359 -22.00 17.71 31.54
C VAL D 359 -22.95 17.92 32.71
N ARG D 360 -24.06 18.60 32.44
CA ARG D 360 -25.15 18.73 33.40
C ARG D 360 -26.45 18.85 32.61
N TRP D 361 -27.57 18.95 33.33
CA TRP D 361 -28.90 18.90 32.74
C TRP D 361 -29.74 20.08 33.19
N GLU D 362 -30.51 20.65 32.25
CA GLU D 362 -31.35 21.82 32.49
C GLU D 362 -32.62 21.72 31.65
N PRO D 363 -33.77 22.14 32.18
CA PRO D 363 -35.04 22.02 31.45
C PRO D 363 -35.20 23.04 30.32
N ARG D 364 -36.33 22.87 29.63
CA ARG D 364 -36.80 23.63 28.44
C ARG D 364 -37.56 24.89 28.86
N LEU D 365 -37.82 25.77 27.90
CA LEU D 365 -38.57 27.04 28.11
C LEU D 365 -39.90 26.97 27.36
ZN ZN E . 5.39 24.53 -15.12
ZN ZN F . 6.62 22.01 -12.80
C1 LMR G . 6.64 21.36 -16.17
O1A LMR G . 7.44 21.17 -15.22
O1B LMR G . 5.40 21.37 -15.94
C2 LMR G . 7.14 21.57 -17.60
O2 LMR G . 6.29 20.90 -18.51
C3 LMR G . 7.18 23.06 -17.93
C4 LMR G . 7.89 23.25 -19.27
O4A LMR G . 7.64 22.49 -20.23
O4B LMR G . 8.74 24.18 -19.42
ZN ZN H . 13.94 -11.98 22.61
ZN ZN I . 13.40 -8.68 20.58
C1 LMR J . 11.71 -9.72 23.08
O1A LMR J . 12.77 -10.36 22.85
O1B LMR J . 11.46 -8.70 22.39
C2 LMR J . 10.74 -10.18 24.17
O2 LMR J . 9.56 -10.69 23.58
C3 LMR J . 11.39 -11.27 25.02
C4 LMR J . 11.33 -10.89 26.50
O4A LMR J . 10.24 -10.92 27.12
O4B LMR J . 12.39 -10.55 27.10
ZN ZN K . 0.14 -9.33 -23.84
ZN ZN L . 2.15 -10.42 -26.80
C1 LMR M . 0.89 -7.34 -26.48
O1A LMR M . 1.46 -7.21 -25.37
O1B LMR M . 0.09 -8.29 -26.64
C2 LMR M . 1.16 -6.35 -27.62
O2 LMR M . 1.97 -5.29 -27.16
C3 LMR M . 1.87 -7.07 -28.76
C4 LMR M . 1.48 -6.48 -30.11
O4A LMR M . 1.02 -7.23 -31.03
O4B LMR M . 1.60 -5.24 -30.33
ZN ZN N . -19.86 -3.92 15.64
ZN ZN O . -21.80 -2.11 19.18
C1 LMR P . -19.20 -4.66 19.41
O1A LMR P . -18.30 -4.66 18.53
O1B LMR P . -20.15 -3.84 19.34
C2 LMR P . -19.14 -5.68 20.56
O2 LMR P . -17.80 -5.94 20.88
C3 LMR P . -19.89 -5.16 21.77
C4 LMR P . -20.24 -6.35 22.67
O4A LMR P . -21.38 -6.87 22.59
O4B LMR P . -19.38 -6.81 23.47
#